data_1PKU
#
_entry.id   1PKU
#
_cell.length_a   70.951
_cell.length_b   182.944
_cell.length_c   188.033
_cell.angle_alpha   90.00
_cell.angle_beta   90.00
_cell.angle_gamma   90.00
#
_symmetry.space_group_name_H-M   'P 21 21 21'
#
loop_
_entity.id
_entity.type
_entity.pdbx_description
1 polymer 'Nucleoside Diphosphate Kinase I'
2 water water
#
_entity_poly.entity_id   1
_entity_poly.type   'polypeptide(L)'
_entity_poly.pdbx_seq_one_letter_code
;RMEQSFIMIKPDGVQRGLIGDIISRFEKKGFYLRGMKFMNVERSFAQQHYADLSDKPFFPGLVEYIISGPVVAMVWEGKD
VVATGRRIIGATRPWEAAPGTIRADYAVEVGRNVIHGSDSVDNGKKEIALWFPEGLAEWRSNLHPWIYES
;
_entity_poly.pdbx_strand_id   A,B,C,D,E,F,G,H,I,J,K,L
#
# COMPACT_ATOMS: atom_id res chain seq x y z
N ARG A 1 44.99 0.24 41.14
CA ARG A 1 46.44 -0.09 40.98
C ARG A 1 46.54 -1.50 40.35
N MET A 2 46.68 -2.52 41.19
CA MET A 2 46.70 -3.90 40.71
C MET A 2 45.45 -4.51 41.32
N GLU A 3 44.47 -3.64 41.55
CA GLU A 3 43.19 -3.99 42.12
C GLU A 3 42.54 -5.12 41.33
N GLN A 4 41.79 -5.97 42.02
CA GLN A 4 41.12 -7.09 41.35
C GLN A 4 39.68 -7.09 41.81
N SER A 5 38.79 -7.57 40.95
CA SER A 5 37.38 -7.63 41.27
C SER A 5 36.84 -8.92 40.72
N PHE A 6 36.03 -9.61 41.52
CA PHE A 6 35.43 -10.88 41.12
C PHE A 6 34.21 -10.56 40.29
N ILE A 7 34.20 -11.02 39.04
CA ILE A 7 33.09 -10.80 38.10
C ILE A 7 32.46 -12.13 37.72
N MET A 8 31.17 -12.28 37.97
CA MET A 8 30.51 -13.55 37.64
C MET A 8 29.33 -13.42 36.69
N ILE A 9 29.31 -14.28 35.67
CA ILE A 9 28.21 -14.31 34.73
C ILE A 9 27.28 -15.38 35.28
N LYS A 10 26.12 -14.95 35.78
CA LYS A 10 25.13 -15.84 36.38
C LYS A 10 24.51 -16.81 35.39
N PRO A 11 23.77 -17.80 35.89
CA PRO A 11 23.12 -18.81 35.05
C PRO A 11 22.38 -18.23 33.84
N ASP A 12 21.55 -17.22 34.06
CA ASP A 12 20.79 -16.65 32.95
C ASP A 12 21.71 -16.01 31.92
N GLY A 13 22.91 -15.64 32.34
CA GLY A 13 23.86 -15.05 31.42
C GLY A 13 24.41 -16.06 30.44
N VAL A 14 24.58 -17.30 30.90
CA VAL A 14 25.11 -18.36 30.05
C VAL A 14 24.03 -18.88 29.09
N GLN A 15 22.83 -19.07 29.60
CA GLN A 15 21.73 -19.56 28.78
C GLN A 15 21.39 -18.62 27.65
N ARG A 16 21.71 -17.34 27.82
CA ARG A 16 21.40 -16.35 26.78
C ARG A 16 22.52 -16.01 25.83
N GLY A 17 23.58 -16.82 25.84
CA GLY A 17 24.69 -16.60 24.93
C GLY A 17 25.39 -15.26 25.07
N LEU A 18 25.61 -14.83 26.31
CA LEU A 18 26.25 -13.54 26.58
C LEU A 18 27.71 -13.61 27.03
N ILE A 19 28.21 -14.80 27.30
CA ILE A 19 29.60 -14.95 27.75
C ILE A 19 30.60 -14.10 26.96
N GLY A 20 30.69 -14.33 25.66
CA GLY A 20 31.61 -13.57 24.83
C GLY A 20 31.36 -12.07 24.85
N ASP A 21 30.10 -11.68 24.84
CA ASP A 21 29.74 -10.27 24.86
C ASP A 21 30.32 -9.58 26.09
N ILE A 22 30.00 -10.11 27.26
CA ILE A 22 30.48 -9.54 28.51
C ILE A 22 31.99 -9.49 28.54
N ILE A 23 32.64 -10.63 28.28
CA ILE A 23 34.10 -10.66 28.28
C ILE A 23 34.70 -9.60 27.36
N SER A 24 34.17 -9.48 26.15
CA SER A 24 34.70 -8.47 25.25
C SER A 24 34.65 -7.06 25.85
N ARG A 25 33.65 -6.80 26.70
CA ARG A 25 33.52 -5.50 27.32
C ARG A 25 34.69 -5.22 28.26
N PHE A 26 35.10 -6.22 29.03
CA PHE A 26 36.22 -6.03 29.94
C PHE A 26 37.55 -6.08 29.17
N GLU A 27 37.59 -6.87 28.11
CA GLU A 27 38.80 -6.96 27.28
C GLU A 27 39.06 -5.62 26.59
N LYS A 28 38.06 -5.14 25.86
CA LYS A 28 38.23 -3.89 25.14
C LYS A 28 38.57 -2.74 26.08
N LYS A 29 38.11 -2.85 27.33
CA LYS A 29 38.34 -1.81 28.34
C LYS A 29 39.81 -1.55 28.64
N GLY A 30 40.61 -2.61 28.63
CA GLY A 30 42.01 -2.49 28.94
C GLY A 30 42.32 -3.28 30.20
N PHE A 31 41.30 -3.81 30.85
CA PHE A 31 41.50 -4.59 32.07
C PHE A 31 42.13 -5.93 31.75
N TYR A 32 42.85 -6.48 32.74
CA TYR A 32 43.54 -7.76 32.59
C TYR A 32 42.76 -8.93 33.21
N LEU A 33 42.55 -9.98 32.43
CA LEU A 33 41.83 -11.18 32.88
C LEU A 33 42.82 -12.04 33.67
N ARG A 34 42.53 -12.31 34.95
CA ARG A 34 43.44 -13.12 35.77
C ARG A 34 42.90 -14.50 36.11
N GLY A 35 41.61 -14.70 35.95
CA GLY A 35 41.02 -15.99 36.27
C GLY A 35 39.71 -16.18 35.56
N MET A 36 39.39 -17.42 35.19
CA MET A 36 38.14 -17.70 34.51
C MET A 36 37.87 -19.18 34.43
N LYS A 37 36.67 -19.59 34.86
CA LYS A 37 36.25 -20.99 34.78
C LYS A 37 34.75 -21.15 34.61
N PHE A 38 34.35 -22.15 33.84
CA PHE A 38 32.93 -22.43 33.60
C PHE A 38 32.67 -23.55 34.57
N MET A 39 31.72 -23.35 35.47
CA MET A 39 31.46 -24.36 36.50
C MET A 39 30.01 -24.42 37.00
N ASN A 40 29.69 -25.53 37.66
CA ASN A 40 28.37 -25.72 38.25
C ASN A 40 28.56 -25.45 39.73
N VAL A 41 27.70 -24.63 40.31
CA VAL A 41 27.85 -24.32 41.72
C VAL A 41 27.13 -25.34 42.62
N GLU A 42 27.91 -25.93 43.53
CA GLU A 42 27.37 -26.88 44.48
C GLU A 42 26.72 -26.08 45.61
N ARG A 43 25.61 -26.58 46.13
CA ARG A 43 24.86 -25.92 47.20
C ARG A 43 25.69 -25.42 48.37
N SER A 44 26.49 -26.30 48.97
CA SER A 44 27.30 -25.93 50.13
C SER A 44 28.14 -24.69 49.80
N PHE A 45 28.64 -24.63 48.58
CA PHE A 45 29.45 -23.52 48.14
C PHE A 45 28.57 -22.25 48.01
N ALA A 46 27.43 -22.38 47.35
CA ALA A 46 26.52 -21.25 47.19
C ALA A 46 26.23 -20.65 48.56
N GLN A 47 26.07 -21.50 49.57
CA GLN A 47 25.76 -21.03 50.91
C GLN A 47 26.91 -20.24 51.49
N GLN A 48 28.13 -20.60 51.07
CA GLN A 48 29.34 -19.92 51.51
C GLN A 48 29.48 -18.60 50.78
N HIS A 49 29.08 -18.59 49.51
CA HIS A 49 29.18 -17.35 48.76
C HIS A 49 28.18 -16.35 49.27
N TYR A 50 27.00 -16.83 49.65
CA TYR A 50 25.95 -15.96 50.16
C TYR A 50 25.89 -15.90 51.70
N ALA A 51 26.88 -16.48 52.36
CA ALA A 51 26.91 -16.50 53.82
C ALA A 51 26.55 -15.18 54.48
N ASP A 52 27.19 -14.08 54.05
CA ASP A 52 26.92 -12.78 54.65
C ASP A 52 25.44 -12.37 54.62
N LEU A 53 24.59 -13.20 54.02
CA LEU A 53 23.17 -12.91 53.96
C LEU A 53 22.39 -14.11 54.50
N SER A 54 23.11 -15.10 55.00
CA SER A 54 22.51 -16.32 55.50
C SER A 54 21.31 -16.16 56.44
N ASP A 55 21.03 -14.93 56.87
CA ASP A 55 19.90 -14.70 57.76
C ASP A 55 18.77 -13.89 57.12
N LYS A 56 18.84 -13.70 55.82
CA LYS A 56 17.81 -12.96 55.11
C LYS A 56 16.80 -13.94 54.47
N PRO A 57 15.52 -13.55 54.44
CA PRO A 57 14.41 -14.32 53.88
C PRO A 57 14.60 -14.84 52.45
N PHE A 58 15.37 -14.11 51.64
CA PHE A 58 15.58 -14.52 50.25
C PHE A 58 16.86 -15.34 50.02
N PHE A 59 17.57 -15.65 51.11
CA PHE A 59 18.79 -16.43 51.04
C PHE A 59 18.57 -17.74 50.27
N PRO A 60 17.61 -18.58 50.70
CA PRO A 60 17.35 -19.85 50.01
C PRO A 60 17.12 -19.69 48.49
N GLY A 61 16.42 -18.62 48.09
CA GLY A 61 16.18 -18.39 46.67
C GLY A 61 17.48 -18.04 45.97
N LEU A 62 18.28 -17.21 46.62
CA LEU A 62 19.56 -16.81 46.07
C LEU A 62 20.49 -18.02 45.90
N VAL A 63 20.38 -18.98 46.82
CA VAL A 63 21.21 -20.19 46.77
C VAL A 63 20.70 -21.11 45.68
N GLU A 64 19.40 -21.38 45.70
CA GLU A 64 18.79 -22.27 44.73
C GLU A 64 19.08 -21.87 43.29
N TYR A 65 18.94 -20.57 43.03
CA TYR A 65 19.14 -20.02 41.70
C TYR A 65 20.54 -20.30 41.14
N ILE A 66 21.56 -19.80 41.82
CA ILE A 66 22.95 -19.96 41.43
C ILE A 66 23.35 -21.43 41.22
N ILE A 67 22.49 -22.34 41.65
CA ILE A 67 22.76 -23.77 41.51
C ILE A 67 22.07 -24.38 40.30
N SER A 68 21.11 -23.65 39.76
CA SER A 68 20.31 -24.14 38.64
C SER A 68 20.95 -24.05 37.28
N GLY A 69 22.22 -23.72 37.20
CA GLY A 69 22.84 -23.63 35.90
C GLY A 69 24.29 -23.24 36.01
N PRO A 70 25.12 -23.67 35.05
CA PRO A 70 26.53 -23.29 35.18
C PRO A 70 26.71 -21.77 35.11
N VAL A 71 27.87 -21.32 35.58
CA VAL A 71 28.20 -19.91 35.59
C VAL A 71 29.65 -19.75 35.16
N VAL A 72 30.03 -18.51 34.87
CA VAL A 72 31.40 -18.21 34.51
C VAL A 72 31.96 -17.30 35.59
N ALA A 73 32.97 -17.80 36.30
CA ALA A 73 33.59 -17.03 37.36
C ALA A 73 34.89 -16.43 36.83
N MET A 74 35.09 -15.13 37.08
CA MET A 74 36.28 -14.46 36.60
C MET A 74 36.90 -13.48 37.59
N VAL A 75 38.14 -13.11 37.30
CA VAL A 75 38.87 -12.14 38.08
C VAL A 75 39.53 -11.15 37.09
N TRP A 76 39.19 -9.87 37.24
CA TRP A 76 39.74 -8.85 36.36
C TRP A 76 40.61 -7.87 37.15
N GLU A 77 41.69 -7.43 36.52
CA GLU A 77 42.64 -6.54 37.17
C GLU A 77 42.86 -5.21 36.46
N GLY A 78 43.02 -4.15 37.23
CA GLY A 78 43.22 -2.85 36.62
C GLY A 78 42.86 -1.72 37.55
N LYS A 79 43.24 -0.51 37.17
CA LYS A 79 42.94 0.64 37.99
C LYS A 79 41.44 0.79 38.13
N ASP A 80 40.97 0.75 39.36
CA ASP A 80 39.54 0.91 39.66
C ASP A 80 38.66 -0.17 39.06
N VAL A 81 39.10 -1.43 39.11
CA VAL A 81 38.32 -2.53 38.55
C VAL A 81 37.01 -2.68 39.30
N VAL A 82 37.10 -2.71 40.63
CA VAL A 82 35.92 -2.90 41.46
C VAL A 82 34.78 -1.93 41.09
N ALA A 83 34.95 -0.64 41.39
CA ALA A 83 33.95 0.39 41.11
C ALA A 83 33.61 0.57 39.64
N THR A 84 34.61 0.48 38.76
CA THR A 84 34.33 0.64 37.34
C THR A 84 33.56 -0.57 36.83
N GLY A 85 33.77 -1.71 37.50
CA GLY A 85 33.09 -2.94 37.13
C GLY A 85 31.63 -2.71 37.46
N ARG A 86 31.40 -2.15 38.64
CA ARG A 86 30.07 -1.83 39.13
C ARG A 86 29.39 -0.88 38.15
N ARG A 87 30.16 0.07 37.60
CA ARG A 87 29.63 1.03 36.63
C ARG A 87 29.24 0.36 35.31
N ILE A 88 30.19 -0.39 34.74
CA ILE A 88 29.97 -1.10 33.47
C ILE A 88 28.75 -2.00 33.58
N ILE A 89 28.72 -2.79 34.65
CA ILE A 89 27.62 -3.72 34.90
C ILE A 89 26.29 -2.99 34.96
N GLY A 90 26.20 -1.96 35.79
CA GLY A 90 24.96 -1.22 35.85
C GLY A 90 24.18 -1.39 37.13
N ALA A 91 23.17 -0.54 37.30
CA ALA A 91 22.33 -0.57 38.48
C ALA A 91 21.62 -1.91 38.67
N THR A 92 21.35 -2.28 39.93
CA THR A 92 20.71 -3.53 40.25
C THR A 92 19.51 -3.80 39.37
N ARG A 93 18.62 -2.82 39.31
CA ARG A 93 17.43 -2.97 38.49
C ARG A 93 17.76 -2.61 37.05
N PRO A 94 17.60 -3.57 36.13
CA PRO A 94 17.92 -3.29 34.73
C PRO A 94 17.23 -2.02 34.24
N TRP A 95 15.96 -1.83 34.61
CA TRP A 95 15.23 -0.65 34.15
C TRP A 95 15.64 0.65 34.83
N GLU A 96 16.73 0.62 35.57
CA GLU A 96 17.24 1.82 36.23
C GLU A 96 18.70 2.03 35.84
N ALA A 97 19.29 1.04 35.17
CA ALA A 97 20.69 1.12 34.74
C ALA A 97 20.85 2.04 33.54
N ALA A 98 21.96 2.77 33.54
CA ALA A 98 22.26 3.69 32.47
C ALA A 98 22.43 2.99 31.14
N PRO A 99 21.88 3.56 30.07
CA PRO A 99 22.07 2.88 28.78
C PRO A 99 23.58 2.80 28.60
N GLY A 100 24.07 1.71 28.00
CA GLY A 100 25.49 1.55 27.83
C GLY A 100 26.03 0.49 28.79
N THR A 101 25.34 0.26 29.89
CA THR A 101 25.76 -0.74 30.86
C THR A 101 25.26 -2.12 30.44
N ILE A 102 25.79 -3.15 31.06
CA ILE A 102 25.39 -4.51 30.73
C ILE A 102 23.93 -4.80 31.04
N ARG A 103 23.47 -4.37 32.19
CA ARG A 103 22.09 -4.60 32.56
C ARG A 103 21.13 -3.74 31.76
N ALA A 104 21.58 -2.58 31.33
CA ALA A 104 20.73 -1.68 30.57
C ALA A 104 20.51 -2.19 29.15
N ASP A 105 21.46 -2.93 28.62
CA ASP A 105 21.35 -3.44 27.27
C ASP A 105 20.97 -4.91 27.21
N TYR A 106 21.16 -5.62 28.32
CA TYR A 106 20.89 -7.06 28.33
C TYR A 106 19.87 -7.64 29.31
N ALA A 107 19.53 -6.93 30.37
CA ALA A 107 18.59 -7.46 31.34
C ALA A 107 17.22 -6.80 31.39
N VAL A 108 16.23 -7.50 31.95
CA VAL A 108 14.89 -6.94 32.08
C VAL A 108 14.46 -6.89 33.54
N GLU A 109 14.77 -7.95 34.29
CA GLU A 109 14.39 -8.02 35.71
C GLU A 109 15.58 -8.20 36.65
N VAL A 110 15.40 -7.82 37.92
CA VAL A 110 16.46 -7.93 38.91
C VAL A 110 16.89 -9.35 39.23
N GLY A 111 15.90 -10.25 39.35
CA GLY A 111 16.19 -11.64 39.68
C GLY A 111 16.90 -12.38 38.57
N ARG A 112 17.18 -11.66 37.49
CA ARG A 112 17.89 -12.21 36.34
C ARG A 112 18.61 -11.08 35.64
N ASN A 113 19.54 -10.49 36.37
CA ASN A 113 20.33 -9.37 35.89
C ASN A 113 21.68 -9.74 35.27
N VAL A 114 21.74 -10.98 34.76
CA VAL A 114 22.90 -11.50 34.03
C VAL A 114 24.31 -11.57 34.61
N ILE A 115 24.65 -10.72 35.57
CA ILE A 115 26.01 -10.76 36.07
C ILE A 115 26.20 -10.13 37.45
N HIS A 116 27.25 -10.56 38.14
CA HIS A 116 27.58 -10.06 39.48
C HIS A 116 28.96 -9.44 39.46
N GLY A 117 29.17 -8.47 40.34
CA GLY A 117 30.45 -7.81 40.43
C GLY A 117 30.72 -7.36 41.86
N SER A 118 31.91 -7.66 42.36
CA SER A 118 32.27 -7.26 43.72
C SER A 118 31.85 -5.83 43.98
N ASP A 119 31.43 -5.52 45.21
CA ASP A 119 30.98 -4.17 45.53
C ASP A 119 31.98 -3.32 46.29
N SER A 120 33.14 -3.88 46.60
CA SER A 120 34.16 -3.14 47.34
C SER A 120 35.48 -3.88 47.30
N VAL A 121 36.58 -3.15 47.36
CA VAL A 121 37.88 -3.79 47.32
C VAL A 121 37.99 -4.96 48.32
N ASP A 122 37.58 -4.75 49.57
CA ASP A 122 37.64 -5.84 50.57
C ASP A 122 36.73 -7.00 50.18
N ASN A 123 35.54 -6.71 49.64
CA ASN A 123 34.66 -7.81 49.24
C ASN A 123 35.25 -8.56 48.05
N GLY A 124 35.94 -7.83 47.18
CA GLY A 124 36.54 -8.47 46.03
C GLY A 124 37.60 -9.41 46.53
N LYS A 125 38.36 -8.97 47.53
CA LYS A 125 39.42 -9.81 48.07
C LYS A 125 38.85 -11.10 48.64
N LYS A 126 37.72 -11.00 49.35
CA LYS A 126 37.08 -12.21 49.89
C LYS A 126 36.64 -13.09 48.71
N GLU A 127 35.79 -12.51 47.85
CA GLU A 127 35.28 -13.24 46.72
C GLU A 127 36.35 -13.98 45.94
N ILE A 128 37.48 -13.32 45.71
CA ILE A 128 38.59 -13.96 45.01
C ILE A 128 39.16 -15.16 45.80
N ALA A 129 39.32 -15.00 47.11
CA ALA A 129 39.87 -16.07 47.93
C ALA A 129 38.90 -17.27 48.03
N LEU A 130 37.61 -17.00 47.83
CA LEU A 130 36.60 -18.03 47.91
C LEU A 130 36.48 -18.87 46.63
N TRP A 131 36.52 -18.22 45.48
CA TRP A 131 36.38 -18.93 44.21
C TRP A 131 37.66 -19.32 43.54
N PHE A 132 38.75 -18.67 43.91
CA PHE A 132 40.03 -18.96 43.31
C PHE A 132 41.08 -19.24 44.36
N PRO A 133 40.80 -20.21 45.23
CA PRO A 133 41.82 -20.48 46.24
C PRO A 133 43.08 -20.98 45.53
N GLU A 134 42.89 -21.68 44.41
CA GLU A 134 44.01 -22.25 43.66
C GLU A 134 44.92 -21.21 42.99
N GLY A 135 44.63 -19.93 43.17
CA GLY A 135 45.47 -18.91 42.56
C GLY A 135 45.02 -18.40 41.22
N LEU A 136 45.76 -17.43 40.69
CA LEU A 136 45.42 -16.82 39.41
C LEU A 136 46.50 -17.04 38.36
N ALA A 137 46.16 -16.71 37.12
CA ALA A 137 47.08 -16.85 35.99
C ALA A 137 48.00 -15.63 35.97
N GLU A 138 49.26 -15.83 35.63
CA GLU A 138 50.20 -14.73 35.61
C GLU A 138 50.69 -14.32 34.22
N TRP A 139 50.56 -13.04 33.90
CA TRP A 139 51.00 -12.50 32.60
C TRP A 139 51.14 -10.98 32.58
N ARG A 140 51.94 -10.47 31.65
CA ARG A 140 52.14 -9.04 31.47
C ARG A 140 51.67 -8.69 30.07
N SER A 141 50.75 -7.74 29.96
CA SER A 141 50.26 -7.32 28.66
C SER A 141 51.30 -6.45 27.96
N ASN A 142 51.52 -6.73 26.68
CA ASN A 142 52.47 -5.93 25.91
C ASN A 142 51.92 -4.52 25.76
N LEU A 143 50.60 -4.37 25.74
CA LEU A 143 50.00 -3.06 25.60
C LEU A 143 49.99 -2.30 26.93
N HIS A 144 50.54 -2.91 27.99
CA HIS A 144 50.54 -2.26 29.31
C HIS A 144 50.99 -0.79 29.29
N PRO A 145 52.17 -0.52 28.74
CA PRO A 145 52.64 0.86 28.69
C PRO A 145 51.75 1.81 27.88
N TRP A 146 50.76 1.28 27.17
CA TRP A 146 49.87 2.14 26.40
C TRP A 146 48.50 2.32 27.04
N ILE A 147 48.28 1.67 28.18
CA ILE A 147 47.01 1.86 28.86
C ILE A 147 47.30 2.44 30.23
N TYR A 148 48.51 2.22 30.73
CA TYR A 148 48.93 2.76 32.03
C TYR A 148 50.13 3.70 31.94
N GLU A 149 50.62 4.10 33.12
CA GLU A 149 51.76 5.00 33.24
C GLU A 149 51.40 6.37 32.67
N ARG B 1 26.28 -36.04 16.65
CA ARG B 1 25.20 -36.37 17.63
C ARG B 1 25.26 -35.27 18.67
N MET B 2 26.27 -35.41 19.53
CA MET B 2 26.59 -34.51 20.62
C MET B 2 28.07 -34.74 20.92
N GLU B 3 28.88 -34.65 19.86
CA GLU B 3 30.31 -34.84 19.98
C GLU B 3 30.92 -33.59 20.60
N GLN B 4 32.16 -33.71 21.03
CA GLN B 4 32.83 -32.59 21.66
C GLN B 4 34.13 -32.25 20.96
N SER B 5 34.64 -31.06 21.21
CA SER B 5 35.88 -30.67 20.59
C SER B 5 36.64 -29.74 21.53
N PHE B 6 37.95 -29.95 21.63
CA PHE B 6 38.79 -29.12 22.47
C PHE B 6 39.19 -27.95 21.58
N ILE B 7 38.86 -26.74 22.03
CA ILE B 7 39.17 -25.53 21.30
C ILE B 7 40.01 -24.68 22.20
N MET B 8 41.18 -24.29 21.74
CA MET B 8 42.06 -23.49 22.60
C MET B 8 42.45 -22.13 22.04
N ILE B 9 42.34 -21.11 22.87
CA ILE B 9 42.75 -19.78 22.45
C ILE B 9 44.21 -19.74 22.89
N LYS B 10 45.12 -19.70 21.93
CA LYS B 10 46.55 -19.67 22.23
C LYS B 10 46.99 -18.37 22.92
N PRO B 11 48.23 -18.32 23.43
CA PRO B 11 48.77 -17.14 24.12
C PRO B 11 48.60 -15.82 23.38
N ASP B 12 48.77 -15.84 22.06
CA ASP B 12 48.63 -14.60 21.30
C ASP B 12 47.18 -14.15 21.18
N GLY B 13 46.25 -15.09 21.33
CA GLY B 13 44.84 -14.72 21.26
C GLY B 13 44.45 -13.92 22.50
N VAL B 14 45.08 -14.23 23.62
CA VAL B 14 44.81 -13.57 24.90
C VAL B 14 45.44 -12.18 24.89
N GLN B 15 46.72 -12.13 24.54
CA GLN B 15 47.43 -10.86 24.50
C GLN B 15 46.72 -9.88 23.60
N ARG B 16 46.16 -10.40 22.51
CA ARG B 16 45.48 -9.56 21.53
C ARG B 16 44.00 -9.27 21.80
N GLY B 17 43.50 -9.70 22.96
CA GLY B 17 42.12 -9.45 23.33
C GLY B 17 41.08 -10.03 22.40
N LEU B 18 41.25 -11.30 22.03
CA LEU B 18 40.31 -11.96 21.15
C LEU B 18 39.45 -12.99 21.86
N ILE B 19 39.60 -13.10 23.17
CA ILE B 19 38.83 -14.06 23.96
C ILE B 19 37.33 -13.89 23.74
N GLY B 20 36.83 -12.70 24.07
CA GLY B 20 35.42 -12.42 23.91
C GLY B 20 34.93 -12.66 22.49
N ASP B 21 35.64 -12.11 21.50
CA ASP B 21 35.24 -12.27 20.09
C ASP B 21 35.12 -13.74 19.72
N ILE B 22 36.16 -14.51 20.01
CA ILE B 22 36.18 -15.93 19.68
C ILE B 22 35.04 -16.71 20.34
N ILE B 23 34.88 -16.59 21.65
CA ILE B 23 33.80 -17.29 22.35
C ILE B 23 32.46 -16.93 21.73
N SER B 24 32.20 -15.64 21.52
CA SER B 24 30.95 -15.18 20.94
C SER B 24 30.62 -15.89 19.65
N ARG B 25 31.62 -16.32 18.89
CA ARG B 25 31.34 -17.02 17.64
C ARG B 25 30.68 -18.38 17.86
N PHE B 26 31.21 -19.15 18.80
CA PHE B 26 30.68 -20.47 19.08
C PHE B 26 29.30 -20.38 19.70
N GLU B 27 29.08 -19.37 20.54
CA GLU B 27 27.76 -19.20 21.15
C GLU B 27 26.75 -18.86 20.08
N LYS B 28 27.11 -17.91 19.21
CA LYS B 28 26.22 -17.48 18.13
C LYS B 28 25.95 -18.59 17.13
N LYS B 29 26.88 -19.53 17.01
CA LYS B 29 26.75 -20.64 16.08
C LYS B 29 25.69 -21.62 16.57
N GLY B 30 25.60 -21.74 17.90
CA GLY B 30 24.65 -22.66 18.47
C GLY B 30 25.34 -23.81 19.18
N PHE B 31 26.67 -23.79 19.28
CA PHE B 31 27.38 -24.87 19.98
C PHE B 31 27.29 -24.59 21.47
N TYR B 32 27.41 -25.66 22.26
CA TYR B 32 27.33 -25.55 23.71
C TYR B 32 28.68 -25.53 24.40
N LEU B 33 28.82 -24.61 25.34
CA LEU B 33 30.06 -24.49 26.11
C LEU B 33 29.97 -25.52 27.20
N ARG B 34 30.95 -26.41 27.29
CA ARG B 34 30.92 -27.46 28.30
C ARG B 34 32.05 -27.32 29.32
N GLY B 35 33.14 -26.67 28.91
CA GLY B 35 34.26 -26.45 29.83
C GLY B 35 35.12 -25.25 29.46
N MET B 36 35.65 -24.57 30.45
CA MET B 36 36.50 -23.42 30.16
C MET B 36 37.36 -22.93 31.32
N LYS B 37 38.66 -22.74 31.06
CA LYS B 37 39.56 -22.27 32.10
C LYS B 37 40.79 -21.51 31.61
N PHE B 38 40.91 -20.27 32.06
CA PHE B 38 42.05 -19.42 31.72
C PHE B 38 43.19 -20.01 32.54
N MET B 39 44.31 -20.35 31.91
CA MET B 39 45.38 -20.98 32.67
C MET B 39 46.78 -20.89 32.08
N ASN B 40 47.76 -21.14 32.95
CA ASN B 40 49.16 -21.14 32.54
C ASN B 40 49.56 -22.60 32.34
N VAL B 41 50.20 -22.90 31.22
CA VAL B 41 50.59 -24.27 30.96
C VAL B 41 51.99 -24.62 31.45
N GLU B 42 52.13 -25.81 32.02
CA GLU B 42 53.42 -26.28 32.52
C GLU B 42 54.15 -27.04 31.42
N ARG B 43 55.46 -26.85 31.35
CA ARG B 43 56.28 -27.47 30.32
C ARG B 43 56.09 -28.98 30.14
N SER B 44 56.16 -29.74 31.22
CA SER B 44 55.99 -31.18 31.12
C SER B 44 54.63 -31.53 30.51
N PHE B 45 53.67 -30.64 30.72
CA PHE B 45 52.30 -30.80 30.21
C PHE B 45 52.25 -30.50 28.71
N ALA B 46 52.78 -29.36 28.32
CA ALA B 46 52.80 -28.98 26.92
C ALA B 46 53.43 -30.10 26.10
N GLN B 47 54.47 -30.71 26.66
CA GLN B 47 55.18 -31.79 25.98
C GLN B 47 54.28 -32.97 25.65
N GLN B 48 53.30 -33.22 26.50
CA GLN B 48 52.39 -34.33 26.29
C GLN B 48 51.25 -33.98 25.33
N HIS B 49 50.88 -32.71 25.28
CA HIS B 49 49.81 -32.27 24.39
C HIS B 49 50.34 -32.29 22.97
N TYR B 50 51.63 -32.03 22.86
CA TYR B 50 52.26 -32.03 21.56
C TYR B 50 53.09 -33.32 21.36
N ALA B 51 52.71 -34.36 22.09
CA ALA B 51 53.39 -35.64 22.01
C ALA B 51 53.54 -36.15 20.58
N ASP B 52 52.46 -36.06 19.80
CA ASP B 52 52.48 -36.53 18.41
C ASP B 52 53.45 -35.79 17.50
N LEU B 53 54.22 -34.86 18.05
CA LEU B 53 55.16 -34.11 17.25
C LEU B 53 56.52 -34.03 17.94
N SER B 54 56.71 -34.86 18.97
CA SER B 54 57.97 -34.85 19.71
C SER B 54 59.16 -35.30 18.86
N ASP B 55 58.89 -36.04 17.79
CA ASP B 55 59.97 -36.49 16.92
C ASP B 55 60.43 -35.33 16.05
N LYS B 56 59.49 -34.48 15.65
CA LYS B 56 59.77 -33.34 14.80
C LYS B 56 60.69 -32.28 15.42
N PRO B 57 61.44 -31.57 14.57
CA PRO B 57 62.39 -30.52 14.97
C PRO B 57 61.77 -29.28 15.60
N PHE B 58 60.53 -28.95 15.22
CA PHE B 58 59.85 -27.77 15.75
C PHE B 58 59.07 -28.00 17.05
N PHE B 59 59.18 -29.22 17.59
CA PHE B 59 58.51 -29.61 18.84
C PHE B 59 58.97 -28.67 19.95
N PRO B 60 60.29 -28.48 20.11
CA PRO B 60 60.81 -27.58 21.14
C PRO B 60 60.21 -26.17 21.12
N GLY B 61 60.23 -25.55 19.94
CA GLY B 61 59.66 -24.22 19.85
C GLY B 61 58.16 -24.27 20.04
N LEU B 62 57.58 -25.43 19.74
CA LEU B 62 56.16 -25.66 19.86
C LEU B 62 55.74 -25.67 21.32
N VAL B 63 56.57 -26.29 22.17
CA VAL B 63 56.28 -26.36 23.60
C VAL B 63 56.61 -25.06 24.32
N GLU B 64 57.76 -24.48 24.02
CA GLU B 64 58.16 -23.23 24.65
C GLU B 64 57.12 -22.16 24.38
N TYR B 65 56.38 -22.33 23.28
CA TYR B 65 55.37 -21.34 22.93
C TYR B 65 54.13 -21.30 23.85
N ILE B 66 53.29 -22.33 23.83
CA ILE B 66 52.08 -22.33 24.66
C ILE B 66 52.43 -22.23 26.14
N ILE B 67 53.72 -22.17 26.43
CA ILE B 67 54.14 -22.10 27.82
C ILE B 67 54.52 -20.68 28.20
N SER B 68 54.52 -19.79 27.20
CA SER B 68 54.90 -18.40 27.39
C SER B 68 53.76 -17.44 27.69
N GLY B 69 52.54 -17.92 27.63
CA GLY B 69 51.41 -17.05 27.93
C GLY B 69 50.21 -17.87 28.36
N PRO B 70 49.36 -17.32 29.24
CA PRO B 70 48.20 -18.10 29.64
C PRO B 70 47.31 -18.31 28.42
N VAL B 71 46.52 -19.38 28.47
CA VAL B 71 45.62 -19.70 27.37
C VAL B 71 44.23 -19.92 27.96
N VAL B 72 43.25 -20.14 27.09
CA VAL B 72 41.90 -20.43 27.52
C VAL B 72 41.52 -21.75 26.88
N ALA B 73 41.46 -22.81 27.68
CA ALA B 73 41.09 -24.11 27.15
C ALA B 73 39.58 -24.33 27.26
N MET B 74 38.98 -24.90 26.23
CA MET B 74 37.54 -25.11 26.27
C MET B 74 37.11 -26.37 25.56
N VAL B 75 35.93 -26.86 25.92
CA VAL B 75 35.34 -28.02 25.26
C VAL B 75 33.96 -27.53 24.79
N TRP B 76 33.66 -27.73 23.52
CA TRP B 76 32.38 -27.31 22.96
C TRP B 76 31.63 -28.51 22.43
N GLU B 77 30.31 -28.48 22.48
CA GLU B 77 29.51 -29.63 22.05
C GLU B 77 28.47 -29.25 21.02
N GLY B 78 28.26 -30.13 20.05
CA GLY B 78 27.29 -29.90 18.99
C GLY B 78 27.53 -30.88 17.84
N LYS B 79 26.58 -30.99 16.91
CA LYS B 79 26.77 -31.89 15.79
C LYS B 79 27.89 -31.40 14.89
N ASP B 80 28.87 -32.26 14.65
CA ASP B 80 29.97 -31.90 13.78
C ASP B 80 30.85 -30.74 14.31
N VAL B 81 30.91 -30.60 15.63
CA VAL B 81 31.72 -29.55 16.24
C VAL B 81 33.19 -29.61 15.88
N VAL B 82 33.70 -30.82 15.64
CA VAL B 82 35.10 -30.97 15.28
C VAL B 82 35.31 -30.43 13.87
N ALA B 83 34.56 -30.97 12.91
CA ALA B 83 34.69 -30.51 11.53
C ALA B 83 34.44 -29.02 11.40
N THR B 84 33.29 -28.55 11.90
CA THR B 84 32.97 -27.13 11.82
C THR B 84 33.97 -26.33 12.64
N GLY B 85 34.43 -26.90 13.74
CA GLY B 85 35.41 -26.20 14.55
C GLY B 85 36.63 -25.88 13.70
N ARG B 86 37.10 -26.86 12.94
CA ARG B 86 38.25 -26.69 12.07
C ARG B 86 37.98 -25.69 10.96
N ARG B 87 36.79 -25.79 10.36
CA ARG B 87 36.43 -24.91 9.25
C ARG B 87 36.36 -23.45 9.68
N ILE B 88 35.80 -23.23 10.86
CA ILE B 88 35.68 -21.88 11.39
C ILE B 88 37.05 -21.32 11.73
N ILE B 89 37.91 -22.17 12.25
CA ILE B 89 39.27 -21.77 12.59
C ILE B 89 40.03 -21.44 11.32
N GLY B 90 39.92 -22.30 10.31
CA GLY B 90 40.60 -22.04 9.04
C GLY B 90 41.97 -22.67 8.90
N ALA B 91 42.43 -22.80 7.67
CA ALA B 91 43.74 -23.39 7.41
C ALA B 91 44.80 -22.88 8.37
N THR B 92 45.67 -23.78 8.80
CA THR B 92 46.73 -23.45 9.73
C THR B 92 47.63 -22.30 9.25
N ARG B 93 47.73 -22.11 7.94
CA ARG B 93 48.53 -21.02 7.42
C ARG B 93 47.52 -19.93 7.06
N PRO B 94 47.51 -18.82 7.82
CA PRO B 94 46.61 -17.69 7.62
C PRO B 94 46.35 -17.18 6.21
N TRP B 95 47.38 -17.17 5.37
CA TRP B 95 47.25 -16.67 4.00
C TRP B 95 46.65 -17.67 3.03
N GLU B 96 46.24 -18.82 3.52
CA GLU B 96 45.61 -19.83 2.68
C GLU B 96 44.20 -20.01 3.25
N ALA B 97 44.01 -19.43 4.44
CA ALA B 97 42.76 -19.48 5.17
C ALA B 97 41.64 -18.81 4.39
N ALA B 98 40.48 -19.45 4.36
CA ALA B 98 39.34 -18.91 3.63
C ALA B 98 38.80 -17.67 4.31
N PRO B 99 38.36 -16.70 3.51
CA PRO B 99 37.83 -15.47 4.11
C PRO B 99 36.64 -15.85 4.97
N GLY B 100 36.49 -15.20 6.12
CA GLY B 100 35.39 -15.51 7.01
C GLY B 100 35.77 -16.44 8.15
N THR B 101 36.99 -16.96 8.12
CA THR B 101 37.49 -17.87 9.16
C THR B 101 38.30 -17.06 10.17
N ILE B 102 38.29 -17.48 11.44
CA ILE B 102 39.02 -16.77 12.47
C ILE B 102 40.47 -16.42 12.08
N ARG B 103 41.18 -17.36 11.47
CA ARG B 103 42.56 -17.10 11.09
C ARG B 103 42.68 -16.13 9.91
N ALA B 104 41.83 -16.30 8.90
CA ALA B 104 41.85 -15.41 7.74
C ALA B 104 41.52 -14.00 8.18
N ASP B 105 40.86 -13.87 9.32
CA ASP B 105 40.43 -12.57 9.84
C ASP B 105 41.31 -11.97 10.93
N TYR B 106 41.99 -12.82 11.71
CA TYR B 106 42.79 -12.30 12.81
C TYR B 106 44.26 -12.68 12.85
N ALA B 107 44.70 -13.61 12.01
CA ALA B 107 46.10 -14.04 12.05
C ALA B 107 46.98 -13.73 10.84
N VAL B 108 48.29 -13.82 11.05
CA VAL B 108 49.23 -13.55 9.98
C VAL B 108 50.26 -14.65 9.76
N GLU B 109 50.88 -15.13 10.83
CA GLU B 109 51.90 -16.16 10.72
C GLU B 109 51.42 -17.47 11.35
N VAL B 110 52.07 -18.57 11.01
CA VAL B 110 51.69 -19.87 11.53
C VAL B 110 51.94 -19.96 13.01
N GLY B 111 53.15 -19.57 13.43
CA GLY B 111 53.50 -19.64 14.84
C GLY B 111 52.65 -18.77 15.75
N ARG B 112 51.77 -17.99 15.13
CA ARG B 112 50.90 -17.08 15.86
C ARG B 112 49.54 -17.13 15.21
N ASN B 113 49.02 -18.32 14.98
CA ASN B 113 47.74 -18.44 14.33
C ASN B 113 46.53 -18.43 15.26
N VAL B 114 46.70 -17.75 16.39
CA VAL B 114 45.62 -17.52 17.34
C VAL B 114 44.87 -18.60 18.08
N ILE B 115 44.47 -19.67 17.39
CA ILE B 115 43.65 -20.70 18.03
C ILE B 115 43.91 -22.14 17.54
N HIS B 116 43.56 -23.11 18.40
CA HIS B 116 43.75 -24.53 18.10
C HIS B 116 42.45 -25.29 18.28
N GLY B 117 42.25 -26.32 17.47
CA GLY B 117 41.05 -27.12 17.57
C GLY B 117 41.23 -28.57 17.13
N SER B 118 40.59 -29.49 17.83
CA SER B 118 40.67 -30.92 17.50
C SER B 118 40.49 -31.13 16.00
N ASP B 119 41.36 -31.95 15.41
CA ASP B 119 41.29 -32.23 13.98
C ASP B 119 40.51 -33.50 13.69
N SER B 120 40.13 -34.23 14.73
CA SER B 120 39.31 -35.43 14.58
C SER B 120 38.60 -35.63 15.90
N VAL B 121 37.62 -36.53 15.93
CA VAL B 121 36.90 -36.71 17.18
C VAL B 121 37.65 -37.55 18.19
N ASP B 122 38.51 -38.45 17.74
CA ASP B 122 39.25 -39.26 18.69
C ASP B 122 40.39 -38.46 19.30
N ASN B 123 40.80 -37.40 18.62
CA ASN B 123 41.85 -36.54 19.13
C ASN B 123 41.18 -35.58 20.11
N GLY B 124 39.90 -35.30 19.86
CA GLY B 124 39.18 -34.43 20.75
C GLY B 124 39.18 -35.10 22.10
N LYS B 125 38.91 -36.39 22.08
CA LYS B 125 38.87 -37.18 23.29
C LYS B 125 40.24 -37.22 23.97
N LYS B 126 41.30 -37.30 23.17
CA LYS B 126 42.64 -37.32 23.72
C LYS B 126 42.85 -36.05 24.50
N GLU B 127 42.47 -34.94 23.89
CA GLU B 127 42.63 -33.62 24.47
C GLU B 127 41.70 -33.37 25.66
N ILE B 128 40.42 -33.69 25.50
CA ILE B 128 39.50 -33.50 26.61
C ILE B 128 40.01 -34.23 27.85
N ALA B 129 40.51 -35.44 27.65
CA ALA B 129 41.03 -36.25 28.76
C ALA B 129 42.22 -35.58 29.43
N LEU B 130 43.14 -35.09 28.61
CA LEU B 130 44.37 -34.44 29.09
C LEU B 130 44.11 -33.14 29.85
N TRP B 131 43.40 -32.22 29.19
CA TRP B 131 43.11 -30.89 29.75
C TRP B 131 41.95 -30.80 30.72
N PHE B 132 40.98 -31.69 30.57
CA PHE B 132 39.81 -31.68 31.46
C PHE B 132 39.56 -33.06 32.08
N PRO B 133 40.50 -33.51 32.93
CA PRO B 133 40.38 -34.81 33.60
C PRO B 133 39.30 -34.80 34.67
N GLU B 134 39.07 -33.63 35.26
CA GLU B 134 38.07 -33.49 36.30
C GLU B 134 36.65 -33.47 35.73
N GLY B 135 36.53 -33.51 34.41
CA GLY B 135 35.21 -33.51 33.79
C GLY B 135 34.71 -32.18 33.24
N LEU B 136 33.48 -32.20 32.74
CA LEU B 136 32.88 -30.99 32.18
C LEU B 136 31.58 -30.59 32.87
N ALA B 137 31.21 -29.33 32.67
CA ALA B 137 29.99 -28.76 33.23
C ALA B 137 28.79 -29.31 32.46
N GLU B 138 27.73 -29.62 33.18
CA GLU B 138 26.54 -30.14 32.54
C GLU B 138 25.40 -29.14 32.65
N TRP B 139 24.61 -29.05 31.60
CA TRP B 139 23.46 -28.15 31.56
C TRP B 139 22.77 -28.40 30.24
N ARG B 140 21.57 -27.85 30.09
CA ARG B 140 20.81 -28.01 28.85
C ARG B 140 20.21 -26.68 28.44
N SER B 141 20.63 -26.19 27.29
CA SER B 141 20.15 -24.92 26.75
C SER B 141 18.65 -24.98 26.56
N ASN B 142 17.97 -23.86 26.76
CA ASN B 142 16.53 -23.84 26.57
C ASN B 142 16.22 -23.68 25.10
N LEU B 143 17.23 -23.32 24.34
CA LEU B 143 17.06 -23.16 22.91
C LEU B 143 17.35 -24.47 22.19
N HIS B 144 17.50 -25.55 22.97
CA HIS B 144 17.79 -26.83 22.34
C HIS B 144 16.78 -27.23 21.28
N PRO B 145 15.49 -27.22 21.61
CA PRO B 145 14.54 -27.61 20.56
C PRO B 145 14.58 -26.73 19.31
N TRP B 146 15.18 -25.54 19.39
CA TRP B 146 15.23 -24.67 18.22
C TRP B 146 16.53 -24.74 17.45
N ILE B 147 17.52 -25.45 18.01
CA ILE B 147 18.80 -25.62 17.34
C ILE B 147 18.86 -27.01 16.66
N TYR B 148 18.37 -28.04 17.34
CA TYR B 148 18.39 -29.40 16.79
C TYR B 148 16.98 -29.95 16.53
N GLU B 149 16.95 -31.11 15.88
CA GLU B 149 15.72 -31.83 15.54
C GLU B 149 15.16 -31.33 14.23
N ARG C 1 4.92 -6.08 32.97
CA ARG C 1 4.38 -7.47 32.98
C ARG C 1 4.41 -7.96 31.53
N MET C 2 3.29 -7.75 30.86
CA MET C 2 3.07 -8.09 29.46
C MET C 2 2.84 -6.73 28.79
N GLU C 3 3.46 -5.71 29.38
CA GLU C 3 3.39 -4.35 28.90
C GLU C 3 3.94 -4.27 27.48
N GLN C 4 3.33 -3.42 26.64
CA GLN C 4 3.76 -3.28 25.26
C GLN C 4 4.02 -1.83 24.89
N SER C 5 4.94 -1.62 23.96
CA SER C 5 5.26 -0.27 23.52
C SER C 5 5.34 -0.27 22.00
N PHE C 6 4.85 0.78 21.36
CA PHE C 6 4.92 0.86 19.91
C PHE C 6 6.22 1.56 19.56
N ILE C 7 7.07 0.87 18.80
CA ILE C 7 8.38 1.41 18.39
C ILE C 7 8.35 1.47 16.89
N MET C 8 8.75 2.59 16.33
CA MET C 8 8.74 2.74 14.88
C MET C 8 10.01 3.36 14.36
N ILE C 9 10.56 2.77 13.30
CA ILE C 9 11.76 3.33 12.69
C ILE C 9 11.27 4.32 11.65
N LYS C 10 11.52 5.60 11.90
CA LYS C 10 11.10 6.66 11.00
C LYS C 10 11.79 6.48 9.64
N PRO C 11 11.31 7.18 8.61
CA PRO C 11 11.87 7.09 7.26
C PRO C 11 13.37 7.28 7.15
N ASP C 12 13.91 8.25 7.87
CA ASP C 12 15.35 8.47 7.79
C ASP C 12 16.09 7.28 8.36
N GLY C 13 15.42 6.55 9.25
CA GLY C 13 16.02 5.37 9.85
C GLY C 13 16.16 4.27 8.82
N VAL C 14 15.21 4.18 7.91
CA VAL C 14 15.22 3.18 6.86
C VAL C 14 16.21 3.57 5.76
N GLN C 15 16.32 4.86 5.44
CA GLN C 15 17.25 5.31 4.38
C GLN C 15 18.69 5.11 4.77
N ARG C 16 18.98 5.22 6.06
CA ARG C 16 20.35 5.09 6.55
C ARG C 16 20.74 3.68 6.98
N GLY C 17 19.99 2.69 6.52
CA GLY C 17 20.30 1.31 6.85
C GLY C 17 20.49 0.98 8.31
N LEU C 18 19.52 1.38 9.14
CA LEU C 18 19.57 1.14 10.56
C LEU C 18 18.51 0.16 11.05
N ILE C 19 17.75 -0.46 10.16
CA ILE C 19 16.68 -1.38 10.55
C ILE C 19 17.15 -2.55 11.40
N GLY C 20 18.14 -3.29 10.91
CA GLY C 20 18.66 -4.42 11.66
C GLY C 20 19.44 -4.01 12.89
N ASP C 21 20.16 -2.90 12.79
CA ASP C 21 20.92 -2.43 13.94
C ASP C 21 20.00 -2.09 15.12
N ILE C 22 18.85 -1.50 14.81
CA ILE C 22 17.91 -1.13 15.85
C ILE C 22 17.23 -2.37 16.37
N ILE C 23 16.78 -3.23 15.47
CA ILE C 23 16.09 -4.44 15.88
C ILE C 23 16.96 -5.35 16.74
N SER C 24 18.26 -5.41 16.46
CA SER C 24 19.14 -6.25 17.26
C SER C 24 19.21 -5.72 18.67
N ARG C 25 19.13 -4.41 18.79
CA ARG C 25 19.21 -3.79 20.09
C ARG C 25 18.03 -4.20 21.00
N PHE C 26 16.81 -4.24 20.45
CA PHE C 26 15.70 -4.63 21.30
C PHE C 26 15.67 -6.14 21.50
N GLU C 27 16.27 -6.89 20.59
CA GLU C 27 16.31 -8.35 20.74
C GLU C 27 17.29 -8.72 21.84
N LYS C 28 18.53 -8.27 21.73
CA LYS C 28 19.56 -8.56 22.73
C LYS C 28 19.10 -8.13 24.13
N LYS C 29 18.24 -7.13 24.20
CA LYS C 29 17.73 -6.65 25.49
C LYS C 29 16.94 -7.77 26.17
N GLY C 30 16.08 -8.41 25.41
CA GLY C 30 15.27 -9.47 25.98
C GLY C 30 13.79 -9.17 25.80
N PHE C 31 13.47 -8.11 25.05
CA PHE C 31 12.08 -7.81 24.80
C PHE C 31 11.62 -8.71 23.64
N TYR C 32 10.31 -8.94 23.58
CA TYR C 32 9.71 -9.77 22.57
C TYR C 32 9.02 -8.94 21.48
N LEU C 33 9.33 -9.26 20.22
CA LEU C 33 8.73 -8.55 19.09
C LEU C 33 7.32 -9.12 18.93
N ARG C 34 6.30 -8.29 19.09
CA ARG C 34 4.95 -8.78 18.96
C ARG C 34 4.30 -8.40 17.65
N GLY C 35 4.81 -7.38 16.99
CA GLY C 35 4.27 -6.96 15.72
C GLY C 35 5.25 -6.17 14.89
N MET C 36 5.23 -6.36 13.58
CA MET C 36 6.14 -5.63 12.70
C MET C 36 5.65 -5.58 11.26
N LYS C 37 5.86 -4.44 10.61
CA LYS C 37 5.49 -4.29 9.22
C LYS C 37 6.10 -3.07 8.55
N PHE C 38 6.64 -3.29 7.36
CA PHE C 38 7.30 -2.27 6.56
C PHE C 38 6.27 -1.64 5.61
N MET C 39 6.01 -0.35 5.74
CA MET C 39 4.97 0.30 4.94
C MET C 39 5.19 1.74 4.50
N ASN C 40 4.24 2.24 3.73
CA ASN C 40 4.24 3.64 3.28
C ASN C 40 3.02 4.21 3.99
N VAL C 41 3.24 5.28 4.75
CA VAL C 41 2.18 5.89 5.52
C VAL C 41 1.33 6.81 4.67
N GLU C 42 0.02 6.75 4.88
CA GLU C 42 -0.96 7.57 4.15
C GLU C 42 -1.12 8.91 4.90
N ARG C 43 -1.36 9.99 4.16
CA ARG C 43 -1.49 11.31 4.79
C ARG C 43 -2.54 11.43 5.89
N SER C 44 -3.72 10.87 5.67
CA SER C 44 -4.79 10.93 6.66
C SER C 44 -4.33 10.20 7.92
N PHE C 45 -3.65 9.09 7.71
CA PHE C 45 -3.16 8.27 8.78
C PHE C 45 -2.13 9.03 9.62
N ALA C 46 -1.16 9.63 8.95
CA ALA C 46 -0.13 10.41 9.60
C ALA C 46 -0.77 11.49 10.46
N GLN C 47 -1.78 12.16 9.90
CA GLN C 47 -2.47 13.20 10.63
C GLN C 47 -3.00 12.66 11.95
N GLN C 48 -3.70 11.54 11.90
CA GLN C 48 -4.24 10.97 13.13
C GLN C 48 -3.15 10.61 14.11
N HIS C 49 -2.11 9.92 13.63
CA HIS C 49 -1.00 9.53 14.50
C HIS C 49 -0.37 10.73 15.21
N TYR C 50 -0.51 11.93 14.64
CA TYR C 50 0.04 13.14 15.23
C TYR C 50 -1.09 14.06 15.69
N ALA C 51 -2.27 13.48 15.89
CA ALA C 51 -3.44 14.24 16.31
C ALA C 51 -3.19 15.16 17.50
N ASP C 52 -2.51 14.67 18.53
CA ASP C 52 -2.23 15.46 19.71
C ASP C 52 -1.27 16.63 19.46
N LEU C 53 -1.15 17.05 18.21
CA LEU C 53 -0.28 18.17 17.87
C LEU C 53 -0.87 18.92 16.69
N SER C 54 -2.07 18.54 16.28
CA SER C 54 -2.71 19.19 15.15
C SER C 54 -2.67 20.69 15.35
N ASP C 55 -2.76 21.12 16.61
CA ASP C 55 -2.75 22.52 16.94
C ASP C 55 -1.41 23.24 16.73
N LYS C 56 -0.31 22.50 16.89
CA LYS C 56 1.04 23.05 16.76
C LYS C 56 1.44 23.44 15.32
N PRO C 57 2.36 24.41 15.20
CA PRO C 57 2.89 24.96 13.95
C PRO C 57 3.63 23.95 13.08
N PHE C 58 4.42 23.09 13.72
CA PHE C 58 5.20 22.08 13.01
C PHE C 58 4.44 20.85 12.52
N PHE C 59 3.12 20.85 12.70
CA PHE C 59 2.28 19.73 12.28
C PHE C 59 2.50 19.34 10.81
N PRO C 60 2.26 20.27 9.89
CA PRO C 60 2.46 19.92 8.47
C PRO C 60 3.76 19.17 8.22
N GLY C 61 4.89 19.80 8.52
CA GLY C 61 6.19 19.19 8.30
C GLY C 61 6.27 17.78 8.86
N LEU C 62 5.68 17.60 10.04
CA LEU C 62 5.67 16.32 10.73
C LEU C 62 4.98 15.25 9.86
N VAL C 63 3.86 15.63 9.25
CA VAL C 63 3.11 14.72 8.39
C VAL C 63 3.79 14.55 7.03
N GLU C 64 4.22 15.64 6.43
CA GLU C 64 4.89 15.54 5.14
C GLU C 64 6.14 14.68 5.30
N TYR C 65 6.74 14.73 6.49
CA TYR C 65 7.93 13.96 6.72
C TYR C 65 7.68 12.49 7.00
N ILE C 66 6.60 12.19 7.70
CA ILE C 66 6.30 10.80 8.01
C ILE C 66 5.97 10.03 6.74
N ILE C 67 5.51 10.74 5.72
CA ILE C 67 5.17 10.12 4.44
C ILE C 67 6.29 10.18 3.41
N SER C 68 7.35 10.95 3.67
CA SER C 68 8.45 11.07 2.71
C SER C 68 9.08 9.72 2.35
N GLY C 69 8.95 8.75 3.24
CA GLY C 69 9.53 7.45 2.96
C GLY C 69 8.90 6.39 3.82
N PRO C 70 9.10 5.12 3.47
CA PRO C 70 8.52 4.01 4.23
C PRO C 70 9.14 3.93 5.60
N VAL C 71 8.39 3.37 6.55
CA VAL C 71 8.88 3.22 7.92
C VAL C 71 8.67 1.78 8.36
N VAL C 72 9.21 1.44 9.54
CA VAL C 72 9.05 0.10 10.11
C VAL C 72 8.26 0.28 11.40
N ALA C 73 6.99 -0.16 11.38
CA ALA C 73 6.10 -0.06 12.54
C ALA C 73 6.16 -1.34 13.35
N MET C 74 6.53 -1.22 14.62
CA MET C 74 6.66 -2.38 15.48
C MET C 74 5.99 -2.27 16.83
N VAL C 75 5.91 -3.41 17.50
CA VAL C 75 5.35 -3.49 18.84
C VAL C 75 6.23 -4.45 19.62
N TRP C 76 6.85 -3.95 20.69
CA TRP C 76 7.70 -4.79 21.54
C TRP C 76 7.01 -4.94 22.87
N GLU C 77 7.10 -6.14 23.44
CA GLU C 77 6.47 -6.44 24.71
C GLU C 77 7.51 -6.78 25.76
N GLY C 78 7.25 -6.40 27.00
CA GLY C 78 8.20 -6.70 28.07
C GLY C 78 8.13 -5.77 29.26
N LYS C 79 8.57 -6.27 30.40
CA LYS C 79 8.57 -5.52 31.65
C LYS C 79 9.17 -4.13 31.43
N ASP C 80 8.36 -3.09 31.62
CA ASP C 80 8.79 -1.68 31.45
C ASP C 80 9.21 -1.27 30.02
N VAL C 81 8.77 -1.98 28.98
CA VAL C 81 9.15 -1.65 27.60
C VAL C 81 8.93 -0.18 27.21
N VAL C 82 7.86 0.42 27.67
CA VAL C 82 7.61 1.79 27.31
C VAL C 82 8.64 2.71 27.94
N ALA C 83 8.79 2.60 29.25
CA ALA C 83 9.75 3.44 29.96
C ALA C 83 11.17 3.21 29.46
N THR C 84 11.71 2.00 29.64
CA THR C 84 13.08 1.77 29.19
C THR C 84 13.15 1.97 27.69
N GLY C 85 12.05 1.67 27.00
CA GLY C 85 12.03 1.85 25.56
C GLY C 85 12.37 3.29 25.24
N ARG C 86 11.80 4.19 26.03
CA ARG C 86 12.05 5.61 25.85
C ARG C 86 13.46 5.95 26.28
N ARG C 87 13.92 5.25 27.32
CA ARG C 87 15.26 5.48 27.86
C ARG C 87 16.33 5.06 26.86
N ILE C 88 16.05 3.99 26.12
CA ILE C 88 17.00 3.47 25.13
C ILE C 88 17.12 4.39 23.93
N ILE C 89 15.98 4.93 23.51
CA ILE C 89 15.94 5.82 22.37
C ILE C 89 16.70 7.12 22.62
N GLY C 90 16.63 7.62 23.84
CA GLY C 90 17.35 8.85 24.15
C GLY C 90 16.48 10.08 24.00
N ALA C 91 16.93 11.17 24.60
CA ALA C 91 16.18 12.42 24.55
C ALA C 91 15.83 12.86 23.13
N THR C 92 14.70 13.56 22.99
CA THR C 92 14.24 14.05 21.70
C THR C 92 15.35 14.70 20.87
N ARG C 93 16.09 15.62 21.49
CA ARG C 93 17.20 16.28 20.79
C ARG C 93 18.41 15.36 20.88
N PRO C 94 18.98 14.95 19.73
CA PRO C 94 20.15 14.08 19.71
C PRO C 94 21.28 14.56 20.62
N TRP C 95 21.67 15.81 20.44
CA TRP C 95 22.75 16.42 21.20
C TRP C 95 22.54 16.41 22.71
N GLU C 96 21.31 16.18 23.14
CA GLU C 96 21.02 16.13 24.57
C GLU C 96 20.92 14.69 25.02
N ALA C 97 20.89 13.79 24.05
CA ALA C 97 20.80 12.37 24.31
C ALA C 97 22.00 11.79 25.08
N ALA C 98 21.71 10.91 26.03
CA ALA C 98 22.74 10.27 26.84
C ALA C 98 23.50 9.27 25.98
N PRO C 99 24.85 9.34 26.00
CA PRO C 99 25.65 8.42 25.19
C PRO C 99 25.31 6.97 25.52
N GLY C 100 25.05 6.18 24.48
CA GLY C 100 24.69 4.79 24.67
C GLY C 100 23.27 4.58 24.17
N THR C 101 22.51 5.67 24.05
CA THR C 101 21.13 5.62 23.56
C THR C 101 21.15 5.70 22.05
N ILE C 102 20.09 5.24 21.42
CA ILE C 102 20.01 5.25 19.96
C ILE C 102 20.17 6.66 19.35
N ARG C 103 19.35 7.61 19.77
CA ARG C 103 19.46 8.93 19.19
C ARG C 103 20.85 9.57 19.37
N ALA C 104 21.48 9.37 20.52
CA ALA C 104 22.80 9.95 20.74
C ALA C 104 23.83 9.27 19.85
N ASP C 105 23.67 7.98 19.62
CA ASP C 105 24.63 7.25 18.81
C ASP C 105 24.43 7.32 17.29
N TYR C 106 23.22 7.61 16.81
CA TYR C 106 22.97 7.63 15.36
C TYR C 106 22.30 8.87 14.76
N ALA C 107 21.94 9.85 15.57
CA ALA C 107 21.26 11.02 15.02
C ALA C 107 21.96 12.35 15.31
N VAL C 108 21.61 13.36 14.52
CA VAL C 108 22.17 14.69 14.68
C VAL C 108 21.09 15.75 14.92
N GLU C 109 19.99 15.69 14.18
CA GLU C 109 18.92 16.67 14.36
C GLU C 109 17.58 16.07 14.80
N VAL C 110 16.74 16.90 15.42
CA VAL C 110 15.45 16.46 15.92
C VAL C 110 14.46 15.98 14.87
N GLY C 111 14.41 16.66 13.73
CA GLY C 111 13.50 16.28 12.66
C GLY C 111 14.01 15.10 11.87
N ARG C 112 15.06 14.48 12.39
CA ARG C 112 15.68 13.32 11.76
C ARG C 112 16.26 12.44 12.85
N ASN C 113 15.48 12.18 13.90
CA ASN C 113 15.99 11.37 14.99
C ASN C 113 15.71 9.89 14.95
N VAL C 114 15.91 9.32 13.76
CA VAL C 114 15.82 7.89 13.50
C VAL C 114 14.64 7.04 13.94
N ILE C 115 14.18 7.21 15.17
CA ILE C 115 13.12 6.38 15.71
C ILE C 115 12.14 7.12 16.67
N HIS C 116 11.02 6.46 16.94
CA HIS C 116 9.97 6.96 17.83
C HIS C 116 9.53 5.84 18.77
N GLY C 117 9.18 6.19 20.00
CA GLY C 117 8.71 5.21 20.96
C GLY C 117 7.55 5.77 21.77
N SER C 118 6.58 4.93 22.11
CA SER C 118 5.46 5.39 22.92
C SER C 118 6.05 5.99 24.18
N ASP C 119 5.40 7.03 24.72
CA ASP C 119 5.90 7.66 25.94
C ASP C 119 5.09 7.34 27.19
N SER C 120 4.08 6.49 27.07
CA SER C 120 3.26 6.10 28.22
C SER C 120 2.57 4.83 27.78
N VAL C 121 2.13 4.00 28.70
CA VAL C 121 1.47 2.77 28.28
C VAL C 121 0.14 3.09 27.66
N ASP C 122 -0.47 4.18 28.12
CA ASP C 122 -1.76 4.60 27.58
C ASP C 122 -1.62 4.96 26.11
N ASN C 123 -0.62 5.79 25.81
CA ASN C 123 -0.40 6.18 24.44
C ASN C 123 0.03 4.95 23.66
N GLY C 124 0.66 4.02 24.38
CA GLY C 124 1.10 2.80 23.74
C GLY C 124 -0.09 2.08 23.14
N LYS C 125 -1.10 1.84 23.96
CA LYS C 125 -2.30 1.16 23.51
C LYS C 125 -3.02 1.97 22.43
N LYS C 126 -2.96 3.30 22.55
CA LYS C 126 -3.61 4.20 21.58
C LYS C 126 -2.91 4.07 20.23
N GLU C 127 -1.59 3.90 20.27
CA GLU C 127 -0.85 3.77 19.04
C GLU C 127 -0.97 2.36 18.51
N ILE C 128 -0.91 1.36 19.38
CA ILE C 128 -1.03 -0.01 18.92
C ILE C 128 -2.37 -0.20 18.22
N ALA C 129 -3.41 0.39 18.77
CA ALA C 129 -4.74 0.28 18.19
C ALA C 129 -4.74 0.94 16.81
N LEU C 130 -3.97 2.01 16.64
CA LEU C 130 -3.89 2.74 15.37
C LEU C 130 -3.10 2.04 14.27
N TRP C 131 -1.90 1.57 14.62
CA TRP C 131 -1.04 0.91 13.66
C TRP C 131 -1.28 -0.59 13.50
N PHE C 132 -1.78 -1.23 14.54
CA PHE C 132 -2.03 -2.65 14.46
C PHE C 132 -3.46 -3.05 14.82
N PRO C 133 -4.43 -2.51 14.09
CA PRO C 133 -5.80 -2.87 14.41
C PRO C 133 -6.04 -4.37 14.21
N GLU C 134 -5.24 -4.99 13.33
CA GLU C 134 -5.38 -6.43 13.06
C GLU C 134 -4.84 -7.33 14.14
N GLY C 135 -4.18 -6.76 15.14
CA GLY C 135 -3.66 -7.59 16.20
C GLY C 135 -2.19 -7.94 16.08
N LEU C 136 -1.66 -8.58 17.12
CA LEU C 136 -0.25 -8.98 17.18
C LEU C 136 -0.04 -10.49 17.11
N ALA C 137 1.12 -10.90 16.62
CA ALA C 137 1.45 -12.31 16.54
C ALA C 137 1.71 -12.77 17.97
N GLU C 138 1.42 -14.03 18.24
CA GLU C 138 1.61 -14.52 19.58
C GLU C 138 2.57 -15.70 19.58
N TRP C 139 3.45 -15.72 20.56
CA TRP C 139 4.43 -16.78 20.69
C TRP C 139 5.02 -16.75 22.09
N ARG C 140 5.76 -17.79 22.46
CA ARG C 140 6.37 -17.88 23.77
C ARG C 140 7.84 -18.25 23.65
N SER C 141 8.72 -17.30 23.93
CA SER C 141 10.18 -17.54 23.86
C SER C 141 10.67 -18.57 24.87
N ASN C 142 11.58 -19.44 24.44
CA ASN C 142 12.14 -20.46 25.33
C ASN C 142 13.08 -19.85 26.36
N LEU C 143 13.52 -18.62 26.12
CA LEU C 143 14.40 -17.94 27.07
C LEU C 143 13.61 -17.25 28.16
N HIS C 144 12.29 -17.33 28.08
CA HIS C 144 11.44 -16.68 29.07
C HIS C 144 11.81 -16.97 30.53
N PRO C 145 12.05 -18.23 30.90
CA PRO C 145 12.41 -18.47 32.31
C PRO C 145 13.75 -17.83 32.72
N TRP C 146 14.65 -17.62 31.76
CA TRP C 146 15.95 -17.03 32.07
C TRP C 146 15.91 -15.52 31.97
N ILE C 147 14.80 -14.99 31.48
CA ILE C 147 14.64 -13.55 31.36
C ILE C 147 13.72 -13.01 32.47
N TYR C 148 12.80 -13.85 32.95
CA TYR C 148 11.85 -13.44 33.99
C TYR C 148 11.84 -14.34 35.23
N GLU C 149 11.09 -13.91 36.24
CA GLU C 149 10.94 -14.62 37.52
C GLU C 149 12.04 -14.28 38.47
N ARG D 1 24.30 25.84 12.87
CA ARG D 1 24.95 25.40 11.60
C ARG D 1 25.90 24.20 11.73
N MET D 2 26.55 23.86 10.61
CA MET D 2 27.51 22.75 10.54
C MET D 2 28.94 23.15 10.92
N GLU D 3 29.21 23.18 12.22
CA GLU D 3 30.54 23.50 12.73
C GLU D 3 31.47 22.31 12.54
N GLN D 4 32.74 22.50 12.86
CA GLN D 4 33.69 21.42 12.72
C GLN D 4 34.46 21.26 14.02
N SER D 5 35.10 20.11 14.20
CA SER D 5 35.88 19.89 15.41
C SER D 5 37.11 19.04 15.11
N PHE D 6 38.20 19.34 15.80
CA PHE D 6 39.42 18.59 15.62
C PHE D 6 39.37 17.36 16.52
N ILE D 7 39.41 16.17 15.92
CA ILE D 7 39.38 14.93 16.69
C ILE D 7 40.66 14.17 16.43
N MET D 8 41.36 13.79 17.49
CA MET D 8 42.62 13.08 17.35
C MET D 8 42.71 11.78 18.14
N ILE D 9 43.12 10.72 17.44
CA ILE D 9 43.30 9.45 18.11
C ILE D 9 44.74 9.48 18.62
N LYS D 10 44.90 9.59 19.93
CA LYS D 10 46.23 9.66 20.54
C LYS D 10 47.05 8.42 20.29
N PRO D 11 48.36 8.48 20.53
CA PRO D 11 49.25 7.34 20.30
C PRO D 11 48.72 6.01 20.84
N ASP D 12 48.22 6.02 22.07
CA ASP D 12 47.70 4.80 22.66
C ASP D 12 46.53 4.21 21.88
N GLY D 13 45.67 5.08 21.35
CA GLY D 13 44.54 4.61 20.57
C GLY D 13 44.99 3.85 19.33
N VAL D 14 46.12 4.26 18.75
CA VAL D 14 46.63 3.58 17.56
C VAL D 14 47.18 2.22 17.93
N GLN D 15 48.01 2.15 18.95
CA GLN D 15 48.60 0.89 19.42
C GLN D 15 47.55 -0.18 19.79
N ARG D 16 46.49 0.25 20.47
CA ARG D 16 45.43 -0.64 20.90
C ARG D 16 44.46 -1.10 19.81
N GLY D 17 44.67 -0.63 18.58
CA GLY D 17 43.83 -1.03 17.45
C GLY D 17 42.43 -0.44 17.39
N LEU D 18 42.29 0.79 17.87
CA LEU D 18 41.01 1.46 17.91
C LEU D 18 40.72 2.49 16.82
N ILE D 19 41.57 2.59 15.80
CA ILE D 19 41.35 3.58 14.75
C ILE D 19 40.03 3.31 14.03
N GLY D 20 39.75 2.03 13.79
CA GLY D 20 38.51 1.68 13.12
C GLY D 20 37.30 1.95 13.99
N ASP D 21 37.28 1.33 15.15
CA ASP D 21 36.18 1.51 16.09
C ASP D 21 35.75 2.99 16.10
N ILE D 22 36.68 3.85 16.53
CA ILE D 22 36.43 5.29 16.61
C ILE D 22 35.86 5.93 15.33
N ILE D 23 36.51 5.72 14.19
CA ILE D 23 35.98 6.31 12.97
C ILE D 23 34.53 5.90 12.79
N SER D 24 34.26 4.60 12.84
CA SER D 24 32.89 4.10 12.69
C SER D 24 31.89 4.72 13.65
N ARG D 25 32.33 5.05 14.86
CA ARG D 25 31.39 5.66 15.79
C ARG D 25 30.92 6.97 15.17
N PHE D 26 31.87 7.81 14.74
CA PHE D 26 31.50 9.09 14.14
C PHE D 26 30.74 8.98 12.82
N GLU D 27 31.14 8.08 11.93
CA GLU D 27 30.41 7.92 10.66
C GLU D 27 28.96 7.55 10.96
N LYS D 28 28.78 6.63 11.89
CA LYS D 28 27.46 6.16 12.28
C LYS D 28 26.58 7.26 12.84
N LYS D 29 27.15 8.12 13.68
CA LYS D 29 26.41 9.23 14.26
C LYS D 29 25.76 10.10 13.16
N GLY D 30 26.46 10.27 12.05
CA GLY D 30 25.92 11.08 10.98
C GLY D 30 26.77 12.32 10.74
N PHE D 31 27.96 12.36 11.32
CA PHE D 31 28.85 13.47 11.11
C PHE D 31 29.60 13.17 9.82
N TYR D 32 30.14 14.22 9.21
CA TYR D 32 30.86 14.09 7.94
C TYR D 32 32.36 14.34 8.12
N LEU D 33 33.17 13.47 7.53
CA LEU D 33 34.61 13.62 7.60
C LEU D 33 35.00 14.74 6.65
N ARG D 34 35.93 15.59 7.05
CA ARG D 34 36.39 16.68 6.19
C ARG D 34 37.88 16.59 6.02
N GLY D 35 38.54 15.90 6.94
CA GLY D 35 39.96 15.75 6.84
C GLY D 35 40.52 14.75 7.84
N MET D 36 41.31 13.81 7.35
CA MET D 36 41.92 12.79 8.19
C MET D 36 43.30 12.39 7.69
N LYS D 37 44.22 12.16 8.63
CA LYS D 37 45.56 11.73 8.26
C LYS D 37 46.35 11.06 9.39
N PHE D 38 47.05 9.99 9.03
CA PHE D 38 47.89 9.23 9.94
C PHE D 38 49.26 9.92 9.94
N MET D 39 49.84 10.17 11.11
CA MET D 39 51.12 10.89 11.13
C MET D 39 51.91 10.91 12.44
N ASN D 40 53.19 11.23 12.30
CA ASN D 40 54.09 11.37 13.45
C ASN D 40 54.13 12.86 13.71
N VAL D 41 54.26 13.25 14.96
CA VAL D 41 54.31 14.66 15.31
C VAL D 41 55.70 15.02 15.83
N GLU D 42 56.26 16.11 15.31
CA GLU D 42 57.57 16.57 15.72
C GLU D 42 57.38 17.37 16.99
N ARG D 43 58.45 17.52 17.77
CA ARG D 43 58.37 18.25 19.03
C ARG D 43 57.95 19.69 18.82
N SER D 44 58.45 20.32 17.75
CA SER D 44 58.13 21.71 17.44
C SER D 44 56.63 21.92 17.39
N PHE D 45 55.97 21.11 16.57
CA PHE D 45 54.54 21.17 16.37
C PHE D 45 53.79 20.87 17.67
N ALA D 46 54.15 19.75 18.29
CA ALA D 46 53.54 19.33 19.54
C ALA D 46 53.56 20.48 20.54
N GLN D 47 54.57 21.34 20.42
CA GLN D 47 54.65 22.47 21.33
C GLN D 47 53.67 23.56 20.95
N GLN D 48 53.44 23.77 19.64
CA GLN D 48 52.49 24.80 19.21
C GLN D 48 51.08 24.40 19.61
N HIS D 49 50.78 23.12 19.49
CA HIS D 49 49.48 22.59 19.82
C HIS D 49 49.15 22.77 21.30
N TYR D 50 50.13 22.56 22.16
CA TYR D 50 49.93 22.72 23.58
C TYR D 50 50.52 24.03 24.10
N ALA D 51 50.70 25.00 23.22
CA ALA D 51 51.27 26.29 23.63
C ALA D 51 50.48 26.88 24.78
N ASP D 52 49.17 26.76 24.68
CA ASP D 52 48.26 27.29 25.68
C ASP D 52 48.55 26.78 27.10
N LEU D 53 49.42 25.79 27.22
CA LEU D 53 49.72 25.21 28.51
C LEU D 53 51.21 25.22 28.80
N SER D 54 51.98 25.93 27.99
CA SER D 54 53.43 26.01 28.15
C SER D 54 53.83 26.40 29.56
N ASP D 55 52.98 27.21 30.21
CA ASP D 55 53.26 27.68 31.56
C ASP D 55 52.71 26.78 32.64
N LYS D 56 52.61 25.49 32.35
CA LYS D 56 52.09 24.51 33.31
C LYS D 56 53.09 23.37 33.48
N PRO D 57 53.26 22.85 34.72
CA PRO D 57 54.15 21.77 35.11
C PRO D 57 54.03 20.49 34.28
N PHE D 58 52.80 20.17 33.87
CA PHE D 58 52.57 18.96 33.07
C PHE D 58 52.85 19.14 31.59
N PHE D 59 53.21 20.35 31.21
CA PHE D 59 53.50 20.67 29.81
C PHE D 59 54.51 19.73 29.15
N PRO D 60 55.70 19.57 29.76
CA PRO D 60 56.68 18.67 29.15
C PRO D 60 56.08 17.30 28.89
N GLY D 61 55.44 16.75 29.92
CA GLY D 61 54.83 15.44 29.79
C GLY D 61 53.95 15.30 28.56
N LEU D 62 53.07 16.26 28.34
CA LEU D 62 52.19 16.23 27.18
C LEU D 62 52.99 16.20 25.87
N VAL D 63 53.93 17.12 25.73
CA VAL D 63 54.73 17.19 24.52
C VAL D 63 55.45 15.87 24.27
N GLU D 64 55.99 15.30 25.33
CA GLU D 64 56.74 14.06 25.20
C GLU D 64 55.85 12.88 24.88
N TYR D 65 54.55 13.03 25.04
CA TYR D 65 53.67 11.93 24.77
C TYR D 65 53.05 11.86 23.37
N ILE D 66 52.88 13.01 22.72
CA ILE D 66 52.27 13.01 21.39
C ILE D 66 53.29 12.69 20.33
N ILE D 67 54.55 12.60 20.75
CA ILE D 67 55.66 12.33 19.85
C ILE D 67 56.12 10.89 19.94
N SER D 68 55.64 10.19 20.95
CA SER D 68 56.00 8.79 21.19
C SER D 68 55.50 7.83 20.12
N GLY D 69 54.39 8.18 19.46
CA GLY D 69 53.86 7.32 18.43
C GLY D 69 52.93 8.06 17.49
N PRO D 70 52.71 7.54 16.28
CA PRO D 70 51.82 8.24 15.36
C PRO D 70 50.40 8.40 15.90
N VAL D 71 49.72 9.46 15.47
CA VAL D 71 48.35 9.74 15.89
C VAL D 71 47.52 9.79 14.62
N VAL D 72 46.23 10.05 14.78
CA VAL D 72 45.35 10.15 13.62
C VAL D 72 44.55 11.44 13.73
N ALA D 73 44.98 12.48 13.02
CA ALA D 73 44.29 13.76 13.07
C ALA D 73 43.05 13.77 12.17
N MET D 74 41.93 14.28 12.71
CA MET D 74 40.69 14.32 11.95
C MET D 74 39.86 15.56 12.20
N VAL D 75 39.12 15.94 11.18
CA VAL D 75 38.23 17.08 11.28
C VAL D 75 36.86 16.50 10.90
N TRP D 76 35.94 16.59 11.84
CA TRP D 76 34.58 16.08 11.64
C TRP D 76 33.63 17.27 11.65
N GLU D 77 32.59 17.17 10.83
CA GLU D 77 31.61 18.25 10.72
C GLU D 77 30.17 17.80 10.91
N GLY D 78 29.45 18.55 11.74
CA GLY D 78 28.06 18.24 12.00
C GLY D 78 27.46 19.20 13.01
N LYS D 79 26.14 19.19 13.14
CA LYS D 79 25.50 20.08 14.10
C LYS D 79 25.97 19.69 15.47
N ASP D 80 26.56 20.65 16.18
CA ASP D 80 27.04 20.43 17.55
C ASP D 80 28.15 19.38 17.69
N VAL D 81 29.00 19.22 16.67
CA VAL D 81 30.08 18.22 16.75
C VAL D 81 30.96 18.42 17.98
N VAL D 82 31.41 19.66 18.18
CA VAL D 82 32.30 19.99 19.27
C VAL D 82 31.80 19.55 20.62
N ALA D 83 30.59 19.98 20.98
CA ALA D 83 30.05 19.60 22.27
C ALA D 83 29.69 18.12 22.34
N THR D 84 29.13 17.55 21.27
CA THR D 84 28.80 16.13 21.34
C THR D 84 30.04 15.29 21.12
N GLY D 85 31.05 15.87 20.48
CA GLY D 85 32.29 15.13 20.31
C GLY D 85 32.84 14.93 21.71
N ARG D 86 32.67 15.96 22.54
CA ARG D 86 33.14 15.90 23.92
C ARG D 86 32.36 14.87 24.72
N ARG D 87 31.04 14.89 24.59
CA ARG D 87 30.21 13.92 25.29
C ARG D 87 30.51 12.51 24.80
N ILE D 88 30.81 12.37 23.52
CA ILE D 88 31.10 11.04 22.96
C ILE D 88 32.42 10.50 23.50
N ILE D 89 33.42 11.35 23.56
CA ILE D 89 34.73 10.95 24.06
C ILE D 89 34.66 10.54 25.55
N GLY D 90 33.91 11.29 26.34
CA GLY D 90 33.79 10.98 27.75
C GLY D 90 34.68 11.82 28.64
N ALA D 91 34.43 11.77 29.94
CA ALA D 91 35.21 12.55 30.90
C ALA D 91 36.72 12.36 30.74
N THR D 92 37.52 13.30 31.22
CA THR D 92 38.97 13.19 31.12
C THR D 92 39.44 11.92 31.85
N ARG D 93 38.89 11.69 33.03
CA ARG D 93 39.21 10.52 33.83
C ARG D 93 38.33 9.35 33.39
N PRO D 94 38.93 8.28 32.85
CA PRO D 94 38.16 7.13 32.39
C PRO D 94 37.18 6.61 33.42
N TRP D 95 37.58 6.64 34.68
CA TRP D 95 36.73 6.18 35.78
C TRP D 95 35.60 7.14 36.17
N GLU D 96 35.49 8.26 35.47
CA GLU D 96 34.44 9.22 35.74
C GLU D 96 33.60 9.44 34.49
N ALA D 97 34.00 8.79 33.41
CA ALA D 97 33.31 8.91 32.14
C ALA D 97 31.99 8.14 32.20
N ALA D 98 31.01 8.59 31.42
CA ALA D 98 29.71 7.93 31.39
C ALA D 98 29.74 6.75 30.45
N PRO D 99 29.05 5.65 30.82
CA PRO D 99 29.04 4.47 29.96
C PRO D 99 28.52 4.87 28.57
N GLY D 100 29.05 4.23 27.53
CA GLY D 100 28.64 4.56 26.19
C GLY D 100 29.71 5.43 25.56
N THR D 101 30.36 6.26 26.37
CA THR D 101 31.41 7.16 25.90
C THR D 101 32.68 6.38 25.58
N ILE D 102 33.45 6.89 24.62
CA ILE D 102 34.68 6.25 24.18
C ILE D 102 35.69 5.94 25.29
N ARG D 103 35.88 6.85 26.23
CA ARG D 103 36.83 6.62 27.33
C ARG D 103 36.28 5.66 28.37
N ALA D 104 34.97 5.69 28.57
CA ALA D 104 34.36 4.81 29.55
C ALA D 104 34.49 3.35 29.12
N ASP D 105 34.47 3.11 27.81
CA ASP D 105 34.55 1.74 27.32
C ASP D 105 35.92 1.32 26.82
N TYR D 106 36.84 2.25 26.66
CA TYR D 106 38.15 1.89 26.13
C TYR D 106 39.41 2.34 26.89
N ALA D 107 39.27 3.18 27.90
CA ALA D 107 40.45 3.64 28.63
C ALA D 107 40.42 3.38 30.13
N VAL D 108 41.60 3.40 30.74
CA VAL D 108 41.75 3.17 32.16
C VAL D 108 42.33 4.38 32.91
N GLU D 109 43.36 5.01 32.35
CA GLU D 109 43.98 6.16 33.00
C GLU D 109 43.85 7.42 32.14
N VAL D 110 44.07 8.58 32.79
CA VAL D 110 44.00 9.88 32.11
C VAL D 110 45.15 10.03 31.12
N GLY D 111 46.33 9.55 31.50
CA GLY D 111 47.50 9.65 30.63
C GLY D 111 47.38 8.88 29.33
N ARG D 112 46.50 7.89 29.33
CA ARG D 112 46.27 7.08 28.15
C ARG D 112 44.77 7.05 27.91
N ASN D 113 44.16 8.20 27.66
CA ASN D 113 42.71 8.24 27.44
C ASN D 113 42.24 8.20 25.99
N VAL D 114 43.05 7.55 25.17
CA VAL D 114 42.75 7.27 23.78
C VAL D 114 42.44 8.35 22.75
N ILE D 115 41.55 9.28 23.07
CA ILE D 115 41.20 10.29 22.09
C ILE D 115 41.06 11.69 22.68
N HIS D 116 40.98 12.70 21.81
CA HIS D 116 40.81 14.09 22.28
C HIS D 116 40.13 14.94 21.22
N GLY D 117 39.13 15.70 21.64
CA GLY D 117 38.41 16.58 20.73
C GLY D 117 38.49 18.03 21.17
N SER D 118 38.16 18.94 20.25
CA SER D 118 38.18 20.35 20.54
C SER D 118 37.16 20.66 21.65
N ASP D 119 37.49 21.57 22.56
CA ASP D 119 36.59 21.87 23.68
C ASP D 119 35.59 23.02 23.46
N SER D 120 35.79 23.80 22.41
CA SER D 120 34.91 24.93 22.11
C SER D 120 34.97 25.16 20.60
N VAL D 121 34.06 25.94 20.04
CA VAL D 121 34.12 26.14 18.60
C VAL D 121 35.30 27.05 18.23
N ASP D 122 35.66 27.95 19.15
CA ASP D 122 36.80 28.82 18.87
C ASP D 122 38.05 27.98 18.91
N ASN D 123 38.14 27.10 19.89
CA ASN D 123 39.32 26.25 19.98
C ASN D 123 39.34 25.21 18.88
N GLY D 124 38.18 24.89 18.33
CA GLY D 124 38.14 23.92 17.26
C GLY D 124 38.75 24.53 16.01
N LYS D 125 38.21 25.68 15.61
CA LYS D 125 38.70 26.37 14.42
C LYS D 125 40.19 26.54 14.46
N LYS D 126 40.71 26.85 15.64
CA LYS D 126 42.13 27.05 15.81
C LYS D 126 42.93 25.78 15.59
N GLU D 127 42.49 24.68 16.20
CA GLU D 127 43.20 23.42 16.03
C GLU D 127 43.03 22.91 14.59
N ILE D 128 41.93 23.26 13.96
CA ILE D 128 41.67 22.82 12.60
C ILE D 128 42.58 23.51 11.59
N ALA D 129 42.82 24.80 11.77
CA ALA D 129 43.69 25.53 10.86
C ALA D 129 45.16 25.26 11.15
N LEU D 130 45.46 24.76 12.36
CA LEU D 130 46.84 24.46 12.74
C LEU D 130 47.27 23.10 12.20
N TRP D 131 46.40 22.09 12.35
CA TRP D 131 46.69 20.74 11.87
C TRP D 131 46.47 20.57 10.37
N PHE D 132 45.48 21.29 9.83
CA PHE D 132 45.19 21.18 8.41
C PHE D 132 45.33 22.50 7.64
N PRO D 133 46.52 23.13 7.70
CA PRO D 133 46.70 24.39 6.98
C PRO D 133 46.43 24.19 5.50
N GLU D 134 46.65 22.96 5.02
CA GLU D 134 46.43 22.64 3.61
C GLU D 134 44.96 22.53 3.21
N GLY D 135 44.05 22.83 4.13
CA GLY D 135 42.63 22.78 3.81
C GLY D 135 41.94 21.45 4.02
N LEU D 136 40.63 21.42 3.77
CA LEU D 136 39.83 20.19 3.95
C LEU D 136 39.19 19.73 2.65
N ALA D 137 38.87 18.44 2.60
CA ALA D 137 38.24 17.87 1.41
C ALA D 137 36.73 18.04 1.50
N GLU D 138 36.14 18.71 0.52
CA GLU D 138 34.69 18.92 0.50
C GLU D 138 33.98 17.85 -0.31
N TRP D 139 32.75 17.59 0.07
CA TRP D 139 31.95 16.58 -0.59
C TRP D 139 30.61 16.63 0.12
N ARG D 140 29.56 16.24 -0.58
CA ARG D 140 28.25 16.23 0.03
C ARG D 140 27.66 14.82 0.05
N SER D 141 27.32 14.36 1.25
CA SER D 141 26.74 13.04 1.42
C SER D 141 25.38 12.98 0.75
N ASN D 142 25.13 11.90 0.02
CA ASN D 142 23.84 11.78 -0.61
C ASN D 142 22.78 11.59 0.49
N LEU D 143 23.22 11.19 1.68
CA LEU D 143 22.29 11.00 2.78
C LEU D 143 22.01 12.29 3.55
N HIS D 144 22.43 13.44 3.02
CA HIS D 144 22.23 14.69 3.73
C HIS D 144 20.76 15.00 4.04
N PRO D 145 19.87 14.95 3.04
CA PRO D 145 18.48 15.26 3.39
C PRO D 145 17.78 14.29 4.35
N TRP D 146 18.48 13.23 4.76
CA TRP D 146 17.90 12.27 5.70
C TRP D 146 18.60 12.37 7.03
N ILE D 147 19.51 13.33 7.13
CA ILE D 147 20.23 13.56 8.39
C ILE D 147 19.89 14.97 8.86
N TYR D 148 19.52 15.83 7.92
CA TYR D 148 19.19 17.21 8.25
C TYR D 148 17.81 17.70 7.80
N GLU D 149 17.64 19.02 7.84
CA GLU D 149 16.40 19.69 7.45
C GLU D 149 15.18 19.13 8.16
N ARG E 1 58.52 -11.33 4.26
CA ARG E 1 59.09 -10.00 4.62
C ARG E 1 58.01 -9.00 5.09
N MET E 2 58.25 -7.70 4.85
CA MET E 2 57.32 -6.64 5.25
C MET E 2 56.74 -5.82 4.11
N GLU E 3 56.05 -6.49 3.19
CA GLU E 3 55.47 -5.77 2.07
C GLU E 3 54.40 -4.81 2.52
N GLN E 4 54.15 -3.85 1.63
CA GLN E 4 53.17 -2.84 1.87
C GLN E 4 52.26 -2.87 0.68
N SER E 5 50.98 -2.63 0.92
CA SER E 5 50.04 -2.61 -0.16
C SER E 5 49.32 -1.29 -0.11
N PHE E 6 48.88 -0.83 -1.27
CA PHE E 6 48.15 0.41 -1.33
C PHE E 6 46.69 0.00 -1.29
N ILE E 7 45.97 0.45 -0.28
CA ILE E 7 44.56 0.13 -0.17
C ILE E 7 43.85 1.47 -0.22
N MET E 8 42.87 1.57 -1.11
CA MET E 8 42.14 2.80 -1.26
C MET E 8 40.63 2.55 -1.22
N ILE E 9 39.95 3.29 -0.35
CA ILE E 9 38.51 3.19 -0.23
C ILE E 9 38.00 4.17 -1.29
N LYS E 10 37.22 3.65 -2.22
CA LYS E 10 36.69 4.45 -3.31
C LYS E 10 35.58 5.43 -2.89
N PRO E 11 35.24 6.39 -3.76
CA PRO E 11 34.20 7.38 -3.47
C PRO E 11 32.92 6.80 -2.88
N ASP E 12 32.42 5.70 -3.46
CA ASP E 12 31.18 5.09 -2.97
C ASP E 12 31.38 4.56 -1.56
N GLY E 13 32.56 4.04 -1.27
CA GLY E 13 32.84 3.53 0.05
C GLY E 13 32.71 4.66 1.06
N VAL E 14 33.19 5.84 0.69
CA VAL E 14 33.10 6.98 1.59
C VAL E 14 31.65 7.39 1.81
N GLN E 15 30.84 7.43 0.75
CA GLN E 15 29.43 7.82 0.85
C GLN E 15 28.65 6.81 1.65
N ARG E 16 29.00 5.54 1.52
CA ARG E 16 28.26 4.51 2.21
C ARG E 16 28.72 4.27 3.64
N GLY E 17 29.42 5.25 4.21
CA GLY E 17 29.90 5.15 5.57
C GLY E 17 30.65 3.89 5.94
N LEU E 18 31.53 3.41 5.07
CA LEU E 18 32.27 2.19 5.34
C LEU E 18 33.74 2.39 5.67
N ILE E 19 34.14 3.63 5.94
CA ILE E 19 35.54 3.89 6.24
C ILE E 19 35.99 3.15 7.50
N GLY E 20 35.20 3.27 8.56
CA GLY E 20 35.56 2.59 9.79
C GLY E 20 35.61 1.08 9.62
N ASP E 21 34.52 0.50 9.16
CA ASP E 21 34.44 -0.93 8.96
C ASP E 21 35.67 -1.50 8.24
N ILE E 22 36.04 -0.86 7.14
CA ILE E 22 37.19 -1.28 6.36
C ILE E 22 38.50 -1.25 7.15
N ILE E 23 38.78 -0.14 7.81
CA ILE E 23 40.01 -0.01 8.59
C ILE E 23 40.06 -0.96 9.78
N SER E 24 38.90 -1.29 10.33
CA SER E 24 38.85 -2.19 11.47
C SER E 24 39.14 -3.60 10.99
N ARG E 25 38.99 -3.83 9.69
CA ARG E 25 39.25 -5.15 9.14
C ARG E 25 40.74 -5.42 9.05
N PHE E 26 41.50 -4.39 8.66
CA PHE E 26 42.95 -4.49 8.55
C PHE E 26 43.66 -4.40 9.91
N GLU E 27 43.12 -3.60 10.84
CA GLU E 27 43.73 -3.48 12.16
C GLU E 27 43.64 -4.80 12.91
N LYS E 28 42.45 -5.39 12.86
CA LYS E 28 42.18 -6.66 13.53
C LYS E 28 42.95 -7.84 12.95
N LYS E 29 43.23 -7.78 11.66
CA LYS E 29 43.98 -8.85 11.03
C LYS E 29 45.40 -8.87 11.61
N GLY E 30 45.86 -7.72 12.11
CA GLY E 30 47.20 -7.62 12.65
C GLY E 30 48.12 -6.81 11.76
N PHE E 31 47.59 -6.32 10.64
CA PHE E 31 48.39 -5.53 9.73
C PHE E 31 48.68 -4.16 10.32
N TYR E 32 49.78 -3.56 9.88
CA TYR E 32 50.20 -2.25 10.37
C TYR E 32 49.83 -1.13 9.41
N LEU E 33 49.31 -0.04 9.97
CA LEU E 33 48.93 1.10 9.17
C LEU E 33 50.17 1.99 9.04
N ARG E 34 50.58 2.30 7.81
CA ARG E 34 51.76 3.13 7.58
C ARG E 34 51.39 4.52 7.02
N GLY E 35 50.31 4.59 6.26
CA GLY E 35 49.89 5.86 5.69
C GLY E 35 48.39 5.97 5.47
N MET E 36 47.81 7.14 5.73
CA MET E 36 46.39 7.31 5.53
C MET E 36 45.97 8.75 5.38
N LYS E 37 45.21 9.04 4.32
CA LYS E 37 44.71 10.39 4.10
C LYS E 37 43.39 10.46 3.34
N PHE E 38 42.54 11.39 3.77
CA PHE E 38 41.23 11.62 3.16
C PHE E 38 41.56 12.75 2.21
N MET E 39 41.34 12.54 0.92
CA MET E 39 41.65 13.55 -0.09
C MET E 39 40.79 13.47 -1.36
N ASN E 40 40.65 14.63 -2.02
CA ASN E 40 39.92 14.75 -3.27
C ASN E 40 40.99 14.69 -4.36
N VAL E 41 40.89 13.68 -5.21
CA VAL E 41 41.85 13.47 -6.28
C VAL E 41 41.66 14.45 -7.44
N GLU E 42 42.76 14.92 -8.00
CA GLU E 42 42.70 15.84 -9.14
C GLU E 42 42.93 15.02 -10.42
N ARG E 43 42.29 15.43 -11.51
CA ARG E 43 42.40 14.71 -12.78
C ARG E 43 43.80 14.32 -13.24
N SER E 44 44.74 15.26 -13.25
CA SER E 44 46.09 14.92 -13.70
C SER E 44 46.58 13.71 -12.91
N PHE E 45 46.33 13.74 -11.60
CA PHE E 45 46.75 12.65 -10.72
C PHE E 45 45.94 11.40 -11.02
N ALA E 46 44.63 11.58 -11.15
CA ALA E 46 43.73 10.47 -11.48
C ALA E 46 44.24 9.79 -12.75
N GLN E 47 44.75 10.59 -13.68
CA GLN E 47 45.26 10.07 -14.94
C GLN E 47 46.59 9.34 -14.80
N GLN E 48 47.48 9.84 -13.94
CA GLN E 48 48.77 9.19 -13.75
C GLN E 48 48.51 7.82 -13.18
N HIS E 49 47.74 7.77 -12.10
CA HIS E 49 47.41 6.52 -11.44
C HIS E 49 46.88 5.48 -12.43
N TYR E 50 45.78 5.82 -13.11
CA TYR E 50 45.19 4.90 -14.08
C TYR E 50 45.91 4.86 -15.42
N ALA E 51 46.97 5.66 -15.56
CA ALA E 51 47.75 5.71 -16.80
C ALA E 51 48.21 4.33 -17.29
N ASP E 52 48.23 3.36 -16.39
CA ASP E 52 48.64 2.00 -16.73
C ASP E 52 47.76 1.47 -17.86
N LEU E 53 46.70 2.20 -18.16
CA LEU E 53 45.79 1.82 -19.22
C LEU E 53 45.07 3.01 -19.84
N SER E 54 45.82 4.11 -20.00
CA SER E 54 45.30 5.34 -20.60
C SER E 54 44.91 5.05 -22.04
N ASP E 55 45.41 3.92 -22.53
CA ASP E 55 45.16 3.45 -23.88
C ASP E 55 43.72 2.96 -24.02
N LYS E 56 43.33 2.05 -23.13
CA LYS E 56 41.98 1.47 -23.14
C LYS E 56 40.81 2.46 -23.25
N PRO E 57 39.62 1.94 -23.62
CA PRO E 57 38.36 2.68 -23.82
C PRO E 57 37.77 3.34 -22.59
N PHE E 58 37.44 2.53 -21.60
CA PHE E 58 36.82 3.02 -20.37
C PHE E 58 37.70 3.93 -19.52
N PHE E 59 38.96 4.08 -19.91
CA PHE E 59 39.89 4.94 -19.20
C PHE E 59 39.20 6.21 -18.73
N PRO E 60 38.61 6.97 -19.66
CA PRO E 60 37.91 8.21 -19.32
C PRO E 60 37.00 8.06 -18.11
N GLY E 61 36.19 6.99 -18.13
CA GLY E 61 35.26 6.72 -17.03
C GLY E 61 35.96 6.63 -15.69
N LEU E 62 36.97 5.77 -15.60
CA LEU E 62 37.73 5.60 -14.36
C LEU E 62 38.22 6.95 -13.81
N VAL E 63 38.86 7.73 -14.68
CA VAL E 63 39.38 9.04 -14.30
C VAL E 63 38.26 9.91 -13.73
N GLU E 64 37.19 10.06 -14.50
CA GLU E 64 36.07 10.90 -14.06
C GLU E 64 35.45 10.41 -12.74
N TYR E 65 35.35 9.09 -12.56
CA TYR E 65 34.74 8.52 -11.34
C TYR E 65 35.53 8.67 -10.04
N ILE E 66 36.84 8.49 -10.08
CA ILE E 66 37.64 8.62 -8.86
C ILE E 66 37.82 10.07 -8.45
N ILE E 67 37.29 11.00 -9.25
CA ILE E 67 37.40 12.42 -8.94
C ILE E 67 36.03 12.96 -8.50
N SER E 68 34.99 12.15 -8.73
CA SER E 68 33.63 12.55 -8.41
C SER E 68 33.39 12.68 -6.91
N GLY E 69 34.28 12.09 -6.12
CA GLY E 69 34.14 12.17 -4.68
C GLY E 69 35.44 11.88 -3.95
N PRO E 70 35.57 12.32 -2.69
CA PRO E 70 36.79 12.09 -1.91
C PRO E 70 37.03 10.60 -1.65
N VAL E 71 38.29 10.24 -1.48
CA VAL E 71 38.67 8.85 -1.23
C VAL E 71 39.54 8.73 0.01
N VAL E 72 39.82 7.50 0.41
CA VAL E 72 40.69 7.27 1.55
C VAL E 72 41.90 6.44 1.09
N ALA E 73 43.04 7.13 0.94
CA ALA E 73 44.28 6.50 0.51
C ALA E 73 44.99 5.94 1.73
N MET E 74 45.43 4.70 1.63
CA MET E 74 46.11 4.05 2.74
C MET E 74 47.23 3.11 2.32
N VAL E 75 48.14 2.85 3.26
CA VAL E 75 49.24 1.92 3.05
C VAL E 75 49.29 0.96 4.23
N TRP E 76 49.29 -0.34 3.94
CA TRP E 76 49.32 -1.35 4.99
C TRP E 76 50.51 -2.29 4.84
N GLU E 77 51.15 -2.59 5.97
CA GLU E 77 52.32 -3.46 6.01
C GLU E 77 52.07 -4.74 6.82
N GLY E 78 52.71 -5.83 6.38
CA GLY E 78 52.57 -7.10 7.04
C GLY E 78 52.91 -8.23 6.08
N LYS E 79 52.97 -9.45 6.57
CA LYS E 79 53.29 -10.56 5.69
C LYS E 79 52.12 -10.86 4.76
N ASP E 80 52.39 -10.84 3.45
CA ASP E 80 51.40 -11.14 2.42
C ASP E 80 50.26 -10.12 2.32
N VAL E 81 50.53 -8.89 2.75
CA VAL E 81 49.52 -7.85 2.71
C VAL E 81 48.90 -7.70 1.33
N VAL E 82 49.74 -7.65 0.31
CA VAL E 82 49.27 -7.47 -1.06
C VAL E 82 48.31 -8.53 -1.48
N ALA E 83 48.76 -9.78 -1.40
CA ALA E 83 47.91 -10.91 -1.79
C ALA E 83 46.71 -11.02 -0.84
N THR E 84 46.98 -11.09 0.46
CA THR E 84 45.87 -11.22 1.42
C THR E 84 44.86 -10.06 1.33
N GLY E 85 45.34 -8.85 1.03
CA GLY E 85 44.44 -7.72 0.90
C GLY E 85 43.45 -7.91 -0.23
N ARG E 86 43.91 -8.49 -1.34
CA ARG E 86 43.05 -8.73 -2.48
C ARG E 86 42.10 -9.85 -2.13
N ARG E 87 42.55 -10.75 -1.27
CA ARG E 87 41.75 -11.88 -0.84
C ARG E 87 40.62 -11.39 0.05
N ILE E 88 40.97 -10.41 0.90
CA ILE E 88 40.04 -9.80 1.84
C ILE E 88 39.05 -8.90 1.10
N ILE E 89 39.50 -8.31 0.01
CA ILE E 89 38.65 -7.44 -0.79
C ILE E 89 37.68 -8.30 -1.59
N GLY E 90 38.19 -9.41 -2.13
CA GLY E 90 37.36 -10.29 -2.91
C GLY E 90 37.38 -9.98 -4.40
N ALA E 91 36.83 -10.90 -5.19
CA ALA E 91 36.80 -10.74 -6.64
C ALA E 91 36.15 -9.43 -7.08
N THR E 92 36.53 -8.95 -8.25
CA THR E 92 36.02 -7.70 -8.82
C THR E 92 34.51 -7.68 -8.88
N ARG E 93 33.89 -8.77 -9.33
CA ARG E 93 32.44 -8.82 -9.39
C ARG E 93 31.89 -9.24 -8.03
N PRO E 94 31.11 -8.35 -7.38
CA PRO E 94 30.54 -8.65 -6.07
C PRO E 94 29.82 -10.00 -6.05
N TRP E 95 29.01 -10.22 -7.08
CA TRP E 95 28.24 -11.46 -7.23
C TRP E 95 29.09 -12.71 -7.40
N GLU E 96 30.40 -12.53 -7.44
CA GLU E 96 31.31 -13.68 -7.57
C GLU E 96 32.19 -13.74 -6.33
N ALA E 97 32.18 -12.66 -5.55
CA ALA E 97 33.00 -12.59 -4.35
C ALA E 97 32.55 -13.63 -3.33
N ALA E 98 33.51 -14.19 -2.61
CA ALA E 98 33.21 -15.21 -1.61
C ALA E 98 32.77 -14.56 -0.30
N PRO E 99 31.82 -15.20 0.40
CA PRO E 99 31.28 -14.70 1.67
C PRO E 99 32.43 -14.41 2.62
N GLY E 100 32.33 -13.30 3.32
CA GLY E 100 33.40 -12.93 4.22
C GLY E 100 34.31 -11.89 3.63
N THR E 101 34.28 -11.69 2.31
CA THR E 101 35.13 -10.67 1.71
C THR E 101 34.36 -9.36 1.71
N ILE E 102 35.07 -8.25 1.68
CA ILE E 102 34.44 -6.94 1.69
C ILE E 102 33.45 -6.78 0.53
N ARG E 103 33.92 -7.07 -0.68
CA ARG E 103 33.04 -6.94 -1.82
C ARG E 103 31.82 -7.84 -1.72
N ALA E 104 32.00 -9.05 -1.21
CA ALA E 104 30.90 -9.99 -1.05
C ALA E 104 29.87 -9.44 -0.07
N ASP E 105 30.35 -8.76 0.98
CA ASP E 105 29.48 -8.23 2.00
C ASP E 105 28.94 -6.82 1.83
N TYR E 106 29.62 -5.98 1.06
CA TYR E 106 29.15 -4.60 0.93
C TYR E 106 28.85 -4.11 -0.49
N ALA E 107 29.23 -4.85 -1.52
CA ALA E 107 28.99 -4.36 -2.88
C ALA E 107 28.00 -5.13 -3.73
N VAL E 108 27.59 -4.49 -4.82
CA VAL E 108 26.64 -5.09 -5.75
C VAL E 108 27.16 -5.08 -7.18
N GLU E 109 27.70 -3.96 -7.62
CA GLU E 109 28.21 -3.87 -8.99
C GLU E 109 29.70 -3.58 -9.05
N VAL E 110 30.31 -3.90 -10.19
CA VAL E 110 31.75 -3.71 -10.40
C VAL E 110 32.15 -2.22 -10.44
N GLY E 111 31.23 -1.40 -10.96
CA GLY E 111 31.48 0.03 -11.05
C GLY E 111 31.51 0.68 -9.68
N ARG E 112 30.85 0.03 -8.73
CA ARG E 112 30.80 0.52 -7.36
C ARG E 112 31.20 -0.61 -6.43
N ASN E 113 32.39 -1.18 -6.65
CA ASN E 113 32.83 -2.27 -5.80
C ASN E 113 33.61 -1.81 -4.58
N VAL E 114 33.27 -0.62 -4.11
CA VAL E 114 33.79 -0.06 -2.86
C VAL E 114 35.28 0.15 -2.50
N ILE E 115 36.18 -0.66 -3.02
CA ILE E 115 37.59 -0.54 -2.62
C ILE E 115 38.62 -1.05 -3.64
N HIS E 116 39.84 -0.51 -3.57
CA HIS E 116 40.93 -0.92 -4.46
C HIS E 116 42.12 -1.39 -3.61
N GLY E 117 42.82 -2.41 -4.08
CA GLY E 117 43.98 -2.92 -3.38
C GLY E 117 45.07 -3.28 -4.38
N SER E 118 46.34 -3.04 -4.04
CA SER E 118 47.45 -3.35 -4.94
C SER E 118 47.30 -4.79 -5.43
N ASP E 119 47.63 -5.07 -6.68
CA ASP E 119 47.44 -6.43 -7.18
C ASP E 119 48.71 -7.26 -7.26
N SER E 120 49.83 -6.64 -6.89
CA SER E 120 51.10 -7.34 -6.91
C SER E 120 52.07 -6.52 -6.07
N VAL E 121 53.17 -7.13 -5.65
CA VAL E 121 54.12 -6.39 -4.83
C VAL E 121 54.71 -5.19 -5.59
N ASP E 122 55.00 -5.37 -6.89
CA ASP E 122 55.55 -4.27 -7.66
C ASP E 122 54.58 -3.12 -7.77
N ASN E 123 53.40 -3.39 -8.31
CA ASN E 123 52.38 -2.36 -8.43
C ASN E 123 52.13 -1.70 -7.09
N GLY E 124 52.21 -2.49 -6.03
CA GLY E 124 52.01 -1.95 -4.71
C GLY E 124 53.06 -0.89 -4.41
N LYS E 125 54.31 -1.21 -4.70
CA LYS E 125 55.39 -0.29 -4.44
C LYS E 125 55.28 0.98 -5.28
N LYS E 126 54.81 0.84 -6.52
CA LYS E 126 54.67 1.99 -7.41
C LYS E 126 53.53 2.92 -6.98
N GLU E 127 52.42 2.34 -6.52
CA GLU E 127 51.28 3.13 -6.09
C GLU E 127 51.66 3.87 -4.80
N ILE E 128 52.36 3.19 -3.91
CA ILE E 128 52.77 3.79 -2.65
C ILE E 128 53.64 5.02 -2.91
N ALA E 129 54.45 4.95 -3.97
CA ALA E 129 55.33 6.05 -4.34
C ALA E 129 54.53 7.16 -5.04
N LEU E 130 53.43 6.78 -5.68
CA LEU E 130 52.59 7.75 -6.38
C LEU E 130 51.70 8.52 -5.42
N TRP E 131 51.02 7.80 -4.54
CA TRP E 131 50.10 8.39 -3.57
C TRP E 131 50.75 8.94 -2.32
N PHE E 132 51.86 8.35 -1.90
CA PHE E 132 52.53 8.81 -0.71
C PHE E 132 53.99 9.18 -0.97
N PRO E 133 54.23 10.12 -1.90
CA PRO E 133 55.61 10.51 -2.18
C PRO E 133 56.28 11.15 -0.95
N GLU E 134 55.45 11.56 0.03
CA GLU E 134 55.97 12.18 1.24
C GLU E 134 56.42 11.17 2.32
N GLY E 135 56.33 9.87 2.01
CA GLY E 135 56.75 8.87 2.99
C GLY E 135 55.66 8.37 3.91
N LEU E 136 55.98 7.36 4.69
CA LEU E 136 55.02 6.77 5.61
C LEU E 136 55.39 7.11 7.04
N ALA E 137 54.52 6.77 7.98
CA ALA E 137 54.75 7.05 9.40
C ALA E 137 55.36 5.83 10.08
N GLU E 138 56.56 6.02 10.62
CA GLU E 138 57.29 4.94 11.29
C GLU E 138 56.89 4.71 12.75
N TRP E 139 56.54 3.47 13.09
CA TRP E 139 56.16 3.13 14.47
C TRP E 139 56.31 1.64 14.74
N ARG E 140 56.40 1.27 16.02
CA ARG E 140 56.60 -0.12 16.41
C ARG E 140 55.51 -0.66 17.34
N SER E 141 54.53 -1.34 16.76
CA SER E 141 53.44 -1.90 17.55
C SER E 141 53.93 -2.81 18.66
N ASN E 142 53.49 -2.53 19.89
CA ASN E 142 53.86 -3.36 21.03
C ASN E 142 53.35 -4.81 20.90
N LEU E 143 52.44 -5.04 19.95
CA LEU E 143 51.88 -6.38 19.76
C LEU E 143 52.66 -7.26 18.78
N HIS E 144 53.78 -6.76 18.28
CA HIS E 144 54.58 -7.48 17.30
C HIS E 144 54.95 -8.91 17.72
N PRO E 145 55.71 -9.06 18.82
CA PRO E 145 56.07 -10.41 19.24
C PRO E 145 54.91 -11.37 19.46
N TRP E 146 53.69 -10.91 19.25
CA TRP E 146 52.52 -11.77 19.44
C TRP E 146 51.79 -12.06 18.14
N ILE E 147 52.13 -11.34 17.09
CA ILE E 147 51.49 -11.62 15.82
C ILE E 147 52.54 -12.11 14.82
N TYR E 148 53.80 -12.07 15.22
CA TYR E 148 54.89 -12.53 14.36
C TYR E 148 55.80 -13.58 14.96
N GLU E 149 56.19 -14.55 14.11
CA GLU E 149 57.07 -15.67 14.43
C GLU E 149 56.55 -17.03 13.94
N ARG F 1 18.97 -6.62 -14.07
CA ARG F 1 18.04 -5.52 -13.67
C ARG F 1 17.79 -5.49 -12.15
N MET F 2 16.60 -5.03 -11.76
CA MET F 2 16.17 -4.90 -10.35
C MET F 2 15.24 -6.07 -9.93
N GLU F 3 15.81 -7.27 -9.85
CA GLU F 3 15.00 -8.43 -9.50
C GLU F 3 14.75 -8.45 -8.01
N GLN F 4 13.78 -9.26 -7.59
CA GLN F 4 13.46 -9.36 -6.19
C GLN F 4 13.49 -10.80 -5.72
N SER F 5 13.74 -10.99 -4.43
CA SER F 5 13.76 -12.31 -3.85
C SER F 5 12.98 -12.35 -2.54
N PHE F 6 12.40 -13.51 -2.25
CA PHE F 6 11.65 -13.70 -1.02
C PHE F 6 12.61 -14.31 -0.01
N ILE F 7 12.79 -13.64 1.13
CA ILE F 7 13.67 -14.12 2.19
C ILE F 7 12.82 -14.29 3.44
N MET F 8 12.91 -15.46 4.05
CA MET F 8 12.10 -15.76 5.23
C MET F 8 12.91 -16.20 6.45
N ILE F 9 12.70 -15.51 7.57
CA ILE F 9 13.35 -15.90 8.82
C ILE F 9 12.36 -16.91 9.41
N LYS F 10 12.85 -18.13 9.64
CA LYS F 10 12.03 -19.20 10.19
C LYS F 10 11.90 -19.14 11.71
N PRO F 11 11.01 -19.98 12.28
CA PRO F 11 10.79 -20.02 13.72
C PRO F 11 12.06 -20.06 14.57
N ASP F 12 12.94 -21.02 14.31
CA ASP F 12 14.17 -21.13 15.07
C ASP F 12 14.97 -19.83 15.01
N GLY F 13 15.02 -19.20 13.85
CA GLY F 13 15.75 -17.96 13.72
C GLY F 13 15.14 -16.83 14.54
N VAL F 14 13.84 -16.92 14.80
CA VAL F 14 13.14 -15.91 15.58
C VAL F 14 13.32 -16.16 17.07
N GLN F 15 13.15 -17.41 17.47
CA GLN F 15 13.31 -17.79 18.87
C GLN F 15 14.72 -17.49 19.37
N ARG F 16 15.68 -17.47 18.46
CA ARG F 16 17.07 -17.20 18.83
C ARG F 16 17.52 -15.77 18.54
N GLY F 17 16.58 -14.84 18.56
CA GLY F 17 16.88 -13.44 18.35
C GLY F 17 17.91 -13.13 17.28
N LEU F 18 17.67 -13.62 16.07
CA LEU F 18 18.59 -13.39 14.96
C LEU F 18 17.98 -12.47 13.91
N ILE F 19 16.83 -11.87 14.18
CA ILE F 19 16.23 -11.01 13.15
C ILE F 19 17.12 -9.86 12.72
N GLY F 20 17.46 -8.97 13.65
CA GLY F 20 18.30 -7.84 13.34
C GLY F 20 19.56 -8.21 12.58
N ASP F 21 20.25 -9.25 13.04
CA ASP F 21 21.47 -9.70 12.39
C ASP F 21 21.25 -10.00 10.90
N ILE F 22 20.24 -10.80 10.61
CA ILE F 22 19.95 -11.16 9.23
C ILE F 22 19.60 -9.93 8.40
N ILE F 23 18.74 -9.07 8.93
CA ILE F 23 18.37 -7.88 8.19
C ILE F 23 19.57 -6.94 7.99
N SER F 24 20.50 -6.94 8.93
CA SER F 24 21.67 -6.07 8.81
C SER F 24 22.60 -6.50 7.69
N ARG F 25 22.72 -7.81 7.49
CA ARG F 25 23.57 -8.38 6.43
C ARG F 25 23.08 -7.94 5.06
N PHE F 26 21.76 -7.93 4.89
CA PHE F 26 21.18 -7.51 3.62
C PHE F 26 21.21 -5.98 3.51
N GLU F 27 21.08 -5.28 4.62
CA GLU F 27 21.11 -3.83 4.54
C GLU F 27 22.49 -3.36 4.09
N LYS F 28 23.52 -3.80 4.79
CA LYS F 28 24.86 -3.36 4.43
C LYS F 28 25.32 -3.90 3.08
N LYS F 29 24.63 -4.91 2.57
CA LYS F 29 24.99 -5.47 1.29
C LYS F 29 24.64 -4.54 0.15
N GLY F 30 23.72 -3.62 0.40
CA GLY F 30 23.30 -2.70 -0.64
C GLY F 30 21.91 -3.00 -1.16
N PHE F 31 21.35 -4.14 -0.78
CA PHE F 31 20.01 -4.49 -1.21
C PHE F 31 18.96 -3.65 -0.51
N TYR F 32 17.80 -3.55 -1.17
CA TYR F 32 16.64 -2.78 -0.70
C TYR F 32 15.50 -3.61 -0.14
N LEU F 33 15.05 -3.26 1.06
CA LEU F 33 13.94 -3.93 1.70
C LEU F 33 12.72 -3.40 0.96
N ARG F 34 11.84 -4.30 0.54
CA ARG F 34 10.65 -3.91 -0.19
C ARG F 34 9.41 -4.41 0.54
N GLY F 35 9.60 -5.43 1.36
CA GLY F 35 8.49 -5.98 2.12
C GLY F 35 8.93 -6.70 3.38
N MET F 36 8.26 -6.42 4.49
CA MET F 36 8.60 -7.08 5.73
C MET F 36 7.40 -7.16 6.65
N LYS F 37 7.14 -8.37 7.14
CA LYS F 37 6.05 -8.57 8.06
C LYS F 37 6.39 -9.74 8.99
N PHE F 38 6.00 -9.62 10.24
CA PHE F 38 6.24 -10.63 11.26
C PHE F 38 4.88 -11.27 11.51
N MET F 39 4.78 -12.59 11.34
CA MET F 39 3.48 -13.26 11.54
C MET F 39 3.43 -14.78 11.71
N ASN F 40 2.28 -15.26 12.17
CA ASN F 40 2.03 -16.68 12.38
C ASN F 40 1.46 -17.31 11.13
N VAL F 41 2.22 -18.23 10.54
CA VAL F 41 1.80 -18.92 9.34
C VAL F 41 0.70 -19.87 9.73
N GLU F 42 -0.36 -19.89 8.94
CA GLU F 42 -1.52 -20.74 9.19
C GLU F 42 -1.42 -21.99 8.33
N ARG F 43 -1.99 -23.10 8.80
CA ARG F 43 -1.96 -24.37 8.06
C ARG F 43 -2.26 -24.28 6.58
N SER F 44 -3.47 -23.84 6.26
CA SER F 44 -3.90 -23.71 4.87
C SER F 44 -2.84 -22.99 4.07
N PHE F 45 -2.43 -21.82 4.57
CA PHE F 45 -1.43 -21.03 3.89
C PHE F 45 -0.10 -21.79 3.74
N ALA F 46 0.32 -22.46 4.80
CA ALA F 46 1.57 -23.22 4.77
C ALA F 46 1.56 -24.32 3.70
N GLN F 47 0.39 -24.91 3.46
CA GLN F 47 0.31 -25.96 2.44
C GLN F 47 0.45 -25.28 1.10
N GLN F 48 -0.09 -24.07 1.02
CA GLN F 48 0.02 -23.29 -0.20
C GLN F 48 1.50 -22.99 -0.47
N HIS F 49 2.24 -22.65 0.58
CA HIS F 49 3.63 -22.36 0.43
C HIS F 49 4.44 -23.56 -0.01
N TYR F 50 4.24 -24.69 0.65
CA TYR F 50 4.97 -25.91 0.29
C TYR F 50 4.22 -26.80 -0.69
N ALA F 51 3.41 -26.19 -1.55
CA ALA F 51 2.63 -26.91 -2.54
C ALA F 51 3.49 -27.67 -3.56
N ASP F 52 4.54 -27.06 -4.06
CA ASP F 52 5.36 -27.77 -5.03
C ASP F 52 5.93 -29.07 -4.47
N LEU F 53 5.61 -29.37 -3.22
CA LEU F 53 6.11 -30.59 -2.58
C LEU F 53 4.98 -31.37 -1.93
N SER F 54 3.73 -31.03 -2.24
CA SER F 54 2.57 -31.72 -1.66
C SER F 54 2.64 -33.23 -1.88
N ASP F 55 3.33 -33.62 -2.95
CA ASP F 55 3.51 -35.02 -3.28
C ASP F 55 4.42 -35.66 -2.22
N LYS F 56 5.60 -35.07 -2.06
CA LYS F 56 6.64 -35.53 -1.13
C LYS F 56 6.20 -35.99 0.27
N PRO F 57 7.05 -36.84 0.90
CA PRO F 57 6.89 -37.45 2.24
C PRO F 57 7.02 -36.46 3.40
N PHE F 58 8.04 -35.61 3.30
CA PHE F 58 8.31 -34.61 4.34
C PHE F 58 7.43 -33.38 4.30
N PHE F 59 6.42 -33.39 3.44
CA PHE F 59 5.49 -32.27 3.32
C PHE F 59 4.76 -31.99 4.65
N PRO F 60 4.06 -32.99 5.21
CA PRO F 60 3.34 -32.78 6.48
C PRO F 60 4.22 -32.14 7.55
N GLY F 61 5.44 -32.65 7.69
CA GLY F 61 6.37 -32.11 8.65
C GLY F 61 6.68 -30.67 8.35
N LEU F 62 6.91 -30.35 7.08
CA LEU F 62 7.19 -28.99 6.68
C LEU F 62 6.06 -28.07 7.16
N VAL F 63 4.83 -28.44 6.81
CA VAL F 63 3.67 -27.66 7.20
C VAL F 63 3.61 -27.48 8.69
N GLU F 64 3.64 -28.59 9.42
CA GLU F 64 3.56 -28.56 10.86
C GLU F 64 4.62 -27.66 11.49
N TYR F 65 5.86 -27.81 11.04
CA TYR F 65 6.96 -27.02 11.59
C TYR F 65 6.87 -25.50 11.45
N ILE F 66 6.56 -25.04 10.24
CA ILE F 66 6.50 -23.60 10.02
C ILE F 66 5.30 -22.95 10.71
N ILE F 67 4.39 -23.78 11.22
CA ILE F 67 3.22 -23.31 11.93
C ILE F 67 3.51 -23.16 13.41
N SER F 68 4.60 -23.79 13.85
CA SER F 68 5.01 -23.80 15.25
C SER F 68 5.51 -22.48 15.83
N GLY F 69 5.82 -21.51 14.99
CA GLY F 69 6.31 -20.25 15.50
C GLY F 69 6.25 -19.12 14.50
N PRO F 70 5.98 -17.90 14.94
CA PRO F 70 5.92 -16.78 14.00
C PRO F 70 7.21 -16.66 13.19
N VAL F 71 7.08 -16.17 11.96
CA VAL F 71 8.21 -15.98 11.08
C VAL F 71 8.26 -14.53 10.60
N VAL F 72 9.35 -14.16 9.94
CA VAL F 72 9.47 -12.81 9.41
C VAL F 72 9.53 -12.93 7.90
N ALA F 73 8.53 -12.39 7.22
CA ALA F 73 8.48 -12.46 5.78
C ALA F 73 9.10 -11.23 5.13
N MET F 74 10.06 -11.46 4.24
CA MET F 74 10.72 -10.35 3.58
C MET F 74 10.84 -10.44 2.09
N VAL F 75 11.14 -9.29 1.49
CA VAL F 75 11.35 -9.19 0.06
C VAL F 75 12.43 -8.13 -0.12
N TRP F 76 13.53 -8.52 -0.78
CA TRP F 76 14.66 -7.61 -1.01
C TRP F 76 14.89 -7.37 -2.52
N GLU F 77 15.56 -6.27 -2.89
CA GLU F 77 15.77 -5.98 -4.30
C GLU F 77 17.17 -5.52 -4.72
N GLY F 78 17.53 -5.85 -5.97
CA GLY F 78 18.83 -5.46 -6.49
C GLY F 78 19.44 -6.46 -7.46
N LYS F 79 20.54 -6.08 -8.08
CA LYS F 79 21.21 -6.96 -9.01
C LYS F 79 21.60 -8.27 -8.34
N ASP F 80 21.09 -9.37 -8.88
CA ASP F 80 21.37 -10.73 -8.40
C ASP F 80 20.94 -11.08 -6.97
N VAL F 81 19.86 -10.46 -6.47
CA VAL F 81 19.38 -10.72 -5.12
C VAL F 81 18.96 -12.18 -4.88
N VAL F 82 18.48 -12.84 -5.93
CA VAL F 82 18.05 -14.23 -5.80
C VAL F 82 19.27 -15.11 -5.58
N ALA F 83 20.20 -15.04 -6.53
CA ALA F 83 21.41 -15.84 -6.46
C ALA F 83 22.31 -15.38 -5.32
N THR F 84 22.45 -14.08 -5.12
CA THR F 84 23.29 -13.64 -4.02
C THR F 84 22.66 -13.98 -2.69
N GLY F 85 21.33 -13.88 -2.60
CA GLY F 85 20.66 -14.21 -1.36
C GLY F 85 20.96 -15.65 -0.96
N ARG F 86 20.98 -16.54 -1.95
CA ARG F 86 21.27 -17.97 -1.76
C ARG F 86 22.71 -18.13 -1.30
N ARG F 87 23.59 -17.40 -1.97
CA ARG F 87 25.01 -17.45 -1.65
C ARG F 87 25.20 -16.98 -0.21
N ILE F 88 24.64 -15.82 0.12
CA ILE F 88 24.73 -15.22 1.45
C ILE F 88 24.24 -16.17 2.53
N ILE F 89 23.16 -16.89 2.23
CA ILE F 89 22.56 -17.82 3.16
C ILE F 89 23.38 -19.09 3.39
N GLY F 90 24.04 -19.57 2.34
CA GLY F 90 24.86 -20.76 2.47
C GLY F 90 24.17 -22.09 2.27
N ALA F 91 24.96 -23.16 2.18
CA ALA F 91 24.46 -24.52 1.98
C ALA F 91 23.30 -24.88 2.88
N THR F 92 22.47 -25.82 2.42
CA THR F 92 21.33 -26.29 3.18
C THR F 92 21.85 -26.87 4.48
N ARG F 93 22.91 -27.65 4.38
CA ARG F 93 23.53 -28.28 5.55
C ARG F 93 24.50 -27.29 6.17
N PRO F 94 24.22 -26.81 7.39
CA PRO F 94 25.09 -25.86 8.07
C PRO F 94 26.56 -26.28 8.09
N TRP F 95 26.81 -27.56 8.37
CA TRP F 95 28.18 -28.07 8.43
C TRP F 95 28.80 -28.19 7.05
N GLU F 96 28.07 -27.75 6.02
CA GLU F 96 28.57 -27.78 4.66
C GLU F 96 28.73 -26.35 4.13
N ALA F 97 27.86 -25.47 4.59
CA ALA F 97 27.90 -24.08 4.19
C ALA F 97 29.29 -23.50 4.41
N ALA F 98 29.59 -22.39 3.73
CA ALA F 98 30.89 -21.75 3.86
C ALA F 98 30.92 -20.71 4.95
N PRO F 99 32.02 -20.64 5.71
CA PRO F 99 32.09 -19.63 6.76
C PRO F 99 31.80 -18.28 6.12
N GLY F 100 31.19 -17.38 6.88
CA GLY F 100 30.84 -16.08 6.33
C GLY F 100 29.37 -16.03 5.91
N THR F 101 28.80 -17.20 5.67
CA THR F 101 27.40 -17.30 5.28
C THR F 101 26.56 -17.43 6.54
N ILE F 102 25.30 -17.05 6.43
CA ILE F 102 24.38 -17.11 7.56
C ILE F 102 24.30 -18.48 8.23
N ARG F 103 24.07 -19.53 7.44
CA ARG F 103 23.95 -20.88 7.99
C ARG F 103 25.23 -21.44 8.59
N ALA F 104 26.38 -21.04 8.05
CA ALA F 104 27.63 -21.53 8.58
C ALA F 104 27.92 -20.87 9.93
N ASP F 105 27.34 -19.70 10.13
CA ASP F 105 27.55 -18.95 11.37
C ASP F 105 26.52 -19.15 12.48
N TYR F 106 25.26 -19.34 12.10
CA TYR F 106 24.20 -19.46 13.11
C TYR F 106 23.47 -20.80 13.19
N ALA F 107 23.66 -21.68 12.22
CA ALA F 107 22.93 -22.94 12.24
C ALA F 107 23.79 -24.16 12.47
N VAL F 108 23.13 -25.24 12.89
CA VAL F 108 23.78 -26.50 13.20
C VAL F 108 23.11 -27.66 12.44
N GLU F 109 21.79 -27.62 12.29
CA GLU F 109 21.09 -28.69 11.59
C GLU F 109 20.12 -28.26 10.50
N VAL F 110 20.13 -29.01 9.41
CA VAL F 110 19.27 -28.75 8.27
C VAL F 110 17.84 -28.36 8.67
N GLY F 111 17.24 -29.17 9.54
CA GLY F 111 15.88 -28.89 9.97
C GLY F 111 15.70 -27.61 10.74
N ARG F 112 16.79 -27.03 11.19
CA ARG F 112 16.74 -25.78 11.93
C ARG F 112 17.80 -24.84 11.36
N ASN F 113 17.86 -24.77 10.04
CA ASN F 113 18.83 -23.93 9.36
C ASN F 113 18.46 -22.44 9.24
N VAL F 114 17.78 -21.94 10.26
CA VAL F 114 17.43 -20.53 10.36
C VAL F 114 16.69 -19.74 9.28
N ILE F 115 17.12 -19.82 8.04
CA ILE F 115 16.51 -19.00 7.02
C ILE F 115 16.08 -19.72 5.73
N HIS F 116 15.41 -18.98 4.86
CA HIS F 116 14.95 -19.50 3.56
C HIS F 116 15.08 -18.45 2.48
N GLY F 117 15.41 -18.88 1.26
CA GLY F 117 15.53 -17.94 0.17
C GLY F 117 15.04 -18.51 -1.14
N SER F 118 14.48 -17.66 -1.98
CA SER F 118 14.00 -18.10 -3.28
C SER F 118 15.17 -18.66 -4.08
N ASP F 119 15.07 -19.89 -4.55
CA ASP F 119 16.17 -20.46 -5.34
C ASP F 119 16.19 -20.04 -6.82
N SER F 120 15.25 -19.19 -7.24
CA SER F 120 15.23 -18.74 -8.63
C SER F 120 14.36 -17.49 -8.82
N VAL F 121 14.61 -16.74 -9.88
CA VAL F 121 13.83 -15.53 -10.14
C VAL F 121 12.33 -15.80 -10.27
N ASP F 122 11.97 -16.93 -10.91
CA ASP F 122 10.56 -17.28 -11.09
C ASP F 122 9.90 -17.75 -9.78
N ASN F 123 10.60 -18.61 -9.03
CA ASN F 123 10.04 -19.06 -7.76
C ASN F 123 9.93 -17.85 -6.86
N GLY F 124 10.79 -16.86 -7.08
CA GLY F 124 10.73 -15.66 -6.27
C GLY F 124 9.47 -14.89 -6.61
N LYS F 125 9.22 -14.76 -7.91
CA LYS F 125 8.06 -14.02 -8.34
C LYS F 125 6.79 -14.70 -7.82
N LYS F 126 6.80 -16.02 -7.73
CA LYS F 126 5.64 -16.78 -7.22
C LYS F 126 5.49 -16.64 -5.72
N GLU F 127 6.60 -16.74 -5.00
CA GLU F 127 6.58 -16.62 -3.54
C GLU F 127 6.14 -15.22 -3.15
N ILE F 128 6.63 -14.21 -3.85
CA ILE F 128 6.26 -12.82 -3.55
C ILE F 128 4.76 -12.64 -3.77
N ALA F 129 4.25 -13.29 -4.81
CA ALA F 129 2.84 -13.20 -5.13
C ALA F 129 1.96 -13.88 -4.07
N LEU F 130 2.52 -14.87 -3.38
CA LEU F 130 1.79 -15.60 -2.35
C LEU F 130 1.82 -14.93 -0.97
N TRP F 131 2.95 -14.33 -0.64
CA TRP F 131 3.14 -13.67 0.65
C TRP F 131 2.80 -12.19 0.70
N PHE F 132 2.92 -11.51 -0.44
CA PHE F 132 2.61 -10.09 -0.50
C PHE F 132 1.62 -9.78 -1.61
N PRO F 133 0.42 -10.38 -1.54
CA PRO F 133 -0.57 -10.10 -2.58
C PRO F 133 -0.94 -8.63 -2.49
N GLU F 134 -0.85 -8.08 -1.29
CA GLU F 134 -1.21 -6.69 -1.08
C GLU F 134 -0.23 -5.72 -1.73
N GLY F 135 0.90 -6.23 -2.20
CA GLY F 135 1.87 -5.37 -2.84
C GLY F 135 3.03 -5.01 -1.93
N LEU F 136 3.97 -4.24 -2.44
CA LEU F 136 5.15 -3.86 -1.69
C LEU F 136 5.31 -2.35 -1.50
N ALA F 137 6.28 -1.96 -0.67
CA ALA F 137 6.55 -0.55 -0.39
C ALA F 137 7.46 0.07 -1.46
N GLU F 138 7.07 1.24 -1.95
CA GLU F 138 7.84 1.92 -2.97
C GLU F 138 8.71 3.01 -2.35
N TRP F 139 9.95 3.09 -2.82
CA TRP F 139 10.91 4.09 -2.36
C TRP F 139 12.23 3.92 -3.09
N ARG F 140 13.06 4.96 -3.07
CA ARG F 140 14.34 4.89 -3.73
C ARG F 140 15.40 5.50 -2.82
N SER F 141 16.46 4.71 -2.58
CA SER F 141 17.57 5.08 -1.71
C SER F 141 18.39 6.21 -2.30
N ASN F 142 18.75 7.19 -1.47
CA ASN F 142 19.53 8.32 -1.93
C ASN F 142 20.97 7.92 -2.20
N LEU F 143 21.29 6.67 -1.84
CA LEU F 143 22.63 6.14 -2.05
C LEU F 143 22.68 5.27 -3.30
N HIS F 144 21.55 5.18 -4.00
CA HIS F 144 21.44 4.38 -5.22
C HIS F 144 22.58 4.65 -6.21
N PRO F 145 22.87 5.92 -6.50
CA PRO F 145 23.94 6.23 -7.45
C PRO F 145 25.34 5.79 -7.02
N TRP F 146 25.50 5.40 -5.75
CA TRP F 146 26.79 4.94 -5.24
C TRP F 146 26.83 3.42 -5.07
N ILE F 147 25.67 2.78 -5.21
CA ILE F 147 25.57 1.32 -5.11
C ILE F 147 25.55 0.74 -6.52
N TYR F 148 24.91 1.47 -7.45
CA TYR F 148 24.80 1.04 -8.84
C TYR F 148 25.43 2.04 -9.83
N GLU F 149 25.27 1.71 -11.11
CA GLU F 149 25.75 2.51 -12.23
C GLU F 149 27.25 2.34 -12.44
N ARG G 1 -61.48 1.11 -14.73
CA ARG G 1 -61.29 2.10 -15.83
C ARG G 1 -60.07 3.01 -15.69
N MET G 2 -60.14 4.14 -16.40
CA MET G 2 -59.12 5.20 -16.47
C MET G 2 -59.11 6.19 -15.27
N GLU G 3 -58.59 5.73 -14.13
CA GLU G 3 -58.48 6.54 -12.91
C GLU G 3 -57.57 7.75 -13.02
N GLN G 4 -57.45 8.48 -11.93
CA GLN G 4 -56.59 9.66 -11.86
C GLN G 4 -56.17 9.86 -10.41
N SER G 5 -54.88 10.08 -10.21
CA SER G 5 -54.41 10.31 -8.86
C SER G 5 -53.57 11.56 -8.79
N PHE G 6 -53.63 12.22 -7.64
CA PHE G 6 -52.88 13.44 -7.43
C PHE G 6 -51.51 13.07 -6.88
N ILE G 7 -50.48 13.52 -7.57
CA ILE G 7 -49.12 13.24 -7.15
C ILE G 7 -48.37 14.56 -6.97
N MET G 8 -47.89 14.79 -5.76
CA MET G 8 -47.16 16.01 -5.49
C MET G 8 -45.75 15.69 -5.04
N ILE G 9 -44.81 16.46 -5.58
CA ILE G 9 -43.41 16.33 -5.26
C ILE G 9 -43.18 17.37 -4.17
N LYS G 10 -42.98 16.92 -2.94
CA LYS G 10 -42.78 17.80 -1.81
C LYS G 10 -41.57 18.73 -1.97
N PRO G 11 -41.52 19.82 -1.20
CA PRO G 11 -40.40 20.77 -1.28
C PRO G 11 -39.02 20.13 -1.27
N ASP G 12 -38.80 19.16 -0.37
CA ASP G 12 -37.50 18.51 -0.29
C ASP G 12 -37.20 17.83 -1.60
N GLY G 13 -38.19 17.11 -2.15
CA GLY G 13 -38.00 16.45 -3.42
C GLY G 13 -37.54 17.44 -4.49
N VAL G 14 -37.97 18.70 -4.34
CA VAL G 14 -37.59 19.74 -5.30
C VAL G 14 -36.18 20.25 -5.05
N GLN G 15 -35.83 20.39 -3.78
CA GLN G 15 -34.49 20.88 -3.42
C GLN G 15 -33.45 19.88 -3.88
N ARG G 16 -33.73 18.61 -3.63
CA ARG G 16 -32.82 17.53 -4.00
C ARG G 16 -32.93 17.12 -5.47
N GLY G 17 -33.36 18.06 -6.32
CA GLY G 17 -33.49 17.80 -7.74
C GLY G 17 -33.95 16.41 -8.18
N LEU G 18 -35.13 15.99 -7.74
CA LEU G 18 -35.67 14.68 -8.11
C LEU G 18 -36.92 14.80 -8.96
N ILE G 19 -37.11 15.97 -9.58
CA ILE G 19 -38.27 16.19 -10.41
C ILE G 19 -38.25 15.23 -11.58
N GLY G 20 -37.26 15.37 -12.45
CA GLY G 20 -37.14 14.51 -13.62
C GLY G 20 -37.28 13.03 -13.29
N ASP G 21 -36.48 12.59 -12.33
CA ASP G 21 -36.51 11.18 -11.90
C ASP G 21 -37.94 10.70 -11.69
N ILE G 22 -38.62 11.29 -10.70
CA ILE G 22 -39.99 10.90 -10.36
C ILE G 22 -40.96 10.99 -11.53
N ILE G 23 -40.77 11.95 -12.43
CA ILE G 23 -41.63 12.08 -13.61
C ILE G 23 -41.26 10.99 -14.62
N SER G 24 -39.98 10.68 -14.73
CA SER G 24 -39.55 9.66 -15.66
C SER G 24 -40.16 8.31 -15.27
N ARG G 25 -40.33 8.06 -13.98
CA ARG G 25 -40.90 6.79 -13.55
C ARG G 25 -42.32 6.64 -14.04
N PHE G 26 -43.20 7.54 -13.58
CA PHE G 26 -44.59 7.48 -13.99
C PHE G 26 -44.72 7.40 -15.52
N GLU G 27 -43.88 8.14 -16.24
CA GLU G 27 -43.92 8.08 -17.70
C GLU G 27 -43.67 6.64 -18.15
N LYS G 28 -42.44 6.17 -18.02
CA LYS G 28 -42.11 4.81 -18.46
C LYS G 28 -43.07 3.74 -17.93
N LYS G 29 -43.80 4.05 -16.87
CA LYS G 29 -44.76 3.09 -16.30
C LYS G 29 -45.99 2.91 -17.18
N GLY G 30 -46.24 3.88 -18.07
CA GLY G 30 -47.40 3.77 -18.96
C GLY G 30 -48.61 4.60 -18.55
N PHE G 31 -48.44 5.43 -17.53
CA PHE G 31 -49.52 6.28 -17.05
C PHE G 31 -49.53 7.60 -17.82
N TYR G 32 -50.69 8.24 -17.89
CA TYR G 32 -50.80 9.50 -18.61
C TYR G 32 -50.82 10.70 -17.67
N LEU G 33 -50.09 11.73 -18.07
CA LEU G 33 -49.98 12.95 -17.30
C LEU G 33 -51.04 13.91 -17.84
N ARG G 34 -52.07 14.17 -17.05
CA ARG G 34 -53.15 15.06 -17.48
C ARG G 34 -53.04 16.45 -16.85
N GLY G 35 -52.08 16.65 -15.95
CA GLY G 35 -51.92 17.94 -15.30
C GLY G 35 -50.68 18.03 -14.43
N MET G 36 -49.90 19.11 -14.60
CA MET G 36 -48.69 19.34 -13.83
C MET G 36 -48.31 20.81 -13.78
N LYS G 37 -48.04 21.30 -12.57
CA LYS G 37 -47.65 22.69 -12.37
C LYS G 37 -46.75 22.92 -11.14
N PHE G 38 -45.62 23.58 -11.37
CA PHE G 38 -44.64 23.93 -10.35
C PHE G 38 -45.16 25.22 -9.71
N MET G 39 -45.56 25.16 -8.45
CA MET G 39 -46.13 26.34 -7.79
C MET G 39 -45.78 26.46 -6.31
N ASN G 40 -45.76 27.70 -5.82
CA ASN G 40 -45.51 27.96 -4.40
C ASN G 40 -46.89 27.95 -3.75
N VAL G 41 -47.02 27.27 -2.63
CA VAL G 41 -48.31 27.19 -1.94
C VAL G 41 -48.48 28.24 -0.85
N GLU G 42 -49.64 28.89 -0.85
CA GLU G 42 -49.97 29.91 0.16
C GLU G 42 -50.53 29.16 1.37
N ARG G 43 -50.49 29.75 2.56
CA ARG G 43 -50.96 29.07 3.76
C ARG G 43 -52.46 28.71 3.76
N SER G 44 -53.32 29.61 3.27
CA SER G 44 -54.76 29.32 3.24
C SER G 44 -55.01 28.00 2.51
N PHE G 45 -54.39 27.85 1.36
CA PHE G 45 -54.54 26.64 0.56
C PHE G 45 -54.08 25.44 1.39
N ALA G 46 -52.82 25.52 1.84
CA ALA G 46 -52.21 24.48 2.66
C ALA G 46 -53.19 23.89 3.65
N GLN G 47 -53.75 24.77 4.49
CA GLN G 47 -54.70 24.35 5.52
C GLN G 47 -55.85 23.57 4.90
N GLN G 48 -56.25 23.96 3.69
CA GLN G 48 -57.33 23.28 3.01
C GLN G 48 -56.92 21.87 2.59
N HIS G 49 -55.69 21.73 2.10
CA HIS G 49 -55.20 20.43 1.68
C HIS G 49 -55.08 19.46 2.85
N TYR G 50 -54.75 19.98 4.02
CA TYR G 50 -54.59 19.15 5.21
C TYR G 50 -55.79 19.18 6.15
N ALA G 51 -56.93 19.67 5.65
CA ALA G 51 -58.19 19.79 6.40
C ALA G 51 -58.63 18.61 7.27
N ASP G 52 -58.59 17.40 6.71
CA ASP G 52 -58.99 16.19 7.43
C ASP G 52 -58.15 15.95 8.69
N LEU G 53 -57.00 16.61 8.77
CA LEU G 53 -56.10 16.44 9.90
C LEU G 53 -56.07 17.61 10.87
N SER G 54 -56.77 18.68 10.52
CA SER G 54 -56.81 19.89 11.34
C SER G 54 -56.77 19.66 12.86
N ASP G 55 -57.42 18.59 13.32
CA ASP G 55 -57.47 18.30 14.76
C ASP G 55 -56.23 17.66 15.40
N LYS G 56 -55.37 17.05 14.59
CA LYS G 56 -54.16 16.43 15.14
C LYS G 56 -53.03 17.43 15.38
N PRO G 57 -52.17 17.15 16.38
CA PRO G 57 -51.01 17.92 16.84
C PRO G 57 -49.99 18.38 15.80
N PHE G 58 -49.76 17.55 14.78
CA PHE G 58 -48.79 17.87 13.73
C PHE G 58 -49.34 18.67 12.54
N PHE G 59 -50.61 19.03 12.59
CA PHE G 59 -51.25 19.81 11.52
C PHE G 59 -50.46 21.11 11.26
N PRO G 60 -50.14 21.87 12.31
CA PRO G 60 -49.40 23.12 12.14
C PRO G 60 -48.10 22.92 11.34
N GLY G 61 -47.35 21.88 11.71
CA GLY G 61 -46.10 21.59 11.03
C GLY G 61 -46.29 21.27 9.56
N LEU G 62 -47.32 20.50 9.25
CA LEU G 62 -47.63 20.12 7.88
C LEU G 62 -47.86 21.34 6.98
N VAL G 63 -48.40 22.40 7.58
CA VAL G 63 -48.69 23.63 6.85
C VAL G 63 -47.46 24.53 6.69
N GLU G 64 -46.71 24.68 7.77
CA GLU G 64 -45.52 25.51 7.72
C GLU G 64 -44.43 24.85 6.89
N TYR G 65 -44.68 23.63 6.43
CA TYR G 65 -43.68 22.93 5.63
C TYR G 65 -43.94 23.03 4.12
N ILE G 66 -45.15 22.68 3.69
CA ILE G 66 -45.50 22.72 2.27
C ILE G 66 -45.29 24.10 1.68
N ILE G 67 -45.51 25.14 2.48
CA ILE G 67 -45.34 26.48 1.96
C ILE G 67 -43.95 27.05 2.18
N SER G 68 -42.99 26.20 2.58
CA SER G 68 -41.63 26.68 2.82
C SER G 68 -40.78 26.60 1.58
N GLY G 69 -41.36 26.01 0.53
CA GLY G 69 -40.66 25.87 -0.73
C GLY G 69 -41.63 25.40 -1.80
N PRO G 70 -41.38 25.71 -3.07
CA PRO G 70 -42.28 25.30 -4.16
C PRO G 70 -42.39 23.78 -4.25
N VAL G 71 -43.48 23.33 -4.87
CA VAL G 71 -43.73 21.91 -5.04
C VAL G 71 -44.16 21.64 -6.48
N VAL G 72 -44.46 20.38 -6.78
CA VAL G 72 -44.92 20.00 -8.10
C VAL G 72 -46.20 19.21 -7.97
N ALA G 73 -47.28 19.80 -8.46
CA ALA G 73 -48.58 19.16 -8.40
C ALA G 73 -48.83 18.45 -9.73
N MET G 74 -49.26 17.20 -9.65
CA MET G 74 -49.52 16.43 -10.86
C MET G 74 -50.74 15.53 -10.75
N VAL G 75 -51.32 15.22 -11.90
CA VAL G 75 -52.46 14.32 -11.97
C VAL G 75 -52.08 13.29 -13.03
N TRP G 76 -52.12 12.02 -12.66
CA TRP G 76 -51.77 10.94 -13.57
C TRP G 76 -52.99 10.08 -13.74
N GLU G 77 -53.09 9.42 -14.89
CA GLU G 77 -54.24 8.59 -15.19
C GLU G 77 -53.87 7.20 -15.71
N GLY G 78 -54.61 6.20 -15.23
CA GLY G 78 -54.36 4.82 -15.64
C GLY G 78 -55.05 3.83 -14.71
N LYS G 79 -55.06 2.56 -15.12
CA LYS G 79 -55.68 1.52 -14.32
C LYS G 79 -55.01 1.35 -12.97
N ASP G 80 -55.79 1.58 -11.91
CA ASP G 80 -55.30 1.44 -10.54
C ASP G 80 -54.20 2.43 -10.14
N VAL G 81 -54.15 3.59 -10.79
CA VAL G 81 -53.15 4.63 -10.52
C VAL G 81 -53.00 5.02 -9.04
N VAL G 82 -54.12 5.14 -8.35
CA VAL G 82 -54.12 5.51 -6.95
C VAL G 82 -53.35 4.52 -6.08
N ALA G 83 -53.59 3.22 -6.29
CA ALA G 83 -52.93 2.18 -5.50
C ALA G 83 -51.50 1.83 -5.92
N THR G 84 -51.24 1.66 -7.21
CA THR G 84 -49.88 1.33 -7.60
C THR G 84 -49.04 2.58 -7.41
N GLY G 85 -49.67 3.75 -7.52
CA GLY G 85 -48.95 4.99 -7.30
C GLY G 85 -48.52 5.04 -5.84
N ARG G 86 -49.36 4.48 -4.97
CA ARG G 86 -49.05 4.41 -3.55
C ARG G 86 -47.90 3.44 -3.33
N ARG G 87 -47.90 2.35 -4.13
CA ARG G 87 -46.86 1.33 -4.07
C ARG G 87 -45.54 1.94 -4.53
N ILE G 88 -45.59 2.56 -5.71
CA ILE G 88 -44.44 3.20 -6.32
C ILE G 88 -43.78 4.19 -5.39
N ILE G 89 -44.56 4.79 -4.50
CA ILE G 89 -44.02 5.73 -3.55
C ILE G 89 -43.41 4.98 -2.35
N GLY G 90 -44.12 3.99 -1.83
CA GLY G 90 -43.61 3.21 -0.71
C GLY G 90 -44.00 3.71 0.68
N ALA G 91 -43.91 2.82 1.68
CA ALA G 91 -44.25 3.12 3.07
C ALA G 91 -43.91 4.54 3.52
N THR G 92 -44.71 5.06 4.44
CA THR G 92 -44.50 6.41 4.97
C THR G 92 -43.16 6.51 5.67
N ARG G 93 -42.82 5.50 6.46
CA ARG G 93 -41.54 5.49 7.11
C ARG G 93 -40.58 4.98 6.05
N PRO G 94 -39.62 5.83 5.65
CA PRO G 94 -38.63 5.49 4.63
C PRO G 94 -37.83 4.24 4.93
N TRP G 95 -37.83 3.81 6.18
CA TRP G 95 -37.08 2.62 6.55
C TRP G 95 -37.95 1.38 6.63
N GLU G 96 -39.17 1.49 6.13
CA GLU G 96 -40.08 0.35 6.10
C GLU G 96 -40.54 0.23 4.66
N ALA G 97 -40.06 1.14 3.82
CA ALA G 97 -40.42 1.20 2.41
C ALA G 97 -39.66 0.17 1.59
N ALA G 98 -40.41 -0.72 0.95
CA ALA G 98 -39.86 -1.79 0.13
C ALA G 98 -38.93 -1.29 -0.97
N PRO G 99 -37.66 -1.74 -0.96
CA PRO G 99 -36.71 -1.32 -1.99
C PRO G 99 -37.33 -1.34 -3.38
N GLY G 100 -37.02 -0.33 -4.18
CA GLY G 100 -37.58 -0.26 -5.51
C GLY G 100 -38.60 0.87 -5.58
N THR G 101 -39.08 1.28 -4.41
CA THR G 101 -40.05 2.37 -4.32
C THR G 101 -39.29 3.69 -4.13
N ILE G 102 -39.97 4.81 -4.40
CA ILE G 102 -39.37 6.14 -4.30
C ILE G 102 -38.90 6.58 -2.90
N ARG G 103 -39.68 6.25 -1.88
CA ARG G 103 -39.34 6.62 -0.51
C ARG G 103 -38.11 5.84 -0.11
N ALA G 104 -38.07 4.56 -0.50
CA ALA G 104 -36.97 3.68 -0.16
C ALA G 104 -35.68 3.98 -0.91
N ASP G 105 -35.79 4.56 -2.09
CA ASP G 105 -34.59 4.85 -2.86
C ASP G 105 -34.03 6.24 -2.59
N TYR G 106 -34.88 7.18 -2.19
CA TYR G 106 -34.40 8.54 -1.96
C TYR G 106 -34.68 9.14 -0.58
N ALA G 107 -35.48 8.47 0.24
CA ALA G 107 -35.82 9.03 1.53
C ALA G 107 -35.17 8.43 2.77
N VAL G 108 -34.99 9.29 3.78
CA VAL G 108 -34.39 8.90 5.03
C VAL G 108 -35.34 9.08 6.22
N GLU G 109 -36.12 10.15 6.24
CA GLU G 109 -37.07 10.39 7.34
C GLU G 109 -38.51 10.68 6.90
N VAL G 110 -39.45 10.37 7.80
CA VAL G 110 -40.87 10.60 7.54
C VAL G 110 -41.13 12.09 7.31
N GLY G 111 -40.41 12.92 8.05
CA GLY G 111 -40.57 14.36 7.94
C GLY G 111 -40.37 14.87 6.54
N ARG G 112 -39.47 14.22 5.79
CA ARG G 112 -39.16 14.61 4.42
C ARG G 112 -39.23 13.41 3.50
N ASN G 113 -40.39 12.77 3.41
CA ASN G 113 -40.53 11.58 2.57
C ASN G 113 -40.69 11.83 1.07
N VAL G 114 -40.18 12.98 0.61
CA VAL G 114 -40.14 13.36 -0.81
C VAL G 114 -41.40 13.45 -1.69
N ILE G 115 -42.46 12.72 -1.37
CA ILE G 115 -43.62 12.79 -2.23
C ILE G 115 -44.89 12.24 -1.60
N HIS G 116 -46.01 12.84 -2.00
CA HIS G 116 -47.34 12.43 -1.51
C HIS G 116 -48.21 11.90 -2.66
N GLY G 117 -49.07 10.95 -2.34
CA GLY G 117 -49.97 10.38 -3.33
C GLY G 117 -51.35 10.11 -2.74
N SER G 118 -52.38 10.38 -3.53
CA SER G 118 -53.77 10.18 -3.09
C SER G 118 -53.95 8.78 -2.47
N ASP G 119 -54.46 8.72 -1.23
CA ASP G 119 -54.62 7.43 -0.55
C ASP G 119 -55.84 6.61 -0.93
N SER G 120 -56.68 7.14 -1.83
CA SER G 120 -57.89 6.43 -2.27
C SER G 120 -58.46 7.10 -3.53
N VAL G 121 -59.46 6.48 -4.13
CA VAL G 121 -60.05 7.06 -5.34
C VAL G 121 -60.88 8.30 -5.04
N ASP G 122 -61.65 8.27 -3.95
CA ASP G 122 -62.47 9.42 -3.58
C ASP G 122 -61.62 10.64 -3.22
N ASN G 123 -60.52 10.41 -2.51
CA ASN G 123 -59.63 11.48 -2.10
C ASN G 123 -58.88 12.06 -3.30
N GLY G 124 -58.58 11.19 -4.27
CA GLY G 124 -57.89 11.64 -5.45
C GLY G 124 -58.76 12.66 -6.15
N LYS G 125 -60.03 12.32 -6.32
CA LYS G 125 -60.96 13.23 -6.97
C LYS G 125 -61.05 14.52 -6.15
N LYS G 126 -61.00 14.38 -4.83
CA LYS G 126 -61.06 15.53 -3.93
C LYS G 126 -59.87 16.46 -4.12
N GLU G 127 -58.67 15.89 -4.14
CA GLU G 127 -57.44 16.65 -4.30
C GLU G 127 -57.32 17.34 -5.65
N ILE G 128 -57.65 16.59 -6.71
CA ILE G 128 -57.61 17.12 -8.07
C ILE G 128 -58.47 18.36 -8.16
N ALA G 129 -59.64 18.32 -7.55
CA ALA G 129 -60.55 19.47 -7.56
C ALA G 129 -59.90 20.65 -6.86
N LEU G 130 -59.27 20.38 -5.72
CA LEU G 130 -58.62 21.42 -4.94
C LEU G 130 -57.42 22.08 -5.64
N TRP G 131 -56.48 21.26 -6.12
CA TRP G 131 -55.29 21.75 -6.79
C TRP G 131 -55.47 22.15 -8.26
N PHE G 132 -56.37 21.46 -8.94
CA PHE G 132 -56.63 21.74 -10.34
C PHE G 132 -58.10 22.13 -10.57
N PRO G 133 -58.55 23.22 -9.93
CA PRO G 133 -59.94 23.65 -10.11
C PRO G 133 -60.15 23.88 -11.60
N GLU G 134 -59.08 24.31 -12.27
CA GLU G 134 -59.13 24.52 -13.71
C GLU G 134 -58.97 23.09 -14.21
N GLY G 135 -59.56 22.77 -15.35
CA GLY G 135 -59.46 21.40 -15.83
C GLY G 135 -58.07 20.76 -15.96
N LEU G 136 -58.06 19.61 -16.63
CA LEU G 136 -56.83 18.88 -16.87
C LEU G 136 -56.58 18.86 -18.37
N ALA G 137 -55.33 18.65 -18.78
CA ALA G 137 -55.00 18.60 -20.20
C ALA G 137 -55.59 17.32 -20.78
N GLU G 138 -55.76 17.29 -22.10
CA GLU G 138 -56.34 16.14 -22.76
C GLU G 138 -55.59 15.72 -24.02
N TRP G 139 -55.40 14.41 -24.15
CA TRP G 139 -54.69 13.82 -25.29
C TRP G 139 -54.87 12.30 -25.27
N ARG G 140 -54.42 11.62 -26.31
CA ARG G 140 -54.52 10.17 -26.41
C ARG G 140 -53.21 9.56 -26.91
N SER G 141 -52.44 8.98 -25.99
CA SER G 141 -51.16 8.38 -26.35
C SER G 141 -51.28 7.43 -27.54
N ASN G 142 -50.53 7.72 -28.60
CA ASN G 142 -50.56 6.87 -29.78
C ASN G 142 -50.13 5.46 -29.39
N LEU G 143 -49.50 5.35 -28.22
CA LEU G 143 -49.04 4.06 -27.71
C LEU G 143 -50.12 3.40 -26.84
N HIS G 144 -51.31 3.99 -26.84
CA HIS G 144 -52.39 3.47 -26.03
C HIS G 144 -52.78 2.02 -26.31
N PRO G 145 -52.97 1.62 -27.58
CA PRO G 145 -53.34 0.23 -27.86
C PRO G 145 -52.26 -0.81 -27.48
N TRP G 146 -51.09 -0.33 -27.04
CA TRP G 146 -50.04 -1.24 -26.63
C TRP G 146 -49.85 -1.20 -25.10
N ILE G 147 -50.64 -0.37 -24.44
CA ILE G 147 -50.57 -0.28 -22.98
C ILE G 147 -51.84 -0.92 -22.41
N TYR G 148 -52.95 -0.84 -23.16
CA TYR G 148 -54.23 -1.38 -22.70
C TYR G 148 -54.90 -2.40 -23.61
N GLU G 149 -55.90 -3.08 -23.04
CA GLU G 149 -56.73 -4.09 -23.70
C GLU G 149 -56.20 -5.51 -23.52
N ARG H 1 -24.94 37.71 -15.49
CA ARG H 1 -25.60 37.64 -14.16
C ARG H 1 -26.56 36.44 -14.05
N MET H 2 -27.85 36.69 -13.81
CA MET H 2 -28.84 35.60 -13.66
C MET H 2 -30.06 35.53 -14.60
N GLU H 3 -29.79 35.25 -15.88
CA GLU H 3 -30.82 35.14 -16.92
C GLU H 3 -31.95 34.18 -16.57
N GLN H 4 -32.74 33.89 -17.59
CA GLN H 4 -33.84 32.96 -17.53
C GLN H 4 -34.12 32.62 -18.98
N SER H 5 -34.58 31.40 -19.24
CA SER H 5 -34.88 31.00 -20.60
C SER H 5 -36.15 30.18 -20.66
N PHE H 6 -36.81 30.24 -21.80
CA PHE H 6 -38.04 29.52 -22.01
C PHE H 6 -37.75 28.22 -22.71
N ILE H 7 -38.04 27.12 -22.03
CA ILE H 7 -37.83 25.79 -22.58
C ILE H 7 -39.20 25.16 -22.74
N MET H 8 -39.44 24.56 -23.89
CA MET H 8 -40.72 23.95 -24.13
C MET H 8 -40.57 22.58 -24.77
N ILE H 9 -41.21 21.59 -24.18
CA ILE H 9 -41.18 20.25 -24.72
C ILE H 9 -42.41 20.20 -25.63
N LYS H 10 -42.20 19.92 -26.91
CA LYS H 10 -43.28 19.86 -27.89
C LYS H 10 -44.15 18.62 -27.74
N PRO H 11 -45.28 18.55 -28.47
CA PRO H 11 -46.18 17.40 -28.39
C PRO H 11 -45.51 16.09 -28.74
N ASP H 12 -44.56 16.14 -29.66
CA ASP H 12 -43.86 14.93 -30.04
C ASP H 12 -42.99 14.47 -28.89
N GLY H 13 -42.39 15.42 -28.19
CA GLY H 13 -41.56 15.06 -27.06
C GLY H 13 -42.38 14.44 -25.95
N VAL H 14 -43.68 14.74 -25.91
CA VAL H 14 -44.59 14.23 -24.89
C VAL H 14 -45.15 12.85 -25.22
N GLN H 15 -45.59 12.68 -26.47
CA GLN H 15 -46.13 11.41 -26.91
C GLN H 15 -45.06 10.34 -26.78
N ARG H 16 -43.80 10.76 -26.73
CA ARG H 16 -42.69 9.81 -26.65
C ARG H 16 -42.14 9.58 -25.25
N GLY H 17 -42.83 10.09 -24.24
CA GLY H 17 -42.43 9.90 -22.86
C GLY H 17 -41.05 10.41 -22.52
N LEU H 18 -40.72 11.59 -23.04
CA LEU H 18 -39.43 12.19 -22.81
C LEU H 18 -39.46 13.40 -21.87
N ILE H 19 -40.56 13.57 -21.14
CA ILE H 19 -40.67 14.69 -20.20
C ILE H 19 -39.64 14.57 -19.08
N GLY H 20 -39.72 13.48 -18.32
CA GLY H 20 -38.80 13.28 -17.22
C GLY H 20 -37.36 13.34 -17.67
N ASP H 21 -37.01 12.53 -18.66
CA ASP H 21 -35.65 12.49 -19.20
C ASP H 21 -35.10 13.90 -19.41
N ILE H 22 -35.89 14.75 -20.05
CA ILE H 22 -35.48 16.13 -20.34
C ILE H 22 -35.35 16.98 -19.08
N ILE H 23 -36.40 17.01 -18.27
CA ILE H 23 -36.37 17.81 -17.07
C ILE H 23 -35.13 17.44 -16.26
N SER H 24 -34.90 16.14 -16.08
CA SER H 24 -33.74 15.68 -15.33
C SER H 24 -32.46 16.26 -15.92
N ARG H 25 -32.41 16.37 -17.24
CA ARG H 25 -31.22 16.91 -17.89
C ARG H 25 -30.88 18.30 -17.35
N PHE H 26 -31.88 19.17 -17.33
CA PHE H 26 -31.68 20.53 -16.84
C PHE H 26 -31.43 20.60 -15.33
N GLU H 27 -32.07 19.72 -14.57
CA GLU H 27 -31.88 19.71 -13.13
C GLU H 27 -30.41 19.46 -12.78
N LYS H 28 -29.87 18.35 -13.25
CA LYS H 28 -28.49 18.02 -12.92
C LYS H 28 -27.45 18.98 -13.47
N LYS H 29 -27.81 19.75 -14.50
CA LYS H 29 -26.89 20.71 -15.05
C LYS H 29 -26.61 21.76 -13.96
N GLY H 30 -27.62 22.01 -13.14
CA GLY H 30 -27.48 22.99 -12.07
C GLY H 30 -28.40 24.18 -12.23
N PHE H 31 -29.23 24.18 -13.27
CA PHE H 31 -30.16 25.28 -13.49
C PHE H 31 -31.35 25.16 -12.53
N TYR H 32 -31.99 26.29 -12.28
CA TYR H 32 -33.12 26.32 -11.37
C TYR H 32 -34.41 26.42 -12.17
N LEU H 33 -35.36 25.56 -11.83
CA LEU H 33 -36.65 25.54 -12.48
C LEU H 33 -37.52 26.58 -11.80
N ARG H 34 -37.85 27.65 -12.51
CA ARG H 34 -38.67 28.73 -11.95
C ARG H 34 -40.13 28.71 -12.38
N GLY H 35 -40.48 27.83 -13.32
CA GLY H 35 -41.86 27.75 -13.76
C GLY H 35 -42.12 26.60 -14.72
N MET H 36 -43.19 25.86 -14.48
CA MET H 36 -43.50 24.73 -15.33
C MET H 36 -44.97 24.31 -15.35
N LYS H 37 -45.59 24.35 -16.53
CA LYS H 37 -46.98 23.92 -16.65
C LYS H 37 -47.20 23.09 -17.91
N PHE H 38 -48.11 22.13 -17.79
CA PHE H 38 -48.49 21.21 -18.86
C PHE H 38 -49.81 21.76 -19.42
N MET H 39 -49.83 22.05 -20.72
CA MET H 39 -51.04 22.61 -21.32
C MET H 39 -51.33 22.28 -22.77
N ASN H 40 -52.59 22.45 -23.13
CA ASN H 40 -53.08 22.25 -24.50
C ASN H 40 -53.20 23.68 -24.99
N VAL H 41 -52.34 24.07 -25.93
CA VAL H 41 -52.35 25.42 -26.46
C VAL H 41 -53.51 25.61 -27.45
N GLU H 42 -54.17 26.76 -27.39
CA GLU H 42 -55.26 27.04 -28.33
C GLU H 42 -54.68 27.86 -29.49
N ARG H 43 -55.33 27.82 -30.66
CA ARG H 43 -54.82 28.52 -31.83
C ARG H 43 -54.33 29.96 -31.67
N SER H 44 -55.19 30.85 -31.17
CA SER H 44 -54.80 32.26 -31.00
C SER H 44 -53.47 32.46 -30.27
N PHE H 45 -53.24 31.76 -29.16
CA PHE H 45 -51.98 31.88 -28.42
C PHE H 45 -50.85 31.52 -29.38
N ALA H 46 -50.92 30.32 -29.93
CA ALA H 46 -49.92 29.81 -30.87
C ALA H 46 -49.45 30.87 -31.86
N GLN H 47 -50.41 31.62 -32.41
CA GLN H 47 -50.15 32.68 -33.38
C GLN H 47 -49.31 33.80 -32.76
N GLN H 48 -49.67 34.15 -31.52
CA GLN H 48 -48.99 35.20 -30.76
C GLN H 48 -47.52 34.79 -30.58
N HIS H 49 -47.31 33.50 -30.36
CA HIS H 49 -45.96 32.98 -30.17
C HIS H 49 -45.12 33.09 -31.43
N TYR H 50 -45.65 32.53 -32.52
CA TYR H 50 -44.96 32.54 -33.81
C TYR H 50 -45.24 33.84 -34.56
N ALA H 51 -45.81 34.82 -33.87
CA ALA H 51 -46.14 36.11 -34.49
C ALA H 51 -44.98 36.71 -35.28
N ASP H 52 -43.75 36.39 -34.89
CA ASP H 52 -42.58 36.92 -35.56
C ASP H 52 -42.45 36.30 -36.95
N LEU H 53 -42.90 35.05 -37.07
CA LEU H 53 -42.83 34.34 -38.34
C LEU H 53 -44.16 34.37 -39.12
N SER H 54 -45.14 35.11 -38.59
CA SER H 54 -46.44 35.22 -39.24
C SER H 54 -46.37 35.87 -40.61
N ASP H 55 -45.21 35.80 -41.25
CA ASP H 55 -45.01 36.38 -42.58
C ASP H 55 -44.24 35.39 -43.42
N LYS H 56 -44.45 34.10 -43.16
CA LYS H 56 -43.76 33.05 -43.91
C LYS H 56 -44.67 31.84 -44.16
N PRO H 57 -44.54 31.23 -45.34
CA PRO H 57 -45.31 30.05 -45.79
C PRO H 57 -45.64 28.97 -44.75
N PHE H 58 -44.66 28.65 -43.90
CA PHE H 58 -44.84 27.61 -42.90
C PHE H 58 -45.64 28.00 -41.64
N PHE H 59 -45.82 29.30 -41.44
CA PHE H 59 -46.55 29.78 -40.27
C PHE H 59 -47.80 28.95 -39.91
N PRO H 60 -48.78 28.85 -40.83
CA PRO H 60 -50.01 28.09 -40.59
C PRO H 60 -49.79 26.66 -40.11
N GLY H 61 -48.90 25.93 -40.78
CA GLY H 61 -48.60 24.58 -40.37
C GLY H 61 -47.87 24.59 -39.05
N LEU H 62 -47.06 25.63 -38.86
CA LEU H 62 -46.27 25.81 -37.66
C LEU H 62 -47.20 25.91 -36.44
N VAL H 63 -48.39 26.47 -36.65
CA VAL H 63 -49.37 26.64 -35.58
C VAL H 63 -50.21 25.39 -35.39
N GLU H 64 -50.79 24.89 -36.48
CA GLU H 64 -51.64 23.70 -36.41
C GLU H 64 -50.96 22.59 -35.63
N TYR H 65 -49.64 22.53 -35.73
CA TYR H 65 -48.89 21.50 -35.03
C TYR H 65 -48.75 21.70 -33.51
N ILE H 66 -48.33 22.88 -33.07
CA ILE H 66 -48.18 23.09 -31.63
C ILE H 66 -49.55 23.08 -30.95
N ILE H 67 -50.58 22.99 -31.77
CA ILE H 67 -51.96 22.94 -31.29
C ILE H 67 -52.46 21.49 -31.35
N SER H 68 -51.66 20.64 -31.99
CA SER H 68 -51.97 19.22 -32.19
C SER H 68 -51.92 18.36 -30.93
N GLY H 69 -51.36 18.88 -29.85
CA GLY H 69 -51.29 18.09 -28.63
C GLY H 69 -50.73 18.85 -27.46
N PRO H 70 -50.87 18.32 -26.24
CA PRO H 70 -50.36 18.97 -25.04
C PRO H 70 -48.84 19.11 -25.04
N VAL H 71 -48.35 20.21 -24.46
CA VAL H 71 -46.93 20.46 -24.40
C VAL H 71 -46.57 20.78 -22.95
N VAL H 72 -45.31 21.11 -22.70
CA VAL H 72 -44.85 21.46 -21.36
C VAL H 72 -44.07 22.76 -21.43
N ALA H 73 -44.65 23.82 -20.88
CA ALA H 73 -44.01 25.14 -20.89
C ALA H 73 -43.14 25.33 -19.65
N MET H 74 -41.87 25.66 -19.86
CA MET H 74 -40.93 25.84 -18.76
C MET H 74 -40.06 27.08 -18.80
N VAL H 75 -39.57 27.45 -17.62
CA VAL H 75 -38.69 28.59 -17.43
C VAL H 75 -37.58 28.12 -16.49
N TRP H 76 -36.33 28.31 -16.91
CA TRP H 76 -35.17 27.89 -16.13
C TRP H 76 -34.19 29.04 -15.93
N GLU H 77 -33.73 29.20 -14.70
CA GLU H 77 -32.81 30.28 -14.38
C GLU H 77 -31.37 29.78 -14.18
N GLY H 78 -30.41 30.62 -14.58
CA GLY H 78 -29.02 30.23 -14.41
C GLY H 78 -28.09 30.96 -15.36
N LYS H 79 -26.85 31.14 -14.94
CA LYS H 79 -25.88 31.81 -15.79
C LYS H 79 -25.88 31.18 -17.17
N ASP H 80 -26.03 32.02 -18.19
CA ASP H 80 -26.04 31.59 -19.58
C ASP H 80 -26.99 30.42 -19.88
N VAL H 81 -28.23 30.51 -19.41
CA VAL H 81 -29.21 29.45 -19.68
C VAL H 81 -29.63 29.47 -21.14
N VAL H 82 -29.90 30.66 -21.66
CA VAL H 82 -30.32 30.80 -23.05
C VAL H 82 -29.33 30.14 -24.02
N ALA H 83 -28.07 30.56 -23.96
CA ALA H 83 -27.04 30.01 -24.85
C ALA H 83 -26.72 28.55 -24.61
N THR H 84 -26.69 28.08 -23.36
CA THR H 84 -26.38 26.67 -23.15
C THR H 84 -27.62 25.82 -23.40
N GLY H 85 -28.79 26.37 -23.09
CA GLY H 85 -30.01 25.61 -23.35
C GLY H 85 -29.97 25.25 -24.82
N ARG H 86 -29.55 26.20 -25.63
CA ARG H 86 -29.43 26.01 -27.06
C ARG H 86 -28.42 24.91 -27.35
N ARG H 87 -27.21 25.04 -26.78
CA ARG H 87 -26.15 24.04 -26.97
C ARG H 87 -26.65 22.65 -26.58
N ILE H 88 -27.20 22.54 -25.37
CA ILE H 88 -27.74 21.28 -24.85
C ILE H 88 -28.78 20.72 -25.80
N ILE H 89 -29.71 21.56 -26.24
CA ILE H 89 -30.76 21.11 -27.15
C ILE H 89 -30.19 20.60 -28.48
N GLY H 90 -29.15 21.27 -28.98
CA GLY H 90 -28.54 20.84 -30.22
C GLY H 90 -29.11 21.53 -31.45
N ALA H 91 -28.39 21.41 -32.57
CA ALA H 91 -28.78 22.03 -33.83
C ALA H 91 -30.24 21.75 -34.18
N THR H 92 -30.79 22.54 -35.09
CA THR H 92 -32.18 22.41 -35.52
C THR H 92 -32.46 21.10 -36.25
N ARG H 93 -31.47 20.64 -37.00
CA ARG H 93 -31.60 19.40 -37.76
C ARG H 93 -30.89 18.27 -37.00
N PRO H 94 -31.66 17.34 -36.42
CA PRO H 94 -31.13 16.21 -35.66
C PRO H 94 -29.89 15.57 -36.29
N TRP H 95 -29.93 15.32 -37.58
CA TRP H 95 -28.81 14.69 -38.27
C TRP H 95 -27.62 15.63 -38.38
N GLU H 96 -27.72 16.80 -37.74
CA GLU H 96 -26.66 17.78 -37.74
C GLU H 96 -26.29 18.19 -36.32
N ALA H 97 -27.04 17.65 -35.35
CA ALA H 97 -26.80 17.97 -33.94
C ALA H 97 -25.58 17.20 -33.42
N ALA H 98 -24.88 17.78 -32.45
CA ALA H 98 -23.71 17.12 -31.88
C ALA H 98 -24.15 16.06 -30.89
N PRO H 99 -23.45 14.91 -30.88
CA PRO H 99 -23.84 13.84 -29.94
C PRO H 99 -23.84 14.40 -28.52
N GLY H 100 -24.74 13.89 -27.68
CA GLY H 100 -24.82 14.38 -26.32
C GLY H 100 -25.95 15.38 -26.14
N THR H 101 -26.36 16.03 -27.23
CA THR H 101 -27.44 17.01 -27.19
C THR H 101 -28.80 16.32 -27.31
N ILE H 102 -29.83 16.92 -26.71
CA ILE H 102 -31.18 16.34 -26.75
C ILE H 102 -31.63 15.91 -28.16
N ARG H 103 -31.47 16.78 -29.15
CA ARG H 103 -31.90 16.46 -30.50
C ARG H 103 -31.03 15.46 -31.23
N ALA H 104 -29.77 15.34 -30.86
CA ALA H 104 -28.91 14.37 -31.52
C ALA H 104 -29.30 12.99 -30.99
N ASP H 105 -29.65 12.92 -29.72
CA ASP H 105 -30.01 11.66 -29.09
C ASP H 105 -31.46 11.23 -29.21
N TYR H 106 -32.36 12.15 -29.55
CA TYR H 106 -33.77 11.81 -29.62
C TYR H 106 -34.56 12.13 -30.88
N ALA H 107 -34.00 12.92 -31.80
CA ALA H 107 -34.77 13.29 -32.97
C ALA H 107 -34.27 12.82 -34.33
N VAL H 108 -35.20 12.68 -35.25
CA VAL H 108 -34.91 12.24 -36.61
C VAL H 108 -35.15 13.37 -37.60
N GLU H 109 -36.23 14.11 -37.39
CA GLU H 109 -36.59 15.21 -38.30
C GLU H 109 -36.77 16.58 -37.63
N VAL H 110 -36.51 17.62 -38.42
CA VAL H 110 -36.66 19.01 -37.97
C VAL H 110 -38.08 19.23 -37.46
N GLY H 111 -39.04 18.81 -38.27
CA GLY H 111 -40.44 18.95 -37.91
C GLY H 111 -40.77 18.40 -36.54
N ARG H 112 -40.06 17.35 -36.14
CA ARG H 112 -40.30 16.76 -34.83
C ARG H 112 -39.02 16.71 -34.02
N ASN H 113 -38.47 17.88 -33.70
CA ASN H 113 -37.25 17.92 -32.92
C ASN H 113 -37.45 18.10 -31.42
N VAL H 114 -38.46 17.41 -30.90
CA VAL H 114 -38.77 17.33 -29.47
C VAL H 114 -38.85 18.53 -28.53
N ILE H 115 -37.99 19.52 -28.68
CA ILE H 115 -37.96 20.63 -27.74
C ILE H 115 -37.61 22.00 -28.32
N HIS H 116 -38.01 23.05 -27.62
CA HIS H 116 -37.72 24.42 -28.03
C HIS H 116 -37.09 25.24 -26.90
N GLY H 117 -36.06 26.02 -27.24
CA GLY H 117 -35.42 26.88 -26.27
C GLY H 117 -35.22 28.25 -26.87
N SER H 118 -35.26 29.30 -26.05
CA SER H 118 -35.08 30.66 -26.53
C SER H 118 -33.74 30.84 -27.23
N ASP H 119 -33.64 31.83 -28.11
CA ASP H 119 -32.41 32.09 -28.85
C ASP H 119 -31.78 33.43 -28.53
N SER H 120 -32.19 34.03 -27.42
CA SER H 120 -31.67 35.32 -26.99
C SER H 120 -32.34 35.71 -25.69
N VAL H 121 -31.67 36.54 -24.91
CA VAL H 121 -32.22 37.00 -23.64
C VAL H 121 -33.54 37.72 -23.88
N ASP H 122 -33.56 38.66 -24.83
CA ASP H 122 -34.79 39.39 -25.14
C ASP H 122 -35.92 38.42 -25.44
N ASN H 123 -35.73 37.61 -26.47
CA ASN H 123 -36.74 36.63 -26.84
C ASN H 123 -37.22 35.84 -25.63
N GLY H 124 -36.29 35.19 -24.95
CA GLY H 124 -36.65 34.42 -23.77
C GLY H 124 -37.45 35.26 -22.81
N LYS H 125 -37.05 36.52 -22.65
CA LYS H 125 -37.76 37.43 -21.75
C LYS H 125 -39.18 37.64 -22.27
N LYS H 126 -39.26 37.88 -23.57
CA LYS H 126 -40.52 38.13 -24.25
C LYS H 126 -41.42 36.90 -24.35
N GLU H 127 -40.86 35.70 -24.19
CA GLU H 127 -41.66 34.49 -24.25
C GLU H 127 -42.11 34.12 -22.84
N ILE H 128 -41.26 34.43 -21.86
CA ILE H 128 -41.59 34.14 -20.48
C ILE H 128 -42.70 35.10 -20.09
N ALA H 129 -42.75 36.22 -20.80
CA ALA H 129 -43.78 37.23 -20.54
C ALA H 129 -45.06 36.72 -21.18
N LEU H 130 -44.93 36.19 -22.39
CA LEU H 130 -46.07 35.67 -23.13
C LEU H 130 -46.66 34.44 -22.42
N TRP H 131 -45.85 33.38 -22.30
CA TRP H 131 -46.28 32.13 -21.66
C TRP H 131 -46.49 32.19 -20.15
N PHE H 132 -45.76 33.04 -19.44
CA PHE H 132 -45.90 33.14 -17.98
C PHE H 132 -46.25 34.54 -17.45
N PRO H 133 -47.50 34.98 -17.67
CA PRO H 133 -47.91 36.30 -17.18
C PRO H 133 -48.32 36.23 -15.71
N GLU H 134 -48.57 35.01 -15.22
CA GLU H 134 -48.95 34.79 -13.83
C GLU H 134 -47.73 34.95 -12.92
N GLY H 135 -46.54 34.90 -13.53
CA GLY H 135 -45.31 35.03 -12.76
C GLY H 135 -44.61 33.72 -12.49
N LEU H 136 -43.42 33.80 -11.89
CA LEU H 136 -42.63 32.61 -11.58
C LEU H 136 -42.71 32.25 -10.10
N ALA H 137 -42.07 31.15 -9.72
CA ALA H 137 -42.07 30.69 -8.32
C ALA H 137 -40.77 31.10 -7.63
N GLU H 138 -40.90 31.53 -6.37
CA GLU H 138 -39.75 31.97 -5.60
C GLU H 138 -39.20 30.86 -4.69
N TRP H 139 -37.87 30.70 -4.71
CA TRP H 139 -37.19 29.71 -3.90
C TRP H 139 -35.69 29.83 -4.12
N ARG H 140 -34.91 29.31 -3.18
CA ARG H 140 -33.45 29.34 -3.29
C ARG H 140 -32.86 27.98 -2.90
N SER H 141 -32.26 27.30 -3.88
CA SER H 141 -31.67 25.99 -3.64
C SER H 141 -30.51 26.06 -2.65
N ASN H 142 -30.51 25.13 -1.69
CA ASN H 142 -29.48 25.06 -0.68
C ASN H 142 -28.12 24.83 -1.33
N LEU H 143 -28.13 24.20 -2.51
CA LEU H 143 -26.89 23.92 -3.22
C LEU H 143 -26.34 25.14 -3.94
N HIS H 144 -27.07 26.24 -3.88
CA HIS H 144 -26.63 27.45 -4.55
C HIS H 144 -25.15 27.76 -4.33
N PRO H 145 -24.74 27.96 -3.06
CA PRO H 145 -23.33 28.27 -2.77
C PRO H 145 -22.30 27.32 -3.38
N TRP H 146 -22.73 26.09 -3.70
CA TRP H 146 -21.85 25.08 -4.29
C TRP H 146 -21.94 25.10 -5.81
N ILE H 147 -22.97 25.74 -6.33
CA ILE H 147 -23.12 25.82 -7.77
C ILE H 147 -22.48 27.11 -8.28
N TYR H 148 -22.64 28.20 -7.52
CA TYR H 148 -22.07 29.48 -7.91
C TYR H 148 -21.03 30.00 -6.91
N GLU H 149 -20.72 31.30 -7.03
CA GLU H 149 -19.76 32.00 -6.17
C GLU H 149 -18.33 31.87 -6.65
N ARG I 1 -30.26 8.35 15.96
CA ARG I 1 -29.33 9.51 15.81
C ARG I 1 -28.44 9.35 14.57
N MET I 2 -27.14 9.63 14.72
CA MET I 2 -26.19 9.54 13.60
C MET I 2 -25.29 8.32 13.53
N GLU I 3 -25.88 7.14 13.45
CA GLU I 3 -25.10 5.92 13.40
C GLU I 3 -24.36 5.80 12.07
N GLN I 4 -23.33 4.96 12.07
CA GLN I 4 -22.54 4.76 10.89
C GLN I 4 -22.49 3.28 10.59
N SER I 5 -22.23 2.93 9.33
CA SER I 5 -22.13 1.53 8.97
C SER I 5 -20.97 1.33 8.02
N PHE I 6 -20.30 0.20 8.16
CA PHE I 6 -19.18 -0.10 7.30
C PHE I 6 -19.71 -0.81 6.05
N ILE I 7 -19.57 -0.14 4.91
CA ILE I 7 -20.03 -0.68 3.63
C ILE I 7 -18.78 -0.97 2.81
N MET I 8 -18.71 -2.17 2.25
CA MET I 8 -17.56 -2.57 1.44
C MET I 8 -17.95 -3.29 0.17
N ILE I 9 -17.31 -2.90 -0.92
CA ILE I 9 -17.55 -3.53 -2.21
C ILE I 9 -16.45 -4.55 -2.31
N LYS I 10 -16.84 -5.82 -2.31
CA LYS I 10 -15.90 -6.94 -2.38
C LYS I 10 -15.23 -7.00 -3.74
N PRO I 11 -14.13 -7.76 -3.84
CA PRO I 11 -13.36 -7.92 -5.08
C PRO I 11 -14.19 -8.00 -6.35
N ASP I 12 -15.08 -8.99 -6.43
CA ASP I 12 -15.92 -9.19 -7.62
C ASP I 12 -16.67 -7.93 -8.02
N GLY I 13 -16.99 -7.09 -7.04
CA GLY I 13 -17.70 -5.86 -7.33
C GLY I 13 -16.86 -4.88 -8.11
N VAL I 14 -15.57 -4.84 -7.83
CA VAL I 14 -14.69 -3.92 -8.52
C VAL I 14 -14.42 -4.40 -9.94
N GLN I 15 -14.31 -5.71 -10.11
CA GLN I 15 -14.02 -6.29 -11.41
C GLN I 15 -15.19 -6.09 -12.36
N ARG I 16 -16.40 -6.21 -11.83
CA ARG I 16 -17.57 -6.11 -12.66
C ARG I 16 -18.04 -4.70 -12.97
N GLY I 17 -17.20 -3.73 -12.62
CA GLY I 17 -17.51 -2.33 -12.88
C GLY I 17 -18.68 -1.74 -12.11
N LEU I 18 -18.96 -2.27 -10.94
CA LEU I 18 -20.07 -1.79 -10.15
C LEU I 18 -19.76 -0.74 -9.10
N ILE I 19 -18.53 -0.25 -9.04
CA ILE I 19 -18.22 0.74 -8.01
C ILE I 19 -19.18 1.94 -8.08
N GLY I 20 -19.03 2.81 -9.08
CA GLY I 20 -19.93 3.94 -9.20
C GLY I 20 -21.38 3.58 -8.91
N ASP I 21 -21.88 2.57 -9.61
CA ASP I 21 -23.26 2.13 -9.42
C ASP I 21 -23.67 2.01 -7.97
N ILE I 22 -22.92 1.23 -7.20
CA ILE I 22 -23.25 1.04 -5.77
C ILE I 22 -23.22 2.36 -5.01
N ILE I 23 -22.20 3.17 -5.25
CA ILE I 23 -22.08 4.45 -4.55
C ILE I 23 -23.23 5.40 -4.87
N SER I 24 -23.65 5.45 -6.13
CA SER I 24 -24.74 6.34 -6.47
C SER I 24 -25.97 5.97 -5.67
N ARG I 25 -26.14 4.68 -5.40
CA ARG I 25 -27.29 4.21 -4.62
C ARG I 25 -27.31 4.77 -3.21
N PHE I 26 -26.15 4.96 -2.63
CA PHE I 26 -26.11 5.51 -1.28
C PHE I 26 -26.21 7.03 -1.31
N GLU I 27 -25.62 7.67 -2.32
CA GLU I 27 -25.70 9.13 -2.42
C GLU I 27 -27.16 9.54 -2.59
N LYS I 28 -27.80 8.96 -3.60
CA LYS I 28 -29.18 9.26 -3.88
C LYS I 28 -30.05 9.03 -2.65
N LYS I 29 -29.83 7.91 -1.96
CA LYS I 29 -30.62 7.63 -0.77
C LYS I 29 -30.62 8.78 0.23
N GLY I 30 -29.61 9.64 0.14
CA GLY I 30 -29.51 10.76 1.04
C GLY I 30 -28.55 10.50 2.18
N PHE I 31 -27.80 9.39 2.12
CA PHE I 31 -26.84 9.10 3.17
C PHE I 31 -25.54 9.86 2.92
N TYR I 32 -24.83 10.14 4.00
CA TYR I 32 -23.57 10.88 3.91
C TYR I 32 -22.36 9.93 3.94
N LEU I 33 -21.41 10.21 3.06
CA LEU I 33 -20.19 9.41 2.96
C LEU I 33 -19.13 10.01 3.90
N ARG I 34 -18.71 9.23 4.89
CA ARG I 34 -17.72 9.66 5.87
C ARG I 34 -16.33 9.13 5.55
N GLY I 35 -16.25 7.96 4.95
CA GLY I 35 -14.95 7.40 4.64
C GLY I 35 -14.97 6.46 3.45
N MET I 36 -13.89 6.50 2.66
CA MET I 36 -13.78 5.65 1.49
C MET I 36 -12.35 5.46 1.03
N LYS I 37 -12.00 4.23 0.68
CA LYS I 37 -10.68 3.97 0.19
C LYS I 37 -10.53 2.65 -0.56
N PHE I 38 -9.90 2.74 -1.72
CA PHE I 38 -9.63 1.60 -2.60
C PHE I 38 -8.31 1.02 -2.07
N MET I 39 -8.25 -0.29 -1.87
CA MET I 39 -7.04 -0.88 -1.30
C MET I 39 -6.92 -2.37 -1.52
N ASN I 40 -5.70 -2.89 -1.34
CA ASN I 40 -5.38 -4.33 -1.45
C ASN I 40 -5.26 -4.87 -0.02
N VAL I 41 -6.24 -5.60 0.46
CA VAL I 41 -6.23 -6.15 1.83
C VAL I 41 -5.12 -7.17 2.12
N GLU I 42 -4.49 -7.05 3.30
CA GLU I 42 -3.43 -7.96 3.75
C GLU I 42 -4.04 -9.17 4.47
N ARG I 43 -3.52 -10.36 4.19
CA ARG I 43 -3.99 -11.61 4.76
C ARG I 43 -4.15 -11.61 6.27
N SER I 44 -3.15 -11.08 6.97
CA SER I 44 -3.19 -11.05 8.43
C SER I 44 -4.36 -10.15 8.89
N PHE I 45 -4.58 -9.06 8.16
CA PHE I 45 -5.64 -8.11 8.45
C PHE I 45 -6.97 -8.77 8.16
N ALA I 46 -7.05 -9.48 7.05
CA ALA I 46 -8.26 -10.17 6.67
C ALA I 46 -8.68 -11.15 7.75
N GLN I 47 -7.72 -11.93 8.25
CA GLN I 47 -8.02 -12.90 9.28
C GLN I 47 -8.70 -12.25 10.47
N GLN I 48 -8.31 -11.03 10.79
CA GLN I 48 -8.92 -10.36 11.92
C GLN I 48 -10.29 -9.82 11.55
N HIS I 49 -10.48 -9.48 10.29
CA HIS I 49 -11.77 -8.97 9.84
C HIS I 49 -12.80 -10.08 9.87
N TYR I 50 -12.32 -11.31 9.64
CA TYR I 50 -13.19 -12.48 9.66
C TYR I 50 -12.95 -13.28 10.94
N ALA I 51 -12.48 -12.58 11.98
CA ALA I 51 -12.20 -13.20 13.27
C ALA I 51 -13.36 -13.98 13.87
N ASP I 52 -14.52 -13.35 13.95
CA ASP I 52 -15.68 -14.00 14.55
C ASP I 52 -16.04 -15.31 13.85
N LEU I 53 -15.34 -15.61 12.76
CA LEU I 53 -15.59 -16.84 11.98
C LEU I 53 -14.38 -17.76 11.85
N SER I 54 -13.27 -17.40 12.47
CA SER I 54 -12.05 -18.20 12.36
C SER I 54 -12.13 -19.58 12.99
N ASP I 55 -13.34 -20.05 13.25
CA ASP I 55 -13.51 -21.38 13.83
C ASP I 55 -14.26 -22.26 12.85
N LYS I 56 -14.72 -21.66 11.75
CA LYS I 56 -15.45 -22.39 10.71
C LYS I 56 -14.46 -23.02 9.73
N PRO I 57 -14.95 -23.95 8.89
CA PRO I 57 -14.10 -24.63 7.90
C PRO I 57 -13.76 -23.78 6.69
N PHE I 58 -14.65 -22.86 6.34
CA PHE I 58 -14.46 -22.00 5.18
C PHE I 58 -13.71 -20.70 5.49
N PHE I 59 -13.29 -20.55 6.74
CA PHE I 59 -12.54 -19.36 7.15
C PHE I 59 -11.33 -19.15 6.21
N PRO I 60 -10.64 -20.23 5.84
CA PRO I 60 -9.49 -20.10 4.96
C PRO I 60 -9.82 -19.40 3.64
N GLY I 61 -10.81 -19.94 2.93
CA GLY I 61 -11.21 -19.36 1.65
C GLY I 61 -11.75 -17.96 1.80
N LEU I 62 -12.37 -17.69 2.95
CA LEU I 62 -12.92 -16.37 3.24
C LEU I 62 -11.82 -15.32 3.13
N VAL I 63 -10.67 -15.63 3.75
CA VAL I 63 -9.50 -14.76 3.78
C VAL I 63 -8.86 -14.74 2.38
N GLU I 64 -8.83 -15.90 1.76
CA GLU I 64 -8.27 -16.05 0.44
C GLU I 64 -8.91 -15.12 -0.57
N TYR I 65 -10.24 -15.17 -0.64
CA TYR I 65 -10.97 -14.35 -1.60
C TYR I 65 -10.85 -12.84 -1.39
N ILE I 66 -11.02 -12.38 -0.15
CA ILE I 66 -10.95 -10.96 0.14
C ILE I 66 -9.55 -10.43 -0.15
N ILE I 67 -8.59 -11.33 -0.25
CA ILE I 67 -7.21 -10.98 -0.50
C ILE I 67 -6.81 -11.15 -1.97
N SER I 68 -7.74 -11.61 -2.80
CA SER I 68 -7.46 -11.85 -4.22
C SER I 68 -7.70 -10.68 -5.17
N GLY I 69 -8.28 -9.58 -4.68
CA GLY I 69 -8.53 -8.45 -5.53
C GLY I 69 -8.82 -7.21 -4.74
N PRO I 70 -8.42 -6.03 -5.21
CA PRO I 70 -8.71 -4.83 -4.42
C PRO I 70 -10.19 -4.72 -4.01
N VAL I 71 -10.46 -3.90 -3.01
CA VAL I 71 -11.82 -3.66 -2.54
C VAL I 71 -12.00 -2.19 -2.21
N VAL I 72 -13.25 -1.73 -2.18
CA VAL I 72 -13.54 -0.36 -1.83
C VAL I 72 -14.20 -0.36 -0.44
N ALA I 73 -13.48 0.15 0.55
CA ALA I 73 -13.96 0.22 1.94
C ALA I 73 -14.59 1.56 2.18
N MET I 74 -15.84 1.56 2.62
CA MET I 74 -16.56 2.79 2.86
C MET I 74 -17.24 2.85 4.22
N VAL I 75 -17.64 4.05 4.59
CA VAL I 75 -18.33 4.29 5.86
C VAL I 75 -19.42 5.34 5.62
N TRP I 76 -20.67 4.93 5.70
CA TRP I 76 -21.78 5.86 5.49
C TRP I 76 -22.53 6.16 6.78
N GLU I 77 -22.95 7.41 6.91
CA GLU I 77 -23.65 7.92 8.09
C GLU I 77 -25.08 8.35 7.78
N GLY I 78 -25.96 8.16 8.75
CA GLY I 78 -27.35 8.53 8.58
C GLY I 78 -28.26 7.85 9.59
N LYS I 79 -29.53 8.22 9.60
CA LYS I 79 -30.50 7.65 10.50
C LYS I 79 -30.82 6.22 10.04
N ASP I 80 -30.41 5.25 10.84
CA ASP I 80 -30.64 3.85 10.54
C ASP I 80 -29.81 3.32 9.37
N VAL I 81 -28.63 3.89 9.11
CA VAL I 81 -27.81 3.43 8.00
C VAL I 81 -27.57 1.94 8.06
N VAL I 82 -27.25 1.43 9.25
CA VAL I 82 -27.00 0.01 9.40
C VAL I 82 -28.13 -0.89 8.89
N ALA I 83 -29.28 -0.87 9.55
CA ALA I 83 -30.42 -1.70 9.14
C ALA I 83 -30.88 -1.49 7.70
N THR I 84 -30.94 -0.23 7.26
CA THR I 84 -31.39 0.06 5.90
C THR I 84 -30.34 -0.33 4.84
N GLY I 85 -29.08 -0.39 5.26
CA GLY I 85 -28.02 -0.78 4.34
C GLY I 85 -28.20 -2.26 4.01
N ARG I 86 -28.45 -3.07 5.05
CA ARG I 86 -28.67 -4.49 4.84
C ARG I 86 -29.86 -4.59 3.89
N ARG I 87 -30.81 -3.67 4.08
CA ARG I 87 -32.03 -3.60 3.28
C ARG I 87 -31.72 -3.34 1.81
N ILE I 88 -30.98 -2.25 1.54
CA ILE I 88 -30.59 -1.87 0.18
C ILE I 88 -29.74 -2.98 -0.44
N ILE I 89 -28.86 -3.56 0.36
CA ILE I 89 -27.98 -4.61 -0.11
C ILE I 89 -28.74 -5.86 -0.50
N GLY I 90 -29.61 -6.34 0.39
CA GLY I 90 -30.40 -7.53 0.10
C GLY I 90 -29.90 -8.82 0.73
N ALA I 91 -30.77 -9.82 0.78
CA ALA I 91 -30.45 -11.12 1.37
C ALA I 91 -29.07 -11.67 0.95
N THR I 92 -28.52 -12.56 1.77
CA THR I 92 -27.21 -13.15 1.50
C THR I 92 -27.22 -13.84 0.15
N ARG I 93 -28.25 -14.63 -0.11
CA ARG I 93 -28.38 -15.32 -1.39
C ARG I 93 -29.11 -14.40 -2.37
N PRO I 94 -28.46 -14.10 -3.51
CA PRO I 94 -29.06 -13.22 -4.53
C PRO I 94 -30.39 -13.74 -5.07
N TRP I 95 -30.59 -15.06 -5.01
CA TRP I 95 -31.81 -15.66 -5.53
C TRP I 95 -33.00 -15.46 -4.60
N GLU I 96 -32.74 -14.92 -3.42
CA GLU I 96 -33.78 -14.64 -2.44
C GLU I 96 -33.88 -13.13 -2.24
N ALA I 97 -32.84 -12.42 -2.67
CA ALA I 97 -32.80 -10.98 -2.55
C ALA I 97 -33.99 -10.42 -3.31
N ALA I 98 -34.73 -9.52 -2.69
CA ALA I 98 -35.90 -8.94 -3.33
C ALA I 98 -35.50 -7.98 -4.46
N PRO I 99 -36.17 -8.10 -5.61
CA PRO I 99 -35.84 -7.20 -6.72
C PRO I 99 -35.85 -5.75 -6.26
N GLY I 100 -34.80 -5.02 -6.64
CA GLY I 100 -34.68 -3.61 -6.26
C GLY I 100 -33.42 -3.44 -5.43
N THR I 101 -32.96 -4.54 -4.85
CA THR I 101 -31.76 -4.48 -4.02
C THR I 101 -30.50 -4.76 -4.84
N ILE I 102 -29.38 -4.22 -4.39
CA ILE I 102 -28.10 -4.40 -5.06
C ILE I 102 -27.88 -5.87 -5.41
N ARG I 103 -27.89 -6.73 -4.39
CA ARG I 103 -27.67 -8.16 -4.61
C ARG I 103 -28.64 -8.81 -5.59
N ALA I 104 -29.92 -8.48 -5.50
CA ALA I 104 -30.93 -9.04 -6.39
C ALA I 104 -30.78 -8.61 -7.85
N ASP I 105 -30.16 -7.45 -8.07
CA ASP I 105 -29.98 -6.91 -9.42
C ASP I 105 -28.57 -7.02 -9.97
N TYR I 106 -27.61 -7.39 -9.12
CA TYR I 106 -26.22 -7.47 -9.55
C TYR I 106 -25.47 -8.78 -9.35
N ALA I 107 -25.87 -9.61 -8.40
CA ALA I 107 -25.15 -10.85 -8.16
C ALA I 107 -25.92 -12.13 -8.43
N VAL I 108 -25.19 -13.23 -8.52
CA VAL I 108 -25.78 -14.53 -8.80
C VAL I 108 -25.54 -15.59 -7.74
N GLU I 109 -24.34 -15.62 -7.16
CA GLU I 109 -24.02 -16.60 -6.14
C GLU I 109 -23.60 -15.98 -4.82
N VAL I 110 -23.70 -16.77 -3.76
CA VAL I 110 -23.34 -16.35 -2.41
C VAL I 110 -21.87 -15.94 -2.28
N GLY I 111 -20.98 -16.81 -2.75
CA GLY I 111 -19.56 -16.53 -2.64
C GLY I 111 -19.08 -15.33 -3.44
N ARG I 112 -19.99 -14.74 -4.21
CA ARG I 112 -19.65 -13.58 -5.02
C ARG I 112 -20.80 -12.59 -4.95
N ASN I 113 -21.26 -12.28 -3.75
CA ASN I 113 -22.39 -11.36 -3.64
C ASN I 113 -22.10 -9.87 -3.62
N VAL I 114 -21.08 -9.47 -4.37
CA VAL I 114 -20.71 -8.08 -4.59
C VAL I 114 -20.42 -7.07 -3.47
N ILE I 115 -21.25 -7.03 -2.43
CA ILE I 115 -21.05 -6.03 -1.39
C ILE I 115 -21.21 -6.58 0.04
N HIS I 116 -20.66 -5.85 1.01
CA HIS I 116 -20.72 -6.22 2.43
C HIS I 116 -21.23 -5.03 3.24
N GLY I 117 -21.98 -5.31 4.29
CA GLY I 117 -22.51 -4.25 5.14
C GLY I 117 -22.55 -4.69 6.59
N SER I 118 -22.34 -3.75 7.51
CA SER I 118 -22.37 -4.08 8.94
C SER I 118 -23.79 -4.57 9.23
N ASP I 119 -23.93 -5.51 10.15
CA ASP I 119 -25.26 -6.01 10.48
C ASP I 119 -25.88 -5.43 11.76
N SER I 120 -25.06 -4.87 12.63
CA SER I 120 -25.56 -4.26 13.86
C SER I 120 -24.89 -2.90 14.01
N VAL I 121 -25.41 -2.05 14.88
CA VAL I 121 -24.76 -0.76 15.04
C VAL I 121 -23.43 -1.00 15.76
N ASP I 122 -23.38 -2.04 16.60
CA ASP I 122 -22.15 -2.36 17.32
C ASP I 122 -21.09 -2.93 16.39
N ASN I 123 -21.48 -3.92 15.57
CA ASN I 123 -20.52 -4.49 14.66
C ASN I 123 -19.89 -3.42 13.76
N GLY I 124 -20.67 -2.41 13.41
CA GLY I 124 -20.14 -1.34 12.58
C GLY I 124 -19.01 -0.62 13.28
N LYS I 125 -19.21 -0.32 14.57
CA LYS I 125 -18.20 0.36 15.36
C LYS I 125 -16.90 -0.46 15.38
N LYS I 126 -17.02 -1.78 15.33
CA LYS I 126 -15.85 -2.67 15.33
C LYS I 126 -15.13 -2.51 14.01
N GLU I 127 -15.88 -2.74 12.94
CA GLU I 127 -15.38 -2.66 11.59
C GLU I 127 -14.77 -1.32 11.31
N ILE I 128 -15.44 -0.23 11.70
CA ILE I 128 -14.90 1.11 11.46
C ILE I 128 -13.56 1.29 12.14
N ALA I 129 -13.42 0.76 13.34
CA ALA I 129 -12.17 0.85 14.09
C ALA I 129 -11.04 0.04 13.43
N LEU I 130 -11.42 -1.00 12.69
CA LEU I 130 -10.43 -1.84 12.04
C LEU I 130 -9.97 -1.25 10.72
N TRP I 131 -10.95 -0.93 9.88
CA TRP I 131 -10.72 -0.39 8.55
C TRP I 131 -10.41 1.10 8.50
N PHE I 132 -10.80 1.83 9.54
CA PHE I 132 -10.55 3.27 9.58
C PHE I 132 -10.08 3.69 10.97
N PRO I 133 -8.97 3.11 11.44
CA PRO I 133 -8.49 3.49 12.75
C PRO I 133 -8.00 4.93 12.79
N GLU I 134 -7.93 5.57 11.61
CA GLU I 134 -7.46 6.94 11.53
C GLU I 134 -8.60 7.95 11.49
N GLY I 135 -9.81 7.50 11.76
CA GLY I 135 -10.94 8.42 11.76
C GLY I 135 -11.57 8.70 10.41
N LEU I 136 -12.62 9.51 10.42
CA LEU I 136 -13.35 9.83 9.20
C LEU I 136 -13.30 11.31 8.79
N ALA I 137 -13.78 11.60 7.58
CA ALA I 137 -13.78 12.96 7.06
C ALA I 137 -14.96 13.76 7.64
N GLU I 138 -14.68 14.99 8.03
CA GLU I 138 -15.68 15.87 8.63
C GLU I 138 -16.35 16.82 7.64
N TRP I 139 -17.68 16.76 7.56
CA TRP I 139 -18.43 17.65 6.67
C TRP I 139 -19.94 17.72 6.96
N ARG I 140 -20.55 18.79 6.45
CA ARG I 140 -21.99 19.03 6.63
C ARG I 140 -22.66 19.26 5.26
N SER I 141 -23.68 18.47 4.97
CA SER I 141 -24.38 18.58 3.69
C SER I 141 -25.33 19.78 3.64
N ASN I 142 -25.17 20.62 2.62
CA ASN I 142 -26.02 21.79 2.44
C ASN I 142 -27.46 21.35 2.27
N LEU I 143 -27.65 20.06 2.01
CA LEU I 143 -28.99 19.51 1.81
C LEU I 143 -29.53 18.88 3.07
N HIS I 144 -28.77 18.98 4.16
CA HIS I 144 -29.18 18.37 5.42
C HIS I 144 -30.58 18.75 5.90
N PRO I 145 -30.90 20.05 5.89
CA PRO I 145 -32.25 20.43 6.34
C PRO I 145 -33.39 19.80 5.54
N TRP I 146 -33.17 19.58 4.24
CA TRP I 146 -34.17 19.00 3.35
C TRP I 146 -34.19 17.47 3.41
N ILE I 147 -33.19 16.89 4.04
CA ILE I 147 -33.13 15.44 4.14
C ILE I 147 -33.63 14.99 5.50
N TYR I 148 -33.21 15.68 6.55
CA TYR I 148 -33.64 15.32 7.90
C TYR I 148 -34.59 16.37 8.46
N GLU I 149 -34.82 16.31 9.77
CA GLU I 149 -35.69 17.22 10.50
C GLU I 149 -37.15 16.81 10.36
N ARG J 1 -26.73 -26.13 -11.01
CA ARG J 1 -26.01 -25.99 -12.31
C ARG J 1 -26.28 -24.69 -13.11
N MET J 2 -26.00 -24.78 -14.40
CA MET J 2 -26.14 -23.68 -15.39
C MET J 2 -27.47 -23.81 -16.19
N GLU J 3 -28.61 -23.56 -15.55
CA GLU J 3 -29.87 -23.70 -16.27
C GLU J 3 -30.11 -22.58 -17.29
N GLN J 4 -31.15 -22.73 -18.09
CA GLN J 4 -31.47 -21.72 -19.08
C GLN J 4 -32.96 -21.44 -19.03
N SER J 5 -33.34 -20.24 -19.43
CA SER J 5 -34.74 -19.84 -19.44
C SER J 5 -35.02 -19.09 -20.72
N PHE J 6 -36.27 -19.17 -21.18
CA PHE J 6 -36.68 -18.48 -22.39
C PHE J 6 -37.37 -17.17 -22.00
N ILE J 7 -36.73 -16.04 -22.32
CA ILE J 7 -37.30 -14.74 -22.00
C ILE J 7 -37.78 -14.06 -23.28
N MET J 8 -39.07 -13.78 -23.35
CA MET J 8 -39.63 -13.13 -24.51
C MET J 8 -40.18 -11.75 -24.24
N ILE J 9 -39.87 -10.83 -25.15
CA ILE J 9 -40.38 -9.47 -25.06
C ILE J 9 -41.58 -9.50 -26.01
N LYS J 10 -42.76 -9.16 -25.50
CA LYS J 10 -43.96 -9.19 -26.32
C LYS J 10 -44.13 -8.00 -27.26
N PRO J 11 -45.06 -8.10 -28.22
CA PRO J 11 -45.28 -7.01 -29.17
C PRO J 11 -45.31 -5.64 -28.53
N ASP J 12 -46.00 -5.53 -27.40
CA ASP J 12 -46.09 -4.23 -26.72
C ASP J 12 -44.76 -3.73 -26.18
N GLY J 13 -43.86 -4.66 -25.83
CA GLY J 13 -42.56 -4.28 -25.32
C GLY J 13 -41.73 -3.61 -26.39
N VAL J 14 -41.88 -4.11 -27.62
CA VAL J 14 -41.13 -3.57 -28.74
C VAL J 14 -41.61 -2.17 -29.10
N GLN J 15 -42.93 -1.97 -29.08
CA GLN J 15 -43.49 -0.67 -29.44
C GLN J 15 -43.11 0.44 -28.46
N ARG J 16 -42.83 0.07 -27.23
CA ARG J 16 -42.48 1.07 -26.23
C ARG J 16 -40.99 1.25 -26.03
N GLY J 17 -40.21 0.58 -26.88
CA GLY J 17 -38.76 0.69 -26.83
C GLY J 17 -38.14 0.30 -25.51
N LEU J 18 -38.50 -0.89 -25.05
CA LEU J 18 -38.00 -1.42 -23.80
C LEU J 18 -37.00 -2.55 -24.06
N ILE J 19 -36.73 -2.85 -25.32
CA ILE J 19 -35.79 -3.92 -25.65
C ILE J 19 -34.44 -3.75 -24.98
N GLY J 20 -33.86 -2.56 -25.10
CA GLY J 20 -32.56 -2.29 -24.52
C GLY J 20 -32.58 -2.31 -23.00
N ASP J 21 -33.61 -1.72 -22.42
CA ASP J 21 -33.74 -1.67 -20.97
C ASP J 21 -33.89 -3.06 -20.39
N ILE J 22 -34.60 -3.92 -21.11
CA ILE J 22 -34.81 -5.28 -20.65
C ILE J 22 -33.52 -6.10 -20.67
N ILE J 23 -32.78 -5.95 -21.75
CA ILE J 23 -31.53 -6.67 -21.92
C ILE J 23 -30.48 -6.23 -20.91
N SER J 24 -30.39 -4.92 -20.68
CA SER J 24 -29.42 -4.41 -19.73
C SER J 24 -29.62 -5.03 -18.35
N ARG J 25 -30.87 -5.23 -17.96
CA ARG J 25 -31.16 -5.81 -16.66
C ARG J 25 -30.50 -7.15 -16.44
N PHE J 26 -30.67 -8.05 -17.40
CA PHE J 26 -30.10 -9.39 -17.27
C PHE J 26 -28.59 -9.35 -17.42
N GLU J 27 -28.10 -8.36 -18.15
CA GLU J 27 -26.66 -8.24 -18.33
C GLU J 27 -26.04 -7.84 -17.02
N LYS J 28 -26.51 -6.76 -16.41
CA LYS J 28 -25.93 -6.35 -15.12
C LYS J 28 -26.16 -7.38 -14.02
N LYS J 29 -27.15 -8.24 -14.20
CA LYS J 29 -27.45 -9.29 -13.23
C LYS J 29 -26.35 -10.32 -13.19
N GLY J 30 -25.67 -10.50 -14.32
CA GLY J 30 -24.59 -11.48 -14.39
C GLY J 30 -24.97 -12.70 -15.18
N PHE J 31 -26.15 -12.67 -15.80
CA PHE J 31 -26.63 -13.79 -16.61
C PHE J 31 -26.05 -13.72 -18.01
N TYR J 32 -25.72 -14.88 -18.57
CA TYR J 32 -25.14 -14.94 -19.90
C TYR J 32 -26.22 -15.13 -20.95
N LEU J 33 -26.12 -14.36 -22.03
CA LEU J 33 -27.07 -14.42 -23.12
C LEU J 33 -26.65 -15.50 -24.10
N ARG J 34 -27.52 -16.47 -24.36
CA ARG J 34 -27.20 -17.58 -25.25
C ARG J 34 -27.87 -17.53 -26.62
N GLY J 35 -29.03 -16.89 -26.72
CA GLY J 35 -29.73 -16.80 -27.99
C GLY J 35 -30.62 -15.60 -28.05
N MET J 36 -30.70 -14.95 -29.21
CA MET J 36 -31.53 -13.78 -29.37
C MET J 36 -31.83 -13.50 -30.83
N LYS J 37 -33.10 -13.28 -31.13
CA LYS J 37 -33.50 -12.98 -32.49
C LYS J 37 -34.81 -12.21 -32.50
N PHE J 38 -34.94 -11.30 -33.47
CA PHE J 38 -36.10 -10.44 -33.66
C PHE J 38 -36.97 -11.02 -34.76
N MET J 39 -38.18 -11.47 -34.39
CA MET J 39 -39.07 -12.12 -35.34
C MET J 39 -40.58 -11.80 -35.32
N ASN J 40 -41.19 -12.01 -36.48
CA ASN J 40 -42.62 -11.86 -36.69
C ASN J 40 -43.13 -13.28 -36.58
N VAL J 41 -43.92 -13.56 -35.56
CA VAL J 41 -44.47 -14.89 -35.35
C VAL J 41 -45.64 -15.18 -36.29
N GLU J 42 -45.81 -16.46 -36.62
CA GLU J 42 -46.89 -16.92 -37.50
C GLU J 42 -47.93 -17.68 -36.67
N ARG J 43 -49.15 -17.76 -37.17
CA ARG J 43 -50.22 -18.47 -36.44
C ARG J 43 -49.80 -19.90 -36.10
N SER J 44 -49.30 -20.63 -37.10
CA SER J 44 -48.87 -22.00 -36.88
C SER J 44 -47.90 -22.07 -35.70
N PHE J 45 -46.89 -21.21 -35.70
CA PHE J 45 -45.91 -21.19 -34.63
C PHE J 45 -46.54 -20.73 -33.32
N ALA J 46 -47.31 -19.65 -33.38
CA ALA J 46 -47.98 -19.13 -32.19
C ALA J 46 -48.83 -20.23 -31.55
N GLN J 47 -49.62 -20.91 -32.37
CA GLN J 47 -50.46 -21.97 -31.87
C GLN J 47 -49.65 -23.04 -31.14
N GLN J 48 -48.53 -23.47 -31.72
CA GLN J 48 -47.71 -24.49 -31.04
C GLN J 48 -47.22 -23.99 -29.67
N HIS J 49 -46.87 -22.71 -29.61
CA HIS J 49 -46.36 -22.09 -28.39
C HIS J 49 -47.42 -22.00 -27.30
N TYR J 50 -48.68 -21.95 -27.70
CA TYR J 50 -49.77 -21.88 -26.73
C TYR J 50 -50.58 -23.18 -26.76
N ALA J 51 -50.17 -24.11 -27.62
CA ALA J 51 -50.82 -25.39 -27.79
C ALA J 51 -51.34 -25.96 -26.48
N ASP J 52 -50.56 -25.79 -25.42
CA ASP J 52 -50.96 -26.31 -24.13
C ASP J 52 -52.29 -25.73 -23.62
N LEU J 53 -52.67 -24.55 -24.12
CA LEU J 53 -53.92 -23.89 -23.75
C LEU J 53 -54.86 -23.89 -24.95
N SER J 54 -54.77 -24.95 -25.75
CA SER J 54 -55.60 -25.06 -26.96
C SER J 54 -57.08 -25.19 -26.66
N ASP J 55 -57.43 -25.89 -25.58
CA ASP J 55 -58.84 -26.06 -25.24
C ASP J 55 -59.46 -24.86 -24.51
N LYS J 56 -58.62 -24.03 -23.88
CA LYS J 56 -59.13 -22.86 -23.16
C LYS J 56 -59.92 -21.95 -24.09
N PRO J 57 -60.79 -21.09 -23.52
CA PRO J 57 -61.62 -20.17 -24.31
C PRO J 57 -60.84 -19.00 -24.88
N PHE J 58 -59.83 -18.56 -24.13
CA PHE J 58 -58.99 -17.42 -24.52
C PHE J 58 -57.86 -17.73 -25.51
N PHE J 59 -57.72 -19.01 -25.89
CA PHE J 59 -56.67 -19.42 -26.81
C PHE J 59 -56.57 -18.50 -28.02
N PRO J 60 -57.62 -18.46 -28.87
CA PRO J 60 -57.65 -17.62 -30.08
C PRO J 60 -57.17 -16.21 -29.82
N GLY J 61 -57.43 -15.73 -28.60
CA GLY J 61 -56.99 -14.40 -28.23
C GLY J 61 -55.47 -14.37 -28.16
N LEU J 62 -54.89 -15.26 -27.36
CA LEU J 62 -53.44 -15.29 -27.23
C LEU J 62 -52.78 -15.30 -28.59
N VAL J 63 -53.24 -16.18 -29.48
CA VAL J 63 -52.67 -16.29 -30.81
C VAL J 63 -52.72 -15.00 -31.61
N GLU J 64 -53.89 -14.37 -31.60
CA GLU J 64 -54.11 -13.15 -32.35
C GLU J 64 -53.23 -11.99 -31.91
N TYR J 65 -52.96 -11.91 -30.61
CA TYR J 65 -52.14 -10.83 -30.09
C TYR J 65 -50.64 -10.99 -30.33
N ILE J 66 -50.09 -12.14 -29.94
CA ILE J 66 -48.66 -12.41 -30.09
C ILE J 66 -48.20 -12.31 -31.53
N ILE J 67 -49.16 -12.49 -32.44
CA ILE J 67 -48.89 -12.48 -33.87
C ILE J 67 -49.07 -11.12 -34.56
N SER J 68 -49.53 -10.11 -33.81
CA SER J 68 -49.78 -8.79 -34.36
C SER J 68 -48.59 -7.84 -34.41
N GLY J 69 -47.46 -8.29 -33.90
CA GLY J 69 -46.26 -7.47 -33.92
C GLY J 69 -45.06 -8.32 -33.60
N PRO J 70 -43.87 -7.96 -34.13
CA PRO J 70 -42.66 -8.73 -33.87
C PRO J 70 -42.34 -8.87 -32.40
N VAL J 71 -41.44 -9.80 -32.08
CA VAL J 71 -41.01 -10.02 -30.71
C VAL J 71 -39.51 -10.23 -30.66
N VAL J 72 -39.00 -10.44 -29.46
CA VAL J 72 -37.58 -10.68 -29.26
C VAL J 72 -37.48 -12.00 -28.50
N ALA J 73 -36.93 -13.00 -29.16
CA ALA J 73 -36.81 -14.30 -28.54
C ALA J 73 -35.42 -14.41 -27.91
N MET J 74 -35.41 -14.59 -26.59
CA MET J 74 -34.17 -14.70 -25.88
C MET J 74 -34.05 -15.94 -25.03
N VAL J 75 -32.81 -16.25 -24.69
CA VAL J 75 -32.50 -17.41 -23.88
C VAL J 75 -31.36 -16.97 -22.96
N TRP J 76 -31.60 -16.99 -21.66
CA TRP J 76 -30.58 -16.60 -20.70
C TRP J 76 -30.12 -17.77 -19.86
N GLU J 77 -28.83 -17.74 -19.51
CA GLU J 77 -28.20 -18.81 -18.74
C GLU J 77 -27.59 -18.36 -17.41
N GLY J 78 -27.86 -19.12 -16.35
CA GLY J 78 -27.31 -18.78 -15.06
C GLY J 78 -27.95 -19.50 -13.90
N LYS J 79 -27.30 -19.42 -12.74
CA LYS J 79 -27.82 -20.07 -11.55
C LYS J 79 -29.20 -19.52 -11.20
N ASP J 80 -30.19 -20.40 -11.14
CA ASP J 80 -31.56 -20.03 -10.80
C ASP J 80 -32.20 -19.00 -11.74
N VAL J 81 -31.73 -18.93 -12.99
CA VAL J 81 -32.30 -17.95 -13.93
C VAL J 81 -33.80 -18.06 -14.12
N VAL J 82 -34.32 -19.29 -14.20
CA VAL J 82 -35.76 -19.48 -14.38
C VAL J 82 -36.53 -18.85 -13.21
N ALA J 83 -36.19 -19.23 -11.98
CA ALA J 83 -36.88 -18.70 -10.82
C ALA J 83 -36.69 -17.19 -10.67
N THR J 84 -35.45 -16.72 -10.58
CA THR J 84 -35.25 -15.28 -10.42
C THR J 84 -35.69 -14.51 -11.65
N GLY J 85 -35.69 -15.17 -12.80
CA GLY J 85 -36.12 -14.52 -14.04
C GLY J 85 -37.59 -14.18 -13.89
N ARG J 86 -38.36 -15.09 -13.29
CA ARG J 86 -39.78 -14.89 -13.04
C ARG J 86 -39.87 -13.72 -12.08
N ARG J 87 -38.97 -13.75 -11.10
CA ARG J 87 -38.91 -12.75 -10.07
C ARG J 87 -38.65 -11.37 -10.64
N ILE J 88 -37.63 -11.27 -11.48
CA ILE J 88 -37.30 -9.99 -12.09
C ILE J 88 -38.52 -9.48 -12.85
N ILE J 89 -39.19 -10.40 -13.55
CA ILE J 89 -40.36 -10.05 -14.34
C ILE J 89 -41.53 -9.52 -13.52
N GLY J 90 -41.85 -10.21 -12.42
CA GLY J 90 -42.95 -9.77 -11.58
C GLY J 90 -44.26 -10.54 -11.83
N ALA J 91 -45.21 -10.40 -10.90
CA ALA J 91 -46.49 -11.09 -11.02
C ALA J 91 -47.25 -10.78 -12.31
N THR J 92 -47.86 -11.82 -12.88
CA THR J 92 -48.65 -11.74 -14.10
C THR J 92 -49.86 -10.84 -13.87
N ARG J 93 -49.57 -9.57 -13.59
CA ARG J 93 -50.56 -8.54 -13.29
C ARG J 93 -49.71 -7.41 -12.74
N PRO J 94 -49.51 -6.36 -13.53
CA PRO J 94 -48.71 -5.18 -13.17
C PRO J 94 -49.04 -4.51 -11.84
N TRP J 95 -50.28 -4.62 -11.36
CA TRP J 95 -50.70 -3.97 -10.12
C TRP J 95 -50.54 -4.81 -8.84
N GLU J 96 -49.94 -5.99 -8.95
CA GLU J 96 -49.70 -6.85 -7.80
C GLU J 96 -48.20 -7.14 -7.78
N ALA J 97 -47.51 -6.70 -8.83
CA ALA J 97 -46.08 -6.92 -8.97
C ALA J 97 -45.32 -6.05 -8.00
N ALA J 98 -44.32 -6.65 -7.35
CA ALA J 98 -43.49 -5.95 -6.38
C ALA J 98 -42.70 -4.83 -7.03
N PRO J 99 -42.57 -3.68 -6.34
CA PRO J 99 -41.82 -2.55 -6.88
C PRO J 99 -40.41 -3.01 -7.26
N GLY J 100 -39.89 -2.45 -8.35
CA GLY J 100 -38.56 -2.84 -8.80
C GLY J 100 -38.54 -3.99 -9.79
N THR J 101 -39.70 -4.51 -10.16
CA THR J 101 -39.74 -5.61 -11.14
C THR J 101 -40.10 -5.01 -12.50
N ILE J 102 -39.84 -5.77 -13.56
CA ILE J 102 -40.12 -5.29 -14.91
C ILE J 102 -41.58 -4.88 -15.09
N ARG J 103 -42.49 -5.74 -14.63
CA ARG J 103 -43.91 -5.47 -14.75
C ARG J 103 -44.40 -4.34 -13.85
N ALA J 104 -43.84 -4.27 -12.64
CA ALA J 104 -44.23 -3.22 -11.71
C ALA J 104 -43.78 -1.86 -12.21
N ASP J 105 -42.56 -1.81 -12.75
CA ASP J 105 -42.01 -0.55 -13.25
C ASP J 105 -42.42 -0.13 -14.67
N TYR J 106 -42.96 -1.04 -15.49
CA TYR J 106 -43.34 -0.65 -16.85
C TYR J 106 -44.74 -1.00 -17.39
N ALA J 107 -45.43 -1.98 -16.81
CA ALA J 107 -46.75 -2.37 -17.35
C ALA J 107 -47.98 -2.03 -16.49
N VAL J 108 -49.17 -2.04 -17.10
CA VAL J 108 -50.40 -1.75 -16.36
C VAL J 108 -51.46 -2.83 -16.51
N GLU J 109 -51.41 -3.59 -17.60
CA GLU J 109 -52.40 -4.64 -17.82
C GLU J 109 -51.78 -5.97 -18.24
N VAL J 110 -52.48 -7.04 -17.91
CA VAL J 110 -52.04 -8.40 -18.23
C VAL J 110 -51.96 -8.68 -19.73
N GLY J 111 -52.83 -8.05 -20.52
CA GLY J 111 -52.82 -8.27 -21.95
C GLY J 111 -51.69 -7.51 -22.64
N ARG J 112 -51.00 -6.71 -21.85
CA ARG J 112 -49.89 -5.92 -22.34
C ARG J 112 -48.85 -5.94 -21.22
N ASN J 113 -48.56 -7.15 -20.73
CA ASN J 113 -47.63 -7.28 -19.64
C ASN J 113 -46.16 -7.23 -20.05
N VAL J 114 -45.94 -6.72 -21.26
CA VAL J 114 -44.60 -6.48 -21.76
C VAL J 114 -43.60 -7.61 -21.92
N ILE J 115 -43.61 -8.59 -21.02
CA ILE J 115 -42.61 -9.64 -21.12
C ILE J 115 -43.05 -11.01 -20.63
N HIS J 116 -42.41 -12.05 -21.17
CA HIS J 116 -42.70 -13.45 -20.83
C HIS J 116 -41.45 -14.19 -20.36
N GLY J 117 -41.64 -15.08 -19.38
CA GLY J 117 -40.53 -15.86 -18.86
C GLY J 117 -40.95 -17.29 -18.57
N SER J 118 -40.04 -18.24 -18.76
CA SER J 118 -40.35 -19.65 -18.51
C SER J 118 -40.82 -19.78 -17.07
N ASP J 119 -41.90 -20.53 -16.84
CA ASP J 119 -42.41 -20.70 -15.48
C ASP J 119 -41.73 -21.82 -14.70
N SER J 120 -41.10 -22.75 -15.39
CA SER J 120 -40.42 -23.84 -14.71
C SER J 120 -39.14 -24.17 -15.45
N VAL J 121 -38.33 -25.03 -14.85
CA VAL J 121 -37.10 -25.42 -15.49
C VAL J 121 -37.43 -26.31 -16.69
N ASP J 122 -38.47 -27.13 -16.56
CA ASP J 122 -38.85 -28.01 -17.66
C ASP J 122 -39.56 -27.28 -18.81
N ASN J 123 -40.40 -26.30 -18.48
CA ASN J 123 -41.06 -25.53 -19.53
C ASN J 123 -39.97 -24.67 -20.15
N GLY J 124 -38.87 -24.48 -19.42
CA GLY J 124 -37.77 -23.71 -19.95
C GLY J 124 -37.25 -24.48 -21.15
N LYS J 125 -36.81 -25.70 -20.92
CA LYS J 125 -36.28 -26.54 -21.98
C LYS J 125 -37.28 -26.73 -23.12
N LYS J 126 -38.57 -26.78 -22.77
CA LYS J 126 -39.62 -26.98 -23.77
C LYS J 126 -39.73 -25.78 -24.69
N GLU J 127 -39.76 -24.59 -24.10
CA GLU J 127 -39.87 -23.38 -24.90
C GLU J 127 -38.61 -23.19 -25.73
N ILE J 128 -37.45 -23.39 -25.10
CA ILE J 128 -36.16 -23.23 -25.79
C ILE J 128 -36.07 -24.15 -27.00
N ALA J 129 -36.42 -25.42 -26.82
CA ALA J 129 -36.37 -26.38 -27.92
C ALA J 129 -37.34 -25.97 -29.03
N LEU J 130 -38.32 -25.15 -28.68
CA LEU J 130 -39.33 -24.72 -29.64
C LEU J 130 -38.93 -23.46 -30.43
N TRP J 131 -38.31 -22.51 -29.75
CA TRP J 131 -37.90 -21.30 -30.44
C TRP J 131 -36.47 -21.35 -30.96
N PHE J 132 -35.65 -22.20 -30.36
CA PHE J 132 -34.28 -22.30 -30.80
C PHE J 132 -33.84 -23.71 -31.17
N PRO J 133 -34.49 -24.29 -32.19
CA PRO J 133 -34.08 -25.64 -32.57
C PRO J 133 -32.70 -25.61 -33.18
N GLU J 134 -32.36 -24.48 -33.81
CA GLU J 134 -31.05 -24.35 -34.46
C GLU J 134 -29.89 -24.30 -33.49
N GLY J 135 -30.20 -24.27 -32.20
CA GLY J 135 -29.17 -24.23 -31.18
C GLY J 135 -28.97 -22.84 -30.62
N LEU J 136 -28.03 -22.72 -29.69
CA LEU J 136 -27.75 -21.44 -29.05
C LEU J 136 -26.30 -21.07 -29.33
N ALA J 137 -25.95 -19.82 -29.06
CA ALA J 137 -24.60 -19.34 -29.24
C ALA J 137 -23.79 -19.72 -28.01
N GLU J 138 -22.54 -20.11 -28.21
CA GLU J 138 -21.71 -20.51 -27.08
C GLU J 138 -20.53 -19.59 -26.88
N TRP J 139 -20.25 -19.31 -25.61
CA TRP J 139 -19.14 -18.46 -25.21
C TRP J 139 -18.90 -18.50 -23.70
N ARG J 140 -17.66 -18.20 -23.28
CA ARG J 140 -17.28 -18.18 -21.88
C ARG J 140 -16.98 -16.74 -21.51
N SER J 141 -17.71 -16.18 -20.55
CA SER J 141 -17.45 -14.81 -20.15
C SER J 141 -16.16 -14.73 -19.36
N ASN J 142 -15.35 -13.70 -19.63
CA ASN J 142 -14.10 -13.53 -18.92
C ASN J 142 -14.33 -13.08 -17.47
N LEU J 143 -15.57 -12.78 -17.11
CA LEU J 143 -15.89 -12.37 -15.74
C LEU J 143 -16.43 -13.54 -14.91
N HIS J 144 -16.55 -14.70 -15.54
CA HIS J 144 -17.09 -15.88 -14.86
C HIS J 144 -16.51 -16.13 -13.48
N PRO J 145 -15.17 -16.21 -13.38
CA PRO J 145 -14.58 -16.44 -12.06
C PRO J 145 -15.00 -15.40 -11.01
N TRP J 146 -15.51 -14.26 -11.45
CA TRP J 146 -15.94 -13.24 -10.49
C TRP J 146 -17.44 -13.25 -10.30
N ILE J 147 -18.12 -14.10 -11.04
CA ILE J 147 -19.57 -14.20 -10.93
C ILE J 147 -20.00 -15.48 -10.20
N TYR J 148 -19.22 -16.55 -10.38
CA TYR J 148 -19.55 -17.85 -9.78
C TYR J 148 -18.44 -18.52 -8.97
N GLU J 149 -18.73 -19.79 -8.63
CA GLU J 149 -17.84 -20.68 -7.90
C GLU J 149 -17.25 -19.97 -6.69
N ARG K 1 -35.25 9.04 -48.20
CA ARG K 1 -36.37 8.59 -47.31
C ARG K 1 -35.84 7.71 -46.16
N MET K 2 -36.62 6.68 -45.81
CA MET K 2 -36.29 5.74 -44.75
C MET K 2 -35.39 4.56 -45.14
N GLU K 3 -34.07 4.78 -45.11
CA GLU K 3 -33.07 3.77 -45.45
C GLU K 3 -32.86 2.76 -44.34
N GLN K 4 -31.84 1.92 -44.52
CA GLN K 4 -31.51 0.91 -43.53
C GLN K 4 -30.01 0.79 -43.40
N SER K 5 -29.54 0.59 -42.17
CA SER K 5 -28.11 0.45 -41.93
C SER K 5 -27.84 -0.82 -41.12
N PHE K 6 -26.72 -1.47 -41.42
CA PHE K 6 -26.33 -2.67 -40.70
C PHE K 6 -25.49 -2.28 -39.50
N ILE K 7 -25.95 -2.64 -38.30
CA ILE K 7 -25.21 -2.32 -37.09
C ILE K 7 -24.86 -3.63 -36.39
N MET K 8 -23.60 -3.78 -36.02
CA MET K 8 -23.16 -5.00 -35.35
C MET K 8 -22.38 -4.72 -34.09
N ILE K 9 -22.72 -5.47 -33.05
CA ILE K 9 -22.06 -5.35 -31.77
C ILE K 9 -20.95 -6.40 -31.78
N LYS K 10 -19.70 -5.92 -31.82
CA LYS K 10 -18.51 -6.76 -31.85
C LYS K 10 -18.32 -7.67 -30.62
N PRO K 11 -17.52 -8.73 -30.76
CA PRO K 11 -17.24 -9.67 -29.68
C PRO K 11 -16.99 -9.01 -28.34
N ASP K 12 -16.25 -7.90 -28.34
CA ASP K 12 -15.94 -7.19 -27.10
C ASP K 12 -17.13 -6.45 -26.50
N GLY K 13 -18.03 -5.98 -27.34
CA GLY K 13 -19.18 -5.29 -26.82
C GLY K 13 -20.01 -6.26 -26.00
N VAL K 14 -19.99 -7.54 -26.41
CA VAL K 14 -20.74 -8.58 -25.72
C VAL K 14 -20.11 -8.92 -24.37
N GLN K 15 -18.82 -9.25 -24.38
CA GLN K 15 -18.11 -9.63 -23.17
C GLN K 15 -18.23 -8.56 -22.08
N ARG K 16 -18.34 -7.31 -22.51
CA ARG K 16 -18.42 -6.17 -21.60
C ARG K 16 -19.81 -5.76 -21.14
N GLY K 17 -20.80 -6.57 -21.43
CA GLY K 17 -22.15 -6.25 -21.00
C GLY K 17 -22.69 -4.93 -21.51
N LEU K 18 -22.53 -4.67 -22.80
CA LEU K 18 -22.98 -3.42 -23.42
C LEU K 18 -24.11 -3.57 -24.41
N ILE K 19 -24.59 -4.79 -24.62
CA ILE K 19 -25.66 -5.03 -25.58
C ILE K 19 -26.87 -4.14 -25.36
N GLY K 20 -27.42 -4.21 -24.15
CA GLY K 20 -28.58 -3.40 -23.81
C GLY K 20 -28.33 -1.91 -23.96
N ASP K 21 -27.20 -1.44 -23.44
CA ASP K 21 -26.87 -0.02 -23.53
C ASP K 21 -26.71 0.47 -24.96
N ILE K 22 -26.42 -0.43 -25.89
CA ILE K 22 -26.25 -0.01 -27.26
C ILE K 22 -27.59 0.03 -27.96
N ILE K 23 -28.47 -0.92 -27.63
CA ILE K 23 -29.78 -0.95 -28.27
C ILE K 23 -30.62 0.24 -27.80
N SER K 24 -30.46 0.61 -26.53
CA SER K 24 -31.18 1.74 -25.96
C SER K 24 -30.90 3.03 -26.75
N ARG K 25 -29.63 3.29 -27.06
CA ARG K 25 -29.28 4.47 -27.82
C ARG K 25 -30.05 4.54 -29.12
N PHE K 26 -30.20 3.40 -29.80
CA PHE K 26 -30.91 3.38 -31.06
C PHE K 26 -32.43 3.40 -30.89
N GLU K 27 -32.94 2.76 -29.84
CA GLU K 27 -34.38 2.77 -29.63
C GLU K 27 -34.83 4.19 -29.33
N LYS K 28 -34.11 4.85 -28.42
CA LYS K 28 -34.45 6.22 -28.04
C LYS K 28 -34.21 7.22 -29.15
N LYS K 29 -33.28 6.94 -30.04
CA LYS K 29 -33.01 7.85 -31.15
C LYS K 29 -34.24 8.02 -32.02
N GLY K 30 -35.07 6.97 -32.07
CA GLY K 30 -36.28 7.01 -32.89
C GLY K 30 -36.19 6.04 -34.06
N PHE K 31 -35.07 5.35 -34.21
CA PHE K 31 -34.88 4.39 -35.29
C PHE K 31 -35.66 3.10 -35.03
N TYR K 32 -36.12 2.49 -36.11
CA TYR K 32 -36.89 1.26 -36.03
C TYR K 32 -35.98 0.04 -36.13
N LEU K 33 -36.26 -0.96 -35.32
CA LEU K 33 -35.45 -2.18 -35.34
C LEU K 33 -36.07 -3.10 -36.39
N ARG K 34 -35.26 -3.51 -37.36
CA ARG K 34 -35.75 -4.38 -38.43
C ARG K 34 -35.20 -5.81 -38.41
N GLY K 35 -34.05 -6.01 -37.77
CA GLY K 35 -33.46 -7.34 -37.70
C GLY K 35 -32.45 -7.45 -36.58
N MET K 36 -32.37 -8.62 -35.95
CA MET K 36 -31.43 -8.81 -34.86
C MET K 36 -31.20 -10.27 -34.52
N LYS K 37 -29.93 -10.65 -34.35
CA LYS K 37 -29.61 -12.02 -33.98
C LYS K 37 -28.26 -12.15 -33.29
N PHE K 38 -28.23 -13.04 -32.30
CA PHE K 38 -27.04 -13.32 -31.51
C PHE K 38 -26.42 -14.57 -32.13
N MET K 39 -25.18 -14.46 -32.60
CA MET K 39 -24.52 -15.58 -33.28
C MET K 39 -23.01 -15.62 -33.17
N ASN K 40 -22.46 -16.76 -33.58
CA ASN K 40 -21.02 -16.99 -33.63
C ASN K 40 -20.78 -16.91 -35.13
N VAL K 41 -19.80 -16.14 -35.57
CA VAL K 41 -19.57 -16.06 -37.01
C VAL K 41 -18.66 -17.22 -37.44
N GLU K 42 -18.81 -17.64 -38.70
CA GLU K 42 -18.02 -18.74 -39.28
C GLU K 42 -16.89 -18.18 -40.14
N ARG K 43 -15.72 -18.80 -40.09
CA ARG K 43 -14.56 -18.32 -40.84
C ARG K 43 -14.82 -17.85 -42.27
N SER K 44 -15.16 -18.78 -43.17
CA SER K 44 -15.42 -18.42 -44.57
C SER K 44 -16.44 -17.29 -44.73
N PHE K 45 -17.30 -17.14 -43.73
CA PHE K 45 -18.34 -16.11 -43.71
C PHE K 45 -17.70 -14.77 -43.35
N ALA K 46 -16.93 -14.80 -42.28
CA ALA K 46 -16.21 -13.63 -41.79
C ALA K 46 -15.37 -13.07 -42.93
N GLN K 47 -14.74 -13.98 -43.68
CA GLN K 47 -13.91 -13.59 -44.81
C GLN K 47 -14.70 -12.82 -45.85
N GLN K 48 -15.95 -13.23 -46.07
CA GLN K 48 -16.78 -12.54 -47.04
C GLN K 48 -17.20 -11.19 -46.54
N HIS K 49 -17.40 -11.06 -45.23
CA HIS K 49 -17.82 -9.78 -44.66
C HIS K 49 -16.72 -8.77 -44.84
N TYR K 50 -15.47 -9.23 -44.74
CA TYR K 50 -14.33 -8.34 -44.90
C TYR K 50 -13.76 -8.41 -46.32
N ALA K 51 -14.50 -9.03 -47.22
CA ALA K 51 -14.06 -9.18 -48.59
C ALA K 51 -13.24 -8.00 -49.13
N ASP K 52 -13.70 -6.78 -48.90
CA ASP K 52 -12.99 -5.60 -49.41
C ASP K 52 -11.61 -5.35 -48.81
N LEU K 53 -11.33 -5.93 -47.65
CA LEU K 53 -10.03 -5.71 -47.02
C LEU K 53 -9.10 -6.91 -47.20
N SER K 54 -9.58 -7.93 -47.90
CA SER K 54 -8.79 -9.15 -48.11
C SER K 54 -7.37 -9.02 -48.66
N ASP K 55 -7.11 -8.00 -49.47
CA ASP K 55 -5.75 -7.80 -49.99
C ASP K 55 -4.87 -7.14 -48.94
N LYS K 56 -5.49 -6.65 -47.87
CA LYS K 56 -4.75 -6.02 -46.78
C LYS K 56 -4.04 -7.03 -45.88
N PRO K 57 -2.96 -6.59 -45.21
CA PRO K 57 -2.14 -7.41 -44.29
C PRO K 57 -2.87 -7.79 -42.99
N PHE K 58 -3.70 -6.88 -42.49
CA PHE K 58 -4.41 -7.12 -41.26
C PHE K 58 -5.69 -7.96 -41.46
N PHE K 59 -5.89 -8.43 -42.68
CA PHE K 59 -7.07 -9.24 -43.01
C PHE K 59 -7.26 -10.46 -42.09
N PRO K 60 -6.21 -11.28 -41.88
CA PRO K 60 -6.37 -12.44 -41.00
C PRO K 60 -6.81 -12.02 -39.61
N GLY K 61 -6.11 -11.02 -39.06
CA GLY K 61 -6.45 -10.53 -37.74
C GLY K 61 -7.92 -10.21 -37.70
N LEU K 62 -8.40 -9.47 -38.69
CA LEU K 62 -9.80 -9.10 -38.74
C LEU K 62 -10.71 -10.31 -38.67
N VAL K 63 -10.35 -11.37 -39.41
CA VAL K 63 -11.17 -12.57 -39.46
C VAL K 63 -11.10 -13.36 -38.16
N GLU K 64 -9.91 -13.47 -37.59
CA GLU K 64 -9.76 -14.20 -36.33
C GLU K 64 -10.50 -13.53 -35.18
N TYR K 65 -10.74 -12.23 -35.27
CA TYR K 65 -11.39 -11.56 -34.17
C TYR K 65 -12.92 -11.69 -34.07
N ILE K 66 -13.66 -11.58 -35.17
CA ILE K 66 -15.13 -11.74 -35.08
C ILE K 66 -15.54 -13.22 -35.06
N ILE K 67 -14.56 -14.06 -35.29
CA ILE K 67 -14.75 -15.49 -35.33
C ILE K 67 -14.58 -16.01 -33.91
N SER K 68 -14.07 -15.16 -33.02
CA SER K 68 -13.78 -15.58 -31.64
C SER K 68 -14.72 -15.25 -30.48
N GLY K 69 -15.83 -14.60 -30.79
CA GLY K 69 -16.78 -14.27 -29.74
C GLY K 69 -18.11 -14.01 -30.38
N PRO K 70 -19.22 -14.37 -29.75
CA PRO K 70 -20.51 -14.11 -30.41
C PRO K 70 -20.69 -12.61 -30.67
N VAL K 71 -21.44 -12.28 -31.72
CA VAL K 71 -21.70 -10.89 -32.06
C VAL K 71 -23.22 -10.71 -32.10
N VAL K 72 -23.67 -9.48 -32.30
CA VAL K 72 -25.09 -9.21 -32.39
C VAL K 72 -25.30 -8.52 -33.71
N ALA K 73 -25.84 -9.24 -34.69
CA ALA K 73 -26.10 -8.68 -36.02
C ALA K 73 -27.44 -7.96 -36.00
N MET K 74 -27.45 -6.71 -36.46
CA MET K 74 -28.68 -5.94 -36.45
C MET K 74 -28.85 -5.05 -37.65
N VAL K 75 -30.11 -4.79 -37.98
CA VAL K 75 -30.43 -3.91 -39.07
C VAL K 75 -31.35 -2.86 -38.46
N TRP K 76 -30.96 -1.58 -38.55
CA TRP K 76 -31.81 -0.50 -38.05
C TRP K 76 -32.31 0.34 -39.23
N GLU K 77 -33.53 0.86 -39.10
CA GLU K 77 -34.16 1.64 -40.16
C GLU K 77 -34.63 3.03 -39.73
N GLY K 78 -34.36 4.02 -40.56
CA GLY K 78 -34.77 5.38 -40.25
C GLY K 78 -34.09 6.40 -41.14
N LYS K 79 -34.63 7.62 -41.17
CA LYS K 79 -34.05 8.68 -41.99
C LYS K 79 -32.62 8.95 -41.59
N ASP K 80 -31.71 8.82 -42.55
CA ASP K 80 -30.29 9.09 -42.31
C ASP K 80 -29.58 8.11 -41.38
N VAL K 81 -30.10 6.88 -41.26
CA VAL K 81 -29.47 5.87 -40.39
C VAL K 81 -27.98 5.71 -40.66
N VAL K 82 -27.64 5.31 -41.88
CA VAL K 82 -26.23 5.12 -42.21
C VAL K 82 -25.32 6.19 -41.65
N ALA K 83 -25.60 7.45 -41.98
CA ALA K 83 -24.73 8.52 -41.49
C ALA K 83 -24.90 8.80 -39.99
N THR K 84 -26.14 8.91 -39.52
CA THR K 84 -26.38 9.19 -38.10
C THR K 84 -25.75 8.06 -37.27
N GLY K 85 -25.95 6.84 -37.74
CA GLY K 85 -25.39 5.69 -37.05
C GLY K 85 -23.90 5.89 -36.90
N ARG K 86 -23.26 6.44 -37.94
CA ARG K 86 -21.84 6.72 -37.90
C ARG K 86 -21.55 7.74 -36.80
N ARG K 87 -22.33 8.82 -36.77
CA ARG K 87 -22.18 9.88 -35.76
C ARG K 87 -22.35 9.37 -34.33
N ILE K 88 -23.33 8.50 -34.13
CA ILE K 88 -23.62 7.93 -32.82
C ILE K 88 -22.49 7.04 -32.35
N ILE K 89 -21.95 6.24 -33.27
CA ILE K 89 -20.88 5.31 -32.98
C ILE K 89 -19.60 6.08 -32.69
N GLY K 90 -19.30 7.09 -33.50
CA GLY K 90 -18.10 7.87 -33.27
C GLY K 90 -16.90 7.48 -34.10
N ALA K 91 -15.82 8.24 -33.94
CA ALA K 91 -14.57 8.00 -34.67
C ALA K 91 -14.01 6.61 -34.43
N THR K 92 -13.31 6.10 -35.44
CA THR K 92 -12.70 4.79 -35.37
C THR K 92 -11.75 4.76 -34.16
N ARG K 93 -11.03 5.85 -33.96
CA ARG K 93 -10.11 5.93 -32.84
C ARG K 93 -10.81 6.57 -31.65
N PRO K 94 -11.14 5.77 -30.63
CA PRO K 94 -11.82 6.19 -29.40
C PRO K 94 -11.32 7.51 -28.80
N TRP K 95 -10.01 7.70 -28.78
CA TRP K 95 -9.46 8.94 -28.23
C TRP K 95 -9.66 10.11 -29.18
N GLU K 96 -10.46 9.90 -30.21
CA GLU K 96 -10.76 10.95 -31.18
C GLU K 96 -12.27 11.14 -31.27
N ALA K 97 -13.01 10.15 -30.76
CA ALA K 97 -14.47 10.21 -30.77
C ALA K 97 -14.95 11.33 -29.87
N ALA K 98 -16.06 11.93 -30.27
CA ALA K 98 -16.64 13.02 -29.51
C ALA K 98 -17.37 12.45 -28.31
N PRO K 99 -17.09 12.98 -27.11
CA PRO K 99 -17.77 12.49 -25.92
C PRO K 99 -19.26 12.52 -26.19
N GLY K 100 -19.97 11.49 -25.76
CA GLY K 100 -21.41 11.45 -26.01
C GLY K 100 -21.70 10.37 -27.04
N THR K 101 -20.64 9.88 -27.69
CA THR K 101 -20.78 8.83 -28.69
C THR K 101 -20.37 7.52 -28.03
N ILE K 102 -20.80 6.42 -28.63
CA ILE K 102 -20.52 5.09 -28.11
C ILE K 102 -19.04 4.79 -27.89
N ARG K 103 -18.21 5.06 -28.88
CA ARG K 103 -16.78 4.78 -28.76
C ARG K 103 -16.01 5.68 -27.79
N ALA K 104 -16.52 6.88 -27.54
CA ALA K 104 -15.85 7.80 -26.62
C ALA K 104 -16.30 7.60 -25.19
N ASP K 105 -17.33 6.76 -25.00
CA ASP K 105 -17.86 6.49 -23.67
C ASP K 105 -17.63 5.05 -23.24
N TYR K 106 -17.55 4.14 -24.22
CA TYR K 106 -17.39 2.72 -23.92
C TYR K 106 -16.13 2.04 -24.47
N ALA K 107 -15.29 2.75 -25.21
CA ALA K 107 -14.11 2.09 -25.75
C ALA K 107 -12.79 2.81 -25.49
N VAL K 108 -11.71 2.05 -25.53
CA VAL K 108 -10.38 2.60 -25.27
C VAL K 108 -9.44 2.42 -26.46
N GLU K 109 -9.51 1.28 -27.12
CA GLU K 109 -8.62 1.01 -28.25
C GLU K 109 -9.34 0.68 -29.56
N VAL K 110 -8.63 0.87 -30.68
CA VAL K 110 -9.17 0.62 -32.02
C VAL K 110 -9.62 -0.82 -32.29
N GLY K 111 -8.76 -1.79 -32.01
CA GLY K 111 -9.11 -3.18 -32.25
C GLY K 111 -10.27 -3.66 -31.41
N ARG K 112 -10.54 -2.96 -30.30
CA ARG K 112 -11.64 -3.34 -29.44
C ARG K 112 -12.56 -2.13 -29.31
N ASN K 113 -13.01 -1.62 -30.45
CA ASN K 113 -13.88 -0.45 -30.48
C ASN K 113 -15.38 -0.77 -30.47
N VAL K 114 -15.73 -1.87 -29.83
CA VAL K 114 -17.11 -2.30 -29.59
C VAL K 114 -18.20 -2.55 -30.63
N ILE K 115 -18.43 -1.60 -31.53
CA ILE K 115 -19.54 -1.73 -32.47
C ILE K 115 -19.14 -1.39 -33.89
N HIS K 116 -19.94 -1.84 -34.85
CA HIS K 116 -19.69 -1.56 -36.27
C HIS K 116 -20.94 -1.04 -36.96
N GLY K 117 -20.75 -0.11 -37.90
CA GLY K 117 -21.88 0.43 -38.62
C GLY K 117 -21.54 0.57 -40.09
N SER K 118 -22.52 0.36 -40.96
CA SER K 118 -22.28 0.48 -42.38
C SER K 118 -21.78 1.90 -42.61
N ASP K 119 -20.95 2.12 -43.61
CA ASP K 119 -20.45 3.48 -43.87
C ASP K 119 -21.18 4.19 -44.99
N SER K 120 -21.77 3.43 -45.90
CA SER K 120 -22.51 4.04 -46.99
C SER K 120 -23.81 3.25 -47.15
N VAL K 121 -24.76 3.81 -47.89
CA VAL K 121 -26.03 3.13 -48.10
C VAL K 121 -25.84 1.84 -48.88
N ASP K 122 -24.98 1.89 -49.90
CA ASP K 122 -24.74 0.71 -50.69
C ASP K 122 -24.11 -0.43 -49.91
N ASN K 123 -23.14 -0.11 -49.06
CA ASN K 123 -22.52 -1.15 -48.24
C ASN K 123 -23.57 -1.75 -47.32
N GLY K 124 -24.53 -0.93 -46.94
CA GLY K 124 -25.60 -1.41 -46.09
C GLY K 124 -26.34 -2.54 -46.80
N LYS K 125 -26.71 -2.33 -48.05
CA LYS K 125 -27.41 -3.35 -48.82
C LYS K 125 -26.57 -4.62 -48.82
N LYS K 126 -25.30 -4.50 -49.22
CA LYS K 126 -24.38 -5.63 -49.25
C LYS K 126 -24.43 -6.39 -47.92
N GLU K 127 -24.11 -5.67 -46.84
CA GLU K 127 -24.11 -6.24 -45.51
C GLU K 127 -25.43 -6.93 -45.18
N ILE K 128 -26.53 -6.24 -45.42
CA ILE K 128 -27.85 -6.78 -45.15
C ILE K 128 -28.09 -8.04 -45.97
N ALA K 129 -27.69 -8.01 -47.22
CA ALA K 129 -27.88 -9.18 -48.08
C ALA K 129 -26.92 -10.30 -47.72
N LEU K 130 -25.94 -10.01 -46.87
CA LEU K 130 -24.97 -11.02 -46.45
C LEU K 130 -25.39 -11.62 -45.10
N TRP K 131 -25.77 -10.74 -44.18
CA TRP K 131 -26.17 -11.16 -42.84
C TRP K 131 -27.63 -11.57 -42.69
N PHE K 132 -28.51 -11.07 -43.56
CA PHE K 132 -29.91 -11.46 -43.47
C PHE K 132 -30.52 -11.84 -44.82
N PRO K 133 -29.91 -12.82 -45.51
CA PRO K 133 -30.41 -13.25 -46.82
C PRO K 133 -31.85 -13.75 -46.75
N GLU K 134 -32.39 -13.82 -45.54
CA GLU K 134 -33.74 -14.31 -45.33
C GLU K 134 -34.74 -13.16 -45.19
N GLY K 135 -34.23 -11.94 -45.11
CA GLY K 135 -35.10 -10.79 -45.00
C GLY K 135 -35.19 -10.21 -43.60
N LEU K 136 -36.13 -9.29 -43.43
CA LEU K 136 -36.31 -8.63 -42.14
C LEU K 136 -37.74 -8.74 -41.62
N ALA K 137 -37.99 -8.12 -40.47
CA ALA K 137 -39.30 -8.14 -39.85
C ALA K 137 -40.00 -6.83 -40.15
N GLU K 138 -41.19 -6.92 -40.74
CA GLU K 138 -41.92 -5.71 -41.07
C GLU K 138 -42.81 -5.30 -39.91
N TRP K 139 -42.99 -3.99 -39.75
CA TRP K 139 -43.85 -3.45 -38.71
C TRP K 139 -43.82 -1.94 -38.69
N ARG K 140 -44.79 -1.35 -37.99
CA ARG K 140 -44.88 0.11 -37.87
C ARG K 140 -45.01 0.55 -36.41
N SER K 141 -44.18 1.51 -36.00
CA SER K 141 -44.26 2.02 -34.65
C SER K 141 -45.50 2.91 -34.55
N ASN K 142 -46.20 2.84 -33.42
CA ASN K 142 -47.38 3.66 -33.28
C ASN K 142 -47.02 5.10 -33.04
N LEU K 143 -45.73 5.35 -32.88
CA LEU K 143 -45.25 6.71 -32.66
C LEU K 143 -44.67 7.26 -33.95
N HIS K 144 -44.90 6.55 -35.05
CA HIS K 144 -44.39 6.98 -36.35
C HIS K 144 -44.83 8.40 -36.68
N PRO K 145 -46.12 8.69 -36.48
CA PRO K 145 -46.56 10.06 -36.78
C PRO K 145 -45.84 11.10 -35.91
N TRP K 146 -45.49 10.73 -34.68
CA TRP K 146 -44.80 11.67 -33.82
C TRP K 146 -43.26 11.72 -33.96
N ILE K 147 -42.72 10.94 -34.89
CA ILE K 147 -41.28 10.93 -35.11
C ILE K 147 -40.88 11.56 -36.46
N TYR K 148 -41.76 11.37 -37.46
CA TYR K 148 -41.54 11.91 -38.81
C TYR K 148 -42.71 12.81 -39.24
N GLU K 149 -42.69 13.18 -40.52
CA GLU K 149 -43.74 14.01 -41.13
C GLU K 149 -43.56 15.50 -40.89
N ARG L 1 1.80 3.33 -23.92
CA ARG L 1 1.55 2.31 -22.84
C ARG L 1 0.29 2.67 -22.07
N MET L 2 0.29 2.35 -20.77
CA MET L 2 -0.85 2.62 -19.90
C MET L 2 -0.54 3.67 -18.85
N GLU L 3 -0.78 4.92 -19.23
CA GLU L 3 -0.54 6.06 -18.39
C GLU L 3 -1.63 6.22 -17.34
N GLN L 4 -1.39 7.13 -16.41
CA GLN L 4 -2.33 7.37 -15.34
C GLN L 4 -2.58 8.86 -15.28
N SER L 5 -3.70 9.23 -14.67
CA SER L 5 -4.04 10.62 -14.52
C SER L 5 -4.66 10.82 -13.16
N PHE L 6 -4.41 11.98 -12.56
CA PHE L 6 -5.01 12.26 -11.27
C PHE L 6 -6.36 12.89 -11.57
N ILE L 7 -7.42 12.27 -11.08
CA ILE L 7 -8.77 12.77 -11.28
C ILE L 7 -9.33 13.06 -9.90
N MET L 8 -9.78 14.28 -9.69
CA MET L 8 -10.31 14.68 -8.39
C MET L 8 -11.71 15.27 -8.44
N ILE L 9 -12.59 14.72 -7.61
CA ILE L 9 -13.94 15.24 -7.53
C ILE L 9 -13.85 16.36 -6.48
N LYS L 10 -14.08 17.60 -6.93
CA LYS L 10 -14.00 18.78 -6.08
C LYS L 10 -15.04 18.83 -4.96
N PRO L 11 -14.85 19.73 -3.98
CA PRO L 11 -15.77 19.87 -2.85
C PRO L 11 -17.21 20.07 -3.31
N ASP L 12 -17.39 20.90 -4.33
CA ASP L 12 -18.74 21.14 -4.84
C ASP L 12 -19.27 19.88 -5.52
N GLY L 13 -18.36 18.98 -5.85
CA GLY L 13 -18.74 17.72 -6.47
C GLY L 13 -19.35 16.80 -5.42
N VAL L 14 -18.74 16.73 -4.25
CA VAL L 14 -19.28 15.86 -3.21
C VAL L 14 -20.62 16.32 -2.68
N GLN L 15 -20.73 17.61 -2.41
CA GLN L 15 -21.97 18.19 -1.89
C GLN L 15 -23.11 17.93 -2.83
N ARG L 16 -22.78 18.09 -4.11
CA ARG L 16 -23.69 17.95 -5.22
C ARG L 16 -24.22 16.54 -5.52
N GLY L 17 -23.64 15.51 -4.90
CA GLY L 17 -24.10 14.13 -5.13
C GLY L 17 -23.64 13.45 -6.43
N LEU L 18 -22.51 13.89 -6.98
CA LEU L 18 -21.97 13.37 -8.22
C LEU L 18 -20.89 12.30 -8.11
N ILE L 19 -20.54 11.90 -6.89
CA ILE L 19 -19.50 10.90 -6.74
C ILE L 19 -19.76 9.67 -7.61
N GLY L 20 -20.89 9.03 -7.37
CA GLY L 20 -21.26 7.84 -8.13
C GLY L 20 -21.24 7.97 -9.64
N ASP L 21 -21.86 9.03 -10.17
CA ASP L 21 -21.90 9.24 -11.61
C ASP L 21 -20.51 9.44 -12.17
N ILE L 22 -19.78 10.40 -11.63
CA ILE L 22 -18.43 10.67 -12.11
C ILE L 22 -17.68 9.37 -12.28
N ILE L 23 -17.70 8.54 -11.24
CA ILE L 23 -16.99 7.26 -11.26
C ILE L 23 -17.53 6.26 -12.26
N SER L 24 -18.85 6.11 -12.33
CA SER L 24 -19.45 5.15 -13.26
C SER L 24 -19.04 5.46 -14.70
N ARG L 25 -18.83 6.74 -15.01
CA ARG L 25 -18.43 7.12 -16.36
C ARG L 25 -17.10 6.47 -16.68
N PHE L 26 -16.09 6.79 -15.89
CA PHE L 26 -14.74 6.24 -16.08
C PHE L 26 -14.77 4.73 -15.95
N GLU L 27 -15.67 4.23 -15.11
CA GLU L 27 -15.75 2.80 -14.90
C GLU L 27 -16.17 2.04 -16.17
N LYS L 28 -17.16 2.53 -16.91
CA LYS L 28 -17.53 1.80 -18.11
C LYS L 28 -16.84 2.29 -19.35
N LYS L 29 -15.89 3.20 -19.19
CA LYS L 29 -15.12 3.71 -20.32
C LYS L 29 -14.09 2.64 -20.68
N GLY L 30 -13.67 1.88 -19.66
CA GLY L 30 -12.68 0.83 -19.84
C GLY L 30 -11.40 1.12 -19.07
N PHE L 31 -11.37 2.23 -18.35
CA PHE L 31 -10.18 2.59 -17.59
C PHE L 31 -10.17 1.84 -16.28
N TYR L 32 -8.97 1.65 -15.75
CA TYR L 32 -8.80 0.94 -14.49
C TYR L 32 -8.61 1.91 -13.30
N LEU L 33 -9.24 1.60 -12.17
CA LEU L 33 -9.15 2.42 -10.96
C LEU L 33 -7.89 1.99 -10.19
N ARG L 34 -6.94 2.89 -9.98
CA ARG L 34 -5.71 2.52 -9.26
C ARG L 34 -5.63 3.11 -7.85
N GLY L 35 -6.42 4.14 -7.57
CA GLY L 35 -6.38 4.76 -6.27
C GLY L 35 -7.54 5.69 -6.03
N MET L 36 -8.12 5.60 -4.83
CA MET L 36 -9.26 6.41 -4.47
C MET L 36 -9.37 6.56 -2.97
N LYS L 37 -9.53 7.79 -2.52
CA LYS L 37 -9.68 8.07 -1.10
C LYS L 37 -10.51 9.34 -0.89
N PHE L 38 -11.29 9.34 0.18
CA PHE L 38 -12.15 10.48 0.50
C PHE L 38 -11.55 11.21 1.70
N MET L 39 -11.18 12.46 1.54
CA MET L 39 -10.61 13.19 2.66
C MET L 39 -10.73 14.71 2.60
N ASN L 40 -10.45 15.35 3.73
CA ASN L 40 -10.48 16.80 3.82
C ASN L 40 -9.05 17.30 3.61
N VAL L 41 -8.88 18.24 2.71
CA VAL L 41 -7.56 18.79 2.45
C VAL L 41 -7.23 19.81 3.54
N GLU L 42 -6.05 19.70 4.12
CA GLU L 42 -5.63 20.67 5.13
C GLU L 42 -4.93 21.76 4.33
N ARG L 43 -4.95 23.00 4.86
CA ARG L 43 -4.36 24.16 4.18
C ARG L 43 -2.95 23.96 3.64
N SER L 44 -2.06 23.45 4.47
CA SER L 44 -0.69 23.23 4.06
C SER L 44 -0.65 22.40 2.78
N PHE L 45 -1.40 21.31 2.76
CA PHE L 45 -1.41 20.45 1.59
C PHE L 45 -2.01 21.19 0.41
N ALA L 46 -3.14 21.84 0.64
CA ALA L 46 -3.78 22.59 -0.42
C ALA L 46 -2.75 23.49 -1.09
N GLN L 47 -1.93 24.15 -0.28
CA GLN L 47 -0.91 25.07 -0.80
C GLN L 47 0.20 24.34 -1.57
N GLN L 48 0.49 23.10 -1.17
CA GLN L 48 1.53 22.36 -1.87
C GLN L 48 1.03 22.05 -3.27
N HIS L 49 -0.22 21.59 -3.37
CA HIS L 49 -0.83 21.23 -4.65
C HIS L 49 -0.91 22.35 -5.68
N TYR L 50 -1.26 23.56 -5.23
CA TYR L 50 -1.35 24.71 -6.13
C TYR L 50 -0.04 25.50 -6.08
N ALA L 51 1.03 24.82 -5.72
CA ALA L 51 2.35 25.43 -5.62
C ALA L 51 2.64 26.38 -6.78
N ASP L 52 2.52 25.87 -7.99
CA ASP L 52 2.80 26.63 -9.20
C ASP L 52 1.99 27.91 -9.39
N LEU L 53 0.95 28.11 -8.58
CA LEU L 53 0.17 29.32 -8.71
C LEU L 53 0.50 30.22 -7.53
N SER L 54 1.59 29.87 -6.84
CA SER L 54 2.07 30.60 -5.67
C SER L 54 2.15 32.10 -5.94
N ASP L 55 3.05 32.47 -6.84
CA ASP L 55 3.20 33.88 -7.20
C ASP L 55 2.17 34.06 -8.31
N LYS L 56 0.95 34.38 -7.90
CA LYS L 56 -0.17 34.56 -8.82
C LYS L 56 -1.31 35.08 -7.95
N PRO L 57 -1.95 36.17 -8.36
CA PRO L 57 -3.06 36.77 -7.61
C PRO L 57 -3.97 35.77 -6.89
N PHE L 58 -4.94 35.21 -7.62
CA PHE L 58 -5.93 34.28 -7.07
C PHE L 58 -5.54 33.13 -6.11
N PHE L 59 -4.27 32.76 -6.08
CA PHE L 59 -3.79 31.68 -5.19
C PHE L 59 -4.61 31.46 -3.91
N PRO L 60 -4.77 32.51 -3.08
CA PRO L 60 -5.54 32.38 -1.82
C PRO L 60 -6.93 31.79 -1.96
N GLY L 61 -7.63 32.15 -3.04
CA GLY L 61 -8.97 31.65 -3.25
C GLY L 61 -9.03 30.16 -3.52
N LEU L 62 -8.14 29.69 -4.40
CA LEU L 62 -8.08 28.28 -4.75
C LEU L 62 -7.86 27.45 -3.48
N VAL L 63 -6.87 27.87 -2.70
CA VAL L 63 -6.55 27.19 -1.46
C VAL L 63 -7.75 27.13 -0.55
N GLU L 64 -8.25 28.29 -0.18
CA GLU L 64 -9.39 28.40 0.72
C GLU L 64 -10.60 27.59 0.25
N TYR L 65 -10.80 27.51 -1.07
CA TYR L 65 -11.94 26.77 -1.59
C TYR L 65 -11.78 25.25 -1.50
N ILE L 66 -10.70 24.71 -2.06
CA ILE L 66 -10.48 23.25 -2.05
C ILE L 66 -10.34 22.72 -0.63
N ILE L 67 -10.17 23.64 0.32
CA ILE L 67 -10.01 23.31 1.72
C ILE L 67 -11.35 23.37 2.47
N SER L 68 -12.39 23.84 1.78
CA SER L 68 -13.74 23.99 2.39
C SER L 68 -14.64 22.77 2.45
N GLY L 69 -14.26 21.71 1.76
CA GLY L 69 -15.08 20.51 1.78
C GLY L 69 -14.25 19.31 1.39
N PRO L 70 -14.67 18.08 1.76
CA PRO L 70 -13.90 16.88 1.42
C PRO L 70 -13.93 16.63 -0.08
N VAL L 71 -12.91 15.93 -0.57
CA VAL L 71 -12.85 15.62 -1.99
C VAL L 71 -12.64 14.12 -2.17
N VAL L 72 -12.69 13.69 -3.42
CA VAL L 72 -12.48 12.30 -3.75
C VAL L 72 -11.26 12.32 -4.66
N ALA L 73 -10.15 11.82 -4.14
CA ALA L 73 -8.88 11.74 -4.87
C ALA L 73 -8.77 10.38 -5.57
N MET L 74 -8.54 10.42 -6.87
CA MET L 74 -8.44 9.19 -7.65
C MET L 74 -7.27 9.11 -8.60
N VAL L 75 -7.05 7.92 -9.11
CA VAL L 75 -6.01 7.65 -10.09
C VAL L 75 -6.58 6.62 -11.02
N TRP L 76 -6.68 6.99 -12.29
CA TRP L 76 -7.20 6.11 -13.30
C TRP L 76 -6.11 5.81 -14.32
N GLU L 77 -6.11 4.57 -14.81
CA GLU L 77 -5.13 4.09 -15.77
C GLU L 77 -5.75 3.63 -17.09
N GLY L 78 -4.97 3.72 -18.16
CA GLY L 78 -5.44 3.30 -19.46
C GLY L 78 -4.81 4.13 -20.56
N LYS L 79 -5.05 3.76 -21.82
CA LYS L 79 -4.49 4.52 -22.94
C LYS L 79 -5.14 5.89 -23.11
N ASP L 80 -4.29 6.92 -23.11
CA ASP L 80 -4.76 8.30 -23.26
C ASP L 80 -5.68 8.77 -22.15
N VAL L 81 -5.55 8.19 -20.95
CA VAL L 81 -6.40 8.60 -19.83
C VAL L 81 -6.29 10.11 -19.59
N VAL L 82 -5.06 10.63 -19.65
CA VAL L 82 -4.85 12.06 -19.45
C VAL L 82 -5.70 12.84 -20.47
N ALA L 83 -5.39 12.67 -21.75
CA ALA L 83 -6.12 13.37 -22.82
C ALA L 83 -7.62 13.12 -22.87
N THR L 84 -8.07 11.86 -22.96
CA THR L 84 -9.52 11.64 -23.05
C THR L 84 -10.13 12.07 -21.72
N GLY L 85 -9.29 12.06 -20.68
CA GLY L 85 -9.75 12.50 -19.37
C GLY L 85 -10.19 13.95 -19.47
N ARG L 86 -9.33 14.80 -20.06
CA ARG L 86 -9.66 16.21 -20.22
C ARG L 86 -10.87 16.37 -21.14
N ARG L 87 -11.03 15.45 -22.10
CA ARG L 87 -12.17 15.47 -23.03
C ARG L 87 -13.49 15.12 -22.34
N ILE L 88 -13.44 14.08 -21.50
CA ILE L 88 -14.63 13.62 -20.78
C ILE L 88 -15.02 14.65 -19.72
N ILE L 89 -14.02 15.26 -19.10
CA ILE L 89 -14.28 16.28 -18.11
C ILE L 89 -14.85 17.50 -18.83
N GLY L 90 -14.11 17.96 -19.85
CA GLY L 90 -14.56 19.10 -20.62
C GLY L 90 -13.83 20.41 -20.41
N ALA L 91 -14.29 21.44 -21.13
CA ALA L 91 -13.71 22.77 -21.06
C ALA L 91 -13.84 23.42 -19.68
N THR L 92 -12.89 24.30 -19.35
CA THR L 92 -12.89 24.97 -18.07
C THR L 92 -14.15 25.81 -17.88
N ARG L 93 -14.56 26.52 -18.93
CA ARG L 93 -15.78 27.32 -18.88
C ARG L 93 -16.91 26.37 -19.22
N PRO L 94 -17.74 25.99 -18.22
CA PRO L 94 -18.85 25.08 -18.48
C PRO L 94 -19.69 25.44 -19.69
N TRP L 95 -20.08 26.72 -19.79
CA TRP L 95 -20.87 27.20 -20.91
C TRP L 95 -20.07 27.14 -22.21
N GLU L 96 -18.88 26.59 -22.12
CA GLU L 96 -18.00 26.47 -23.28
C GLU L 96 -17.67 24.99 -23.52
N ALA L 97 -18.08 24.13 -22.59
CA ALA L 97 -17.81 22.69 -22.67
C ALA L 97 -18.68 21.97 -23.68
N ALA L 98 -18.07 21.02 -24.40
CA ALA L 98 -18.80 20.25 -25.42
C ALA L 98 -19.89 19.36 -24.84
N PRO L 99 -21.04 19.29 -25.53
CA PRO L 99 -22.14 18.45 -25.03
C PRO L 99 -21.58 17.07 -24.72
N GLY L 100 -22.16 16.40 -23.72
CA GLY L 100 -21.68 15.08 -23.37
C GLY L 100 -20.57 15.04 -22.33
N THR L 101 -19.88 16.16 -22.13
CA THR L 101 -18.79 16.23 -21.15
C THR L 101 -19.33 16.48 -19.74
N ILE L 102 -18.59 16.00 -18.74
CA ILE L 102 -18.99 16.19 -17.35
C ILE L 102 -19.38 17.64 -17.05
N ARG L 103 -18.45 18.57 -17.27
CA ARG L 103 -18.74 19.98 -17.02
C ARG L 103 -19.89 20.53 -17.81
N ALA L 104 -19.93 20.25 -19.10
CA ALA L 104 -21.01 20.72 -19.95
C ALA L 104 -22.35 20.11 -19.51
N ASP L 105 -22.26 19.03 -18.74
CA ASP L 105 -23.45 18.32 -18.27
C ASP L 105 -23.87 18.62 -16.83
N TYR L 106 -22.92 18.89 -15.94
CA TYR L 106 -23.25 19.16 -14.53
C TYR L 106 -22.75 20.47 -13.92
N ALA L 107 -22.04 21.29 -14.70
CA ALA L 107 -21.49 22.54 -14.15
C ALA L 107 -21.98 23.84 -14.78
N VAL L 108 -22.05 24.89 -13.96
CA VAL L 108 -22.48 26.20 -14.41
C VAL L 108 -21.31 27.18 -14.45
N GLU L 109 -20.71 27.43 -13.28
CA GLU L 109 -19.60 28.36 -13.15
C GLU L 109 -18.22 27.72 -12.98
N VAL L 110 -17.20 28.45 -13.42
CA VAL L 110 -15.80 28.02 -13.37
C VAL L 110 -15.26 27.72 -11.97
N GLY L 111 -15.72 28.47 -10.98
CA GLY L 111 -15.26 28.23 -9.62
C GLY L 111 -15.95 27.00 -9.05
N ARG L 112 -16.73 26.31 -9.89
CA ARG L 112 -17.46 25.11 -9.48
C ARG L 112 -17.57 24.16 -10.65
N ASN L 113 -16.45 23.81 -11.27
CA ASN L 113 -16.52 22.89 -12.40
C ASN L 113 -16.50 21.45 -11.94
N VAL L 114 -16.91 21.24 -10.70
CA VAL L 114 -17.04 19.90 -10.14
C VAL L 114 -15.85 18.95 -10.11
N ILE L 115 -15.04 18.93 -11.16
CA ILE L 115 -13.93 17.97 -11.24
C ILE L 115 -12.63 18.55 -11.78
N HIS L 116 -11.52 17.86 -11.50
CA HIS L 116 -10.20 18.28 -11.94
C HIS L 116 -9.43 17.10 -12.57
N GLY L 117 -8.73 17.35 -13.67
CA GLY L 117 -7.98 16.28 -14.30
C GLY L 117 -6.58 16.71 -14.74
N SER L 118 -5.58 15.90 -14.45
CA SER L 118 -4.21 16.22 -14.85
C SER L 118 -4.23 16.56 -16.33
N ASP L 119 -3.54 17.62 -16.73
CA ASP L 119 -3.57 18.03 -18.13
C ASP L 119 -2.40 17.56 -19.00
N SER L 120 -1.55 16.70 -18.46
CA SER L 120 -0.42 16.18 -19.22
C SER L 120 0.20 15.00 -18.49
N VAL L 121 0.83 14.11 -19.23
CA VAL L 121 1.43 12.94 -18.62
C VAL L 121 2.36 13.35 -17.50
N ASP L 122 3.25 14.29 -17.79
CA ASP L 122 4.21 14.75 -16.79
C ASP L 122 3.58 15.40 -15.57
N ASN L 123 2.46 16.08 -15.77
CA ASN L 123 1.81 16.71 -14.64
C ASN L 123 0.95 15.72 -13.89
N GLY L 124 0.69 14.57 -14.52
CA GLY L 124 -0.07 13.53 -13.86
C GLY L 124 0.84 12.84 -12.85
N LYS L 125 2.06 12.52 -13.29
CA LYS L 125 3.04 11.89 -12.43
C LYS L 125 3.25 12.73 -11.18
N LYS L 126 3.41 14.04 -11.36
CA LYS L 126 3.60 14.93 -10.22
C LYS L 126 2.44 14.81 -9.25
N GLU L 127 1.24 15.12 -9.72
CA GLU L 127 0.07 15.05 -8.86
C GLU L 127 -0.09 13.67 -8.23
N ILE L 128 0.18 12.62 -9.01
CA ILE L 128 0.06 11.26 -8.49
C ILE L 128 1.02 11.02 -7.32
N ALA L 129 2.21 11.58 -7.43
CA ALA L 129 3.21 11.42 -6.37
C ALA L 129 2.84 12.26 -5.16
N LEU L 130 2.10 13.34 -5.38
CA LEU L 130 1.69 14.24 -4.30
C LEU L 130 0.51 13.71 -3.49
N TRP L 131 -0.54 13.27 -4.16
CA TRP L 131 -1.73 12.78 -3.45
C TRP L 131 -1.64 11.33 -3.01
N PHE L 132 -0.88 10.51 -3.73
CA PHE L 132 -0.75 9.11 -3.33
C PHE L 132 0.68 8.66 -3.09
N PRO L 133 1.38 9.30 -2.12
CA PRO L 133 2.77 8.91 -1.84
C PRO L 133 2.87 7.49 -1.32
N GLU L 134 1.76 7.00 -0.75
CA GLU L 134 1.69 5.66 -0.20
C GLU L 134 1.55 4.54 -1.20
N GLY L 135 1.61 4.87 -2.49
CA GLY L 135 1.48 3.86 -3.52
C GLY L 135 0.04 3.68 -4.02
N LEU L 136 -0.11 2.82 -5.02
CA LEU L 136 -1.43 2.54 -5.60
C LEU L 136 -1.81 1.09 -5.42
N ALA L 137 -3.06 0.78 -5.74
CA ALA L 137 -3.53 -0.59 -5.65
C ALA L 137 -3.07 -1.28 -6.93
N GLU L 138 -3.22 -2.59 -6.99
CA GLU L 138 -2.77 -3.33 -8.15
C GLU L 138 -3.70 -4.49 -8.48
N TRP L 139 -3.98 -4.67 -9.77
CA TRP L 139 -4.86 -5.74 -10.24
C TRP L 139 -5.02 -5.68 -11.76
N ARG L 140 -5.30 -6.82 -12.38
CA ARG L 140 -5.51 -6.85 -13.82
C ARG L 140 -6.94 -7.32 -14.08
N SER L 141 -7.72 -6.46 -14.72
CA SER L 141 -9.11 -6.75 -15.01
C SER L 141 -9.26 -7.96 -15.94
N ASN L 142 -10.19 -8.86 -15.62
CA ASN L 142 -10.42 -10.03 -16.46
C ASN L 142 -10.99 -9.68 -17.83
N LEU L 143 -11.32 -8.41 -18.01
CA LEU L 143 -11.87 -7.93 -19.27
C LEU L 143 -10.77 -7.30 -20.13
N HIS L 144 -9.57 -7.23 -19.58
CA HIS L 144 -8.41 -6.64 -20.27
C HIS L 144 -8.27 -7.10 -21.72
N PRO L 145 -8.47 -8.39 -21.99
CA PRO L 145 -8.31 -8.82 -23.37
C PRO L 145 -9.43 -8.35 -24.30
N TRP L 146 -10.46 -7.71 -23.76
CA TRP L 146 -11.55 -7.23 -24.60
C TRP L 146 -11.58 -5.72 -24.68
N ILE L 147 -10.69 -5.07 -23.95
CA ILE L 147 -10.66 -3.63 -24.03
C ILE L 147 -9.36 -3.18 -24.65
N TYR L 148 -8.35 -4.05 -24.61
CA TYR L 148 -7.05 -3.74 -25.18
C TYR L 148 -6.56 -4.80 -26.15
N GLU L 149 -5.51 -4.43 -26.89
CA GLU L 149 -4.85 -5.30 -27.86
C GLU L 149 -5.81 -5.96 -28.82
#